data_3AEQ
#
_entry.id   3AEQ
#
_cell.length_a   81.632
_cell.length_b   81.278
_cell.length_c   177.103
_cell.angle_alpha   90.00
_cell.angle_beta   100.43
_cell.angle_gamma   90.00
#
_symmetry.space_group_name_H-M   'P 1 21 1'
#
loop_
_entity.id
_entity.type
_entity.pdbx_description
1 polymer 'Light-independent protochlorophyllide reductase subunit N'
2 polymer 'Light-independent protochlorophyllide reductase subunit B'
3 non-polymer 'IRON/SULFUR CLUSTER'
4 non-polymer Protochlorophyllide
5 water water
#
loop_
_entity_poly.entity_id
_entity_poly.type
_entity_poly.pdbx_seq_one_letter_code
_entity_poly.pdbx_strand_id
1 'polypeptide(L)'
;MASWSHAPKFEKGASLDSPTFGCTDSPVRRERGQKAVFCGLTSIVWLHRKMQDAFFLVVGSRTCAHLLQAAAGVMIFAEP
RFGTAVLEEQDLAGLADAHKELDREVAKLLERRPDIRQLFLVGSCPSEVLKLDLDRAAERLSGLHAPHVRVYSYTGSGLD
TTFTQGEDTCLAAMVPTLDTTEAAELIVVGALPDVVEDQCLSLLTQLGVGPVRMLPARRSDIEPAVGPNTRFILAQPFLG
ETTGALERRGAKRIAAPFPFGEEGTTLWLKAVADAYGVSAEKFEAVTAAPRARAKKAIAAHLETLTGKSLFMFPDSQLEI
PLARFLARECGMKTTEIATPFLHKAIMAPDLALLPSNTALTEGQDLEAQLDRHEAINPDLTVCGLGLANPLEAKGHATKW
AIELVFTPVHFYEQAGDLAGLFSRPLRRRALLNGGAA
;
A,C
2 'polypeptide(L)'
;MKLTLWTYEGPPHVGAMRVATAMKDLQLVLHGPQGDTYADLLFTMIERRNARPPVSFSTFEASHMGTDTAILLKDALAAA
HARYKPQAMAVALTCTAELLQDDPNGISRALNLPVPVVPLELPSYSRKENYGADETFRALVRALAVPMERTPEVTCNLLG
ATALGFRHRDDVAEVTKLLATMGIKVNVCAPLGASPDDLRKLGQAHFNVLMYPETGESAARHLERACKQPFTKIVPIGVG
ATRDFLAEVSKITGLPVVTDESTLRQPWWSASVDSTYLTGKRVFIFGDGTHVIAAARIAAKEVGFEVVGMGCYNREMARP
LRTAAAEYGLEALITDDYLEVEKAIEAAAPELILGTQMERNIAKKLGLPCAVISAPVHVQDFPARYAPQMGFEGANVLFD
TWVHPLVMGLEEHLLTMFREDFEFHDAAGASHHGGKAVAREESPVAPADLAPAATSDTPAAPSPVVVTQASGEIRWMPEA
ERELRKIPFFVRGKAKRNTELYAAHKGVCDITVETLYEAKAHYAR
;
B,D
#
loop_
_chem_comp.id
_chem_comp.type
_chem_comp.name
_chem_comp.formula
PMR non-polymer Protochlorophyllide 'C35 H32 Mg N4 O5 2'
SF4 non-polymer 'IRON/SULFUR CLUSTER' 'Fe4 S4'
#
# COMPACT_ATOMS: atom_id res chain seq x y z
N THR A 20 -40.46 -36.58 -10.65
CA THR A 20 -40.23 -37.72 -9.72
C THR A 20 -39.08 -37.46 -8.72
N PHE A 21 -39.39 -37.62 -7.43
CA PHE A 21 -38.41 -37.46 -6.34
C PHE A 21 -38.22 -38.77 -5.57
N GLY A 22 -37.04 -38.96 -4.98
CA GLY A 22 -36.73 -40.14 -4.17
C GLY A 22 -35.50 -40.88 -4.64
N CYS A 23 -34.36 -40.63 -3.99
CA CYS A 23 -33.12 -41.32 -4.31
C CYS A 23 -32.77 -42.40 -3.30
N THR A 24 -33.74 -42.78 -2.48
CA THR A 24 -33.55 -43.80 -1.42
C THR A 24 -33.19 -45.19 -1.97
N ASP A 25 -33.51 -45.40 -3.25
CA ASP A 25 -33.19 -46.65 -3.95
C ASP A 25 -31.94 -46.58 -4.82
N SER A 26 -31.62 -45.37 -5.28
CA SER A 26 -30.49 -45.18 -6.19
C SER A 26 -29.25 -45.85 -5.61
N PRO A 27 -28.56 -46.64 -6.46
CA PRO A 27 -27.28 -47.27 -6.14
C PRO A 27 -26.17 -46.25 -6.01
N VAL A 28 -25.52 -46.21 -4.84
CA VAL A 28 -24.44 -45.26 -4.61
C VAL A 28 -23.10 -45.87 -5.00
N ARG A 29 -22.32 -45.12 -5.77
CA ARG A 29 -21.00 -45.54 -6.18
C ARG A 29 -20.01 -45.49 -5.04
N ARG A 30 -19.47 -46.66 -4.69
CA ARG A 30 -18.41 -46.77 -3.71
C ARG A 30 -17.07 -46.73 -4.45
N GLU A 31 -16.18 -45.83 -4.06
CA GLU A 31 -15.01 -45.54 -4.87
C GLU A 31 -13.81 -45.08 -4.02
N ARG A 32 -12.61 -45.49 -4.43
CA ARG A 32 -11.36 -45.13 -3.73
C ARG A 32 -10.16 -44.98 -4.67
N GLY A 33 -9.16 -44.24 -4.22
CA GLY A 33 -7.98 -43.97 -5.04
C GLY A 33 -7.47 -42.59 -4.71
N GLN A 34 -6.78 -41.96 -5.66
CA GLN A 34 -6.23 -40.65 -5.39
C GLN A 34 -7.31 -39.72 -4.84
N LYS A 35 -7.04 -39.08 -3.71
CA LYS A 35 -8.06 -38.23 -3.08
C LYS A 35 -7.61 -36.80 -2.74
N ALA A 36 -8.35 -35.83 -3.30
CA ALA A 36 -8.18 -34.40 -2.98
C ALA A 36 -9.23 -33.91 -1.96
N VAL A 37 -8.94 -34.13 -0.68
CA VAL A 37 -9.78 -33.72 0.46
C VAL A 37 -8.92 -33.29 1.64
N PHE A 38 -9.49 -32.58 2.61
CA PHE A 38 -8.76 -32.20 3.83
C PHE A 38 -8.90 -33.24 4.91
N CYS A 39 -7.92 -33.30 5.82
CA CYS A 39 -8.03 -34.20 6.97
C CYS A 39 -8.88 -33.57 8.08
N GLY A 40 -9.20 -34.37 9.11
CA GLY A 40 -9.98 -33.89 10.24
C GLY A 40 -9.38 -32.69 10.95
N LEU A 41 -8.06 -32.69 11.11
CA LEU A 41 -7.30 -31.57 11.66
C LEU A 41 -7.89 -30.19 11.34
N THR A 42 -8.38 -29.99 10.13
CA THR A 42 -8.87 -28.66 9.72
C THR A 42 -10.15 -28.20 10.40
N SER A 43 -10.85 -29.13 11.07
CA SER A 43 -12.00 -28.78 11.90
C SER A 43 -11.64 -27.78 13.00
N ILE A 44 -10.39 -27.82 13.44
CA ILE A 44 -9.90 -26.96 14.49
C ILE A 44 -10.05 -25.48 14.15
N VAL A 45 -9.93 -25.18 12.87
CA VAL A 45 -9.99 -23.81 12.38
C VAL A 45 -11.34 -23.12 12.67
N TRP A 46 -12.44 -23.87 12.63
CA TRP A 46 -13.73 -23.26 12.96
C TRP A 46 -14.20 -23.69 14.34
N LEU A 47 -13.88 -24.93 14.70
CA LEU A 47 -14.29 -25.49 15.98
C LEU A 47 -13.83 -24.64 17.16
N HIS A 48 -12.56 -24.25 17.17
CA HIS A 48 -12.01 -23.49 18.28
C HIS A 48 -12.66 -22.09 18.47
N ARG A 49 -13.21 -21.51 17.40
CA ARG A 49 -13.92 -20.23 17.52
C ARG A 49 -15.12 -20.43 18.41
N LYS A 50 -15.82 -21.54 18.25
CA LYS A 50 -17.06 -21.74 18.99
C LYS A 50 -16.88 -22.21 20.45
N MET A 51 -15.99 -23.17 20.69
CA MET A 51 -15.66 -23.55 22.07
C MET A 51 -14.63 -22.56 22.60
N GLN A 52 -15.07 -21.68 23.48
CA GLN A 52 -14.33 -20.47 23.85
C GLN A 52 -13.21 -20.69 24.82
N ASP A 53 -13.30 -21.74 25.64
CA ASP A 53 -12.26 -22.03 26.62
C ASP A 53 -11.74 -23.45 26.45
N ALA A 54 -11.60 -23.83 25.19
CA ALA A 54 -10.94 -25.05 24.77
C ALA A 54 -9.64 -24.69 24.05
N PHE A 55 -8.74 -25.67 24.01
CA PHE A 55 -7.50 -25.57 23.26
C PHE A 55 -7.21 -26.85 22.47
N PHE A 56 -6.77 -26.69 21.23
CA PHE A 56 -6.52 -27.84 20.39
C PHE A 56 -5.05 -28.02 20.12
N LEU A 57 -4.47 -28.99 20.80
CA LEU A 57 -3.07 -29.32 20.63
C LEU A 57 -3.04 -30.53 19.71
N VAL A 58 -2.60 -30.29 18.48
CA VAL A 58 -2.44 -31.36 17.50
C VAL A 58 -1.04 -31.94 17.71
N VAL A 59 -0.95 -33.23 17.99
CA VAL A 59 0.35 -33.88 18.14
C VAL A 59 0.68 -34.53 16.81
N GLY A 60 1.43 -33.81 16.01
CA GLY A 60 1.79 -34.27 14.68
C GLY A 60 3.09 -33.66 14.21
N SER A 61 3.28 -33.65 12.90
CA SER A 61 4.54 -33.22 12.32
C SER A 61 4.47 -31.76 11.94
N ARG A 62 5.53 -31.27 11.29
CA ARG A 62 5.53 -29.92 10.75
C ARG A 62 4.49 -29.78 9.67
N THR A 63 4.25 -30.87 8.92
CA THR A 63 3.16 -30.85 7.95
C THR A 63 1.86 -30.42 8.63
N CYS A 64 1.51 -31.09 9.71
CA CYS A 64 0.32 -30.78 10.48
C CYS A 64 0.25 -29.31 10.87
N ALA A 65 1.35 -28.76 11.36
CA ALA A 65 1.40 -27.34 11.71
C ALA A 65 1.27 -26.43 10.47
N HIS A 66 1.89 -26.87 9.37
CA HIS A 66 1.87 -26.15 8.10
C HIS A 66 0.47 -26.08 7.55
N LEU A 67 -0.23 -27.21 7.55
CA LEU A 67 -1.63 -27.26 7.14
C LEU A 67 -2.46 -26.26 7.94
N LEU A 68 -2.49 -26.45 9.25
CA LEU A 68 -3.20 -25.54 10.12
C LEU A 68 -2.83 -24.08 9.87
N GLN A 69 -1.57 -23.79 9.62
CA GLN A 69 -1.16 -22.42 9.37
C GLN A 69 -1.85 -21.90 8.10
N ALA A 70 -1.80 -22.74 7.06
CA ALA A 70 -2.38 -22.42 5.76
C ALA A 70 -3.90 -22.32 5.85
N ALA A 71 -4.52 -23.27 6.55
CA ALA A 71 -5.96 -23.30 6.74
C ALA A 71 -6.44 -22.04 7.48
N ALA A 72 -5.86 -21.79 8.65
CA ALA A 72 -6.25 -20.65 9.46
C ALA A 72 -6.06 -19.34 8.70
N GLY A 73 -5.01 -19.29 7.87
CA GLY A 73 -4.67 -18.09 7.12
C GLY A 73 -4.36 -16.99 8.10
N VAL A 74 -5.18 -15.93 8.06
CA VAL A 74 -4.99 -14.73 8.90
C VAL A 74 -5.38 -14.88 10.37
N MET A 75 -6.10 -15.96 10.68
CA MET A 75 -6.46 -16.24 12.06
C MET A 75 -5.20 -16.52 12.88
N ILE A 76 -4.23 -17.19 12.27
CA ILE A 76 -2.93 -17.50 12.89
C ILE A 76 -2.31 -16.32 13.65
N PHE A 77 -2.50 -15.12 13.13
CA PHE A 77 -1.86 -13.96 13.73
C PHE A 77 -2.57 -13.49 15.01
N ALA A 78 -3.69 -14.15 15.35
CA ALA A 78 -4.51 -13.72 16.48
C ALA A 78 -4.48 -14.68 17.69
N GLU A 79 -3.28 -15.06 18.13
CA GLU A 79 -3.05 -15.97 19.28
C GLU A 79 -4.14 -17.03 19.42
N PRO A 80 -4.39 -17.83 18.36
CA PRO A 80 -5.57 -18.68 18.35
C PRO A 80 -5.46 -19.77 19.39
N ARG A 81 -6.59 -20.26 19.87
CA ARG A 81 -6.57 -21.28 20.90
C ARG A 81 -6.34 -22.69 20.34
N PHE A 82 -5.34 -22.82 19.48
CA PHE A 82 -4.84 -24.13 19.03
C PHE A 82 -3.33 -24.06 18.79
N GLY A 83 -2.70 -25.22 18.75
CA GLY A 83 -1.28 -25.30 18.43
C GLY A 83 -0.96 -26.72 18.02
N THR A 84 0.24 -26.90 17.47
CA THR A 84 0.74 -28.25 17.16
C THR A 84 1.95 -28.52 18.04
N ALA A 85 1.91 -29.63 18.78
CA ALA A 85 3.11 -30.18 19.44
C ALA A 85 3.83 -31.03 18.40
N VAL A 86 4.92 -30.50 17.84
CA VAL A 86 5.53 -31.15 16.70
C VAL A 86 6.75 -32.02 17.01
N LEU A 87 6.65 -33.26 16.50
CA LEU A 87 7.62 -34.33 16.65
C LEU A 87 9.00 -33.98 16.13
N GLU A 88 9.99 -33.95 17.03
CA GLU A 88 11.38 -33.80 16.63
C GLU A 88 11.98 -35.17 16.33
N GLU A 89 13.24 -35.18 15.90
CA GLU A 89 13.98 -36.40 15.62
C GLU A 89 14.03 -37.30 16.87
N GLN A 90 14.50 -36.73 17.97
CA GLN A 90 14.72 -37.49 19.20
C GLN A 90 13.45 -38.20 19.70
N ASP A 91 12.29 -37.80 19.18
CA ASP A 91 11.01 -38.32 19.63
C ASP A 91 10.65 -39.63 18.98
N LEU A 92 11.35 -39.95 17.88
CA LEU A 92 11.10 -41.18 17.13
C LEU A 92 11.91 -42.37 17.67
N ALA A 93 12.84 -42.08 18.58
CA ALA A 93 13.69 -43.10 19.20
C ALA A 93 12.86 -44.11 20.00
N GLY A 94 13.43 -45.30 20.19
CA GLY A 94 12.76 -46.39 20.88
C GLY A 94 12.97 -46.41 22.38
N LEU A 95 13.74 -45.45 22.88
CA LEU A 95 13.78 -45.19 24.30
C LEU A 95 12.95 -43.94 24.61
N ALA A 96 12.91 -43.02 23.65
CA ALA A 96 12.19 -41.74 23.74
C ALA A 96 10.86 -41.83 24.48
N ASP A 97 10.67 -40.95 25.46
CA ASP A 97 9.55 -41.04 26.37
C ASP A 97 8.34 -40.25 25.90
N ALA A 98 7.25 -40.96 25.64
CA ALA A 98 5.98 -40.35 25.21
C ALA A 98 5.32 -39.55 26.35
N HIS A 99 5.03 -40.25 27.45
CA HIS A 99 4.36 -39.69 28.61
C HIS A 99 5.11 -38.49 29.20
N LYS A 100 6.44 -38.64 29.37
CA LYS A 100 7.26 -37.57 29.94
C LYS A 100 7.33 -36.33 29.04
N GLU A 101 7.64 -36.55 27.76
CA GLU A 101 7.84 -35.46 26.81
C GLU A 101 6.60 -34.59 26.59
N LEU A 102 5.49 -35.24 26.28
CA LEU A 102 4.22 -34.56 26.00
C LEU A 102 3.74 -33.75 27.20
N ASP A 103 3.86 -34.33 28.39
CA ASP A 103 3.40 -33.69 29.61
C ASP A 103 4.16 -32.43 29.97
N ARG A 104 5.48 -32.46 29.84
CA ARG A 104 6.29 -31.27 30.01
C ARG A 104 5.84 -30.16 29.03
N GLU A 105 5.28 -30.58 27.89
CA GLU A 105 4.80 -29.62 26.90
C GLU A 105 3.41 -29.07 27.21
N VAL A 106 2.52 -29.87 27.80
CA VAL A 106 1.18 -29.38 28.14
C VAL A 106 1.18 -28.51 29.40
N ALA A 107 2.09 -28.79 30.32
CA ALA A 107 2.19 -28.01 31.55
C ALA A 107 2.81 -26.65 31.27
N LYS A 108 3.71 -26.62 30.28
CA LYS A 108 4.34 -25.40 29.79
C LYS A 108 3.28 -24.55 29.08
N LEU A 109 2.32 -25.22 28.47
CA LEU A 109 1.20 -24.54 27.83
C LEU A 109 0.21 -23.98 28.85
N LEU A 110 -0.30 -24.84 29.73
CA LEU A 110 -1.31 -24.40 30.71
C LEU A 110 -0.77 -23.34 31.70
N GLU A 111 0.54 -23.32 31.91
CA GLU A 111 1.18 -22.30 32.75
C GLU A 111 0.86 -20.88 32.27
N ARG A 112 1.06 -20.65 30.97
CA ARG A 112 0.80 -19.33 30.39
C ARG A 112 -0.66 -19.15 29.95
N ARG A 113 -1.39 -20.24 29.74
CA ARG A 113 -2.81 -20.13 29.40
C ARG A 113 -3.72 -20.63 30.55
N PRO A 114 -3.89 -19.82 31.61
CA PRO A 114 -4.71 -20.29 32.73
C PRO A 114 -6.20 -20.23 32.39
N ASP A 115 -6.52 -19.51 31.32
CA ASP A 115 -7.89 -19.30 30.85
C ASP A 115 -8.59 -20.58 30.36
N ILE A 116 -7.79 -21.49 29.81
CA ILE A 116 -8.27 -22.68 29.13
C ILE A 116 -8.73 -23.79 30.08
N ARG A 117 -9.94 -24.31 29.83
CA ARG A 117 -10.55 -25.33 30.71
C ARG A 117 -10.75 -26.70 30.06
N GLN A 118 -10.79 -26.74 28.72
CA GLN A 118 -10.83 -27.99 27.97
C GLN A 118 -9.60 -28.12 27.08
N LEU A 119 -8.90 -29.25 27.17
CA LEU A 119 -7.74 -29.47 26.32
C LEU A 119 -7.95 -30.67 25.41
N PHE A 120 -7.92 -30.44 24.09
CA PHE A 120 -8.01 -31.53 23.13
C PHE A 120 -6.64 -31.95 22.60
N LEU A 121 -6.30 -33.21 22.80
CA LEU A 121 -5.09 -33.79 22.24
C LEU A 121 -5.44 -34.44 20.92
N VAL A 122 -5.33 -33.69 19.83
CA VAL A 122 -5.74 -34.17 18.52
C VAL A 122 -4.75 -35.16 17.89
N GLY A 123 -5.23 -36.34 17.53
CA GLY A 123 -4.38 -37.34 16.91
C GLY A 123 -4.15 -37.05 15.43
N SER A 124 -2.91 -37.28 14.99
CA SER A 124 -2.52 -37.06 13.60
C SER A 124 -2.00 -38.34 13.00
N CYS A 125 -1.77 -38.32 11.68
CA CYS A 125 -1.10 -39.43 11.01
C CYS A 125 0.22 -39.83 11.74
N PRO A 126 1.21 -38.93 11.81
CA PRO A 126 2.47 -39.32 12.47
C PRO A 126 2.28 -39.96 13.85
N SER A 127 1.47 -39.34 14.71
CA SER A 127 1.23 -39.85 16.06
C SER A 127 0.41 -41.13 16.06
N GLU A 128 -0.14 -41.49 14.92
CA GLU A 128 -0.91 -42.72 14.80
C GLU A 128 -0.05 -43.88 14.33
N VAL A 129 0.92 -43.59 13.46
CA VAL A 129 1.79 -44.63 12.97
C VAL A 129 2.73 -45.11 14.07
N LEU A 130 3.23 -44.16 14.87
CA LEU A 130 4.01 -44.47 16.09
C LEU A 130 3.09 -44.96 17.19
N LYS A 131 1.80 -44.71 16.99
CA LYS A 131 0.74 -45.02 17.96
C LYS A 131 1.04 -44.61 19.38
N LEU A 132 1.13 -43.29 19.62
CA LEU A 132 1.15 -42.77 20.98
C LEU A 132 -0.25 -42.89 21.53
N ASP A 133 -0.38 -43.52 22.70
CA ASP A 133 -1.67 -43.70 23.36
C ASP A 133 -2.23 -42.37 23.88
N LEU A 134 -2.74 -41.57 22.93
CA LEU A 134 -3.26 -40.25 23.24
C LEU A 134 -4.50 -40.31 24.11
N ASP A 135 -5.32 -41.33 23.92
CA ASP A 135 -6.51 -41.54 24.74
C ASP A 135 -6.13 -41.76 26.20
N ARG A 136 -5.09 -42.56 26.43
CA ARG A 136 -4.61 -42.82 27.78
C ARG A 136 -3.83 -41.63 28.34
N ALA A 137 -3.19 -40.87 27.44
CA ALA A 137 -2.54 -39.61 27.81
C ALA A 137 -3.53 -38.55 28.31
N ALA A 138 -4.75 -38.58 27.77
CA ALA A 138 -5.82 -37.70 28.22
C ALA A 138 -6.18 -37.98 29.68
N GLU A 139 -6.24 -39.26 30.05
CA GLU A 139 -6.47 -39.69 31.44
C GLU A 139 -5.39 -39.16 32.39
N ARG A 140 -4.14 -39.57 32.16
CA ARG A 140 -3.02 -39.15 32.99
C ARG A 140 -3.11 -37.66 33.27
N LEU A 141 -3.19 -36.89 32.19
CA LEU A 141 -3.21 -35.44 32.25
C LEU A 141 -4.44 -34.84 32.93
N SER A 142 -5.60 -35.49 32.80
CA SER A 142 -6.80 -35.07 33.52
C SER A 142 -6.55 -35.18 35.00
N GLY A 143 -5.95 -36.31 35.40
CA GLY A 143 -5.55 -36.55 36.78
C GLY A 143 -4.67 -35.44 37.29
N LEU A 144 -3.53 -35.23 36.61
CA LEU A 144 -2.56 -34.24 37.04
C LEU A 144 -3.10 -32.80 37.06
N HIS A 145 -4.13 -32.54 36.27
CA HIS A 145 -4.61 -31.15 36.08
C HIS A 145 -6.04 -30.81 36.53
N ALA A 146 -6.74 -31.76 37.14
CA ALA A 146 -8.05 -31.46 37.71
C ALA A 146 -7.83 -30.69 39.01
N PRO A 147 -8.87 -29.99 39.53
CA PRO A 147 -10.18 -29.77 38.90
C PRO A 147 -10.11 -28.76 37.76
N HIS A 148 -9.35 -27.69 37.97
CA HIS A 148 -9.32 -26.53 37.08
C HIS A 148 -9.44 -26.78 35.57
N VAL A 149 -8.69 -27.75 35.05
CA VAL A 149 -8.70 -28.01 33.60
C VAL A 149 -8.83 -29.48 33.28
N ARG A 150 -9.67 -29.80 32.29
CA ARG A 150 -9.92 -31.18 31.88
C ARG A 150 -9.49 -31.43 30.43
N VAL A 151 -8.95 -32.62 30.16
CA VAL A 151 -8.37 -32.92 28.85
C VAL A 151 -8.96 -34.17 28.17
N TYR A 152 -9.10 -34.08 26.85
CA TYR A 152 -9.69 -35.10 26.02
C TYR A 152 -8.73 -35.54 24.93
N SER A 153 -9.10 -36.62 24.22
CA SER A 153 -8.37 -37.13 23.06
C SER A 153 -9.31 -37.57 21.94
N TYR A 154 -9.06 -37.08 20.73
CA TYR A 154 -9.73 -37.56 19.53
C TYR A 154 -8.75 -37.53 18.37
N THR A 155 -9.08 -38.22 17.28
CA THR A 155 -8.21 -38.21 16.11
C THR A 155 -8.75 -37.32 15.00
N GLY A 156 -7.83 -36.59 14.36
CA GLY A 156 -8.13 -35.79 13.18
C GLY A 156 -7.14 -36.10 12.06
N SER A 157 -6.66 -37.35 12.04
CA SER A 157 -5.61 -37.76 11.12
C SER A 157 -6.18 -37.96 9.73
N GLY A 158 -5.32 -37.91 8.73
CA GLY A 158 -5.71 -38.26 7.36
C GLY A 158 -6.10 -39.73 7.20
N LEU A 159 -5.48 -40.61 7.99
CA LEU A 159 -5.84 -42.02 8.01
C LEU A 159 -7.29 -42.27 8.48
N ASP A 160 -7.77 -41.43 9.40
CA ASP A 160 -9.09 -41.62 10.00
C ASP A 160 -10.16 -40.72 9.45
N THR A 161 -9.86 -39.44 9.25
CA THR A 161 -10.95 -38.48 8.99
C THR A 161 -10.82 -37.69 7.70
N THR A 162 -11.97 -37.19 7.22
CA THR A 162 -12.03 -36.29 6.08
C THR A 162 -12.71 -35.01 6.55
N PHE A 163 -11.95 -33.91 6.56
CA PHE A 163 -12.49 -32.56 6.77
C PHE A 163 -13.45 -32.48 7.96
N THR A 164 -14.75 -32.36 7.69
CA THR A 164 -15.69 -32.11 8.77
C THR A 164 -15.87 -33.30 9.75
N GLN A 165 -15.23 -34.43 9.46
CA GLN A 165 -15.31 -35.53 10.38
C GLN A 165 -14.54 -35.22 11.66
N GLY A 166 -13.72 -34.17 11.61
CA GLY A 166 -12.99 -33.72 12.78
C GLY A 166 -13.88 -33.08 13.84
N GLU A 167 -15.00 -32.48 13.42
CA GLU A 167 -15.99 -32.01 14.37
C GLU A 167 -16.65 -33.21 15.06
N ASP A 168 -16.92 -34.26 14.28
CA ASP A 168 -17.55 -35.50 14.74
C ASP A 168 -16.75 -36.19 15.85
N THR A 169 -15.52 -36.60 15.54
CA THR A 169 -14.58 -37.19 16.50
C THR A 169 -14.41 -36.35 17.75
N CYS A 170 -14.32 -35.03 17.56
CA CYS A 170 -14.20 -34.12 18.69
C CYS A 170 -15.42 -34.22 19.60
N LEU A 171 -16.62 -33.98 19.04
CA LEU A 171 -17.83 -33.94 19.85
C LEU A 171 -18.05 -35.27 20.52
N ALA A 172 -17.78 -36.33 19.77
CA ALA A 172 -17.97 -37.68 20.30
C ALA A 172 -17.06 -37.95 21.49
N ALA A 173 -15.87 -37.33 21.50
CA ALA A 173 -14.90 -37.61 22.54
C ALA A 173 -15.35 -37.01 23.87
N MET A 174 -16.22 -36.01 23.77
CA MET A 174 -16.82 -35.37 24.94
C MET A 174 -18.04 -36.11 25.49
N VAL A 175 -18.82 -36.71 24.61
CA VAL A 175 -20.09 -37.29 25.01
C VAL A 175 -20.02 -38.19 26.28
N PRO A 176 -19.06 -39.15 26.32
CA PRO A 176 -19.04 -40.05 27.50
C PRO A 176 -18.77 -39.30 28.80
N THR A 177 -17.98 -38.24 28.70
CA THR A 177 -17.62 -37.36 29.83
C THR A 177 -18.82 -36.59 30.39
N LEU A 178 -19.79 -36.28 29.53
CA LEU A 178 -20.89 -35.37 29.87
C LEU A 178 -21.71 -35.81 31.07
N ASP A 179 -22.04 -34.84 31.93
CA ASP A 179 -22.91 -35.04 33.08
C ASP A 179 -24.13 -35.89 32.81
N THR A 180 -24.56 -36.61 33.84
CA THR A 180 -25.72 -37.48 33.74
C THR A 180 -26.99 -36.76 34.25
N THR A 181 -28.09 -36.89 33.50
CA THR A 181 -29.38 -36.30 33.91
C THR A 181 -30.59 -37.16 33.55
N GLU A 182 -31.71 -36.95 34.22
CA GLU A 182 -32.95 -37.67 33.92
C GLU A 182 -34.01 -36.77 33.28
N ALA A 183 -33.62 -35.53 32.97
CA ALA A 183 -34.50 -34.59 32.29
C ALA A 183 -34.81 -35.02 30.85
N ALA A 184 -35.83 -34.39 30.25
CA ALA A 184 -36.20 -34.69 28.86
C ALA A 184 -35.82 -33.56 27.88
N GLU A 185 -34.60 -33.05 28.02
CA GLU A 185 -34.13 -31.86 27.31
C GLU A 185 -33.69 -32.16 25.89
N LEU A 186 -33.85 -31.16 25.02
CA LEU A 186 -33.42 -31.25 23.61
C LEU A 186 -31.98 -30.81 23.45
N ILE A 187 -31.20 -31.62 22.74
CA ILE A 187 -29.84 -31.24 22.39
C ILE A 187 -29.77 -30.99 20.89
N VAL A 188 -29.49 -29.76 20.49
CA VAL A 188 -29.21 -29.48 19.09
C VAL A 188 -27.72 -29.70 18.91
N VAL A 189 -27.36 -30.62 18.01
CA VAL A 189 -25.98 -31.02 17.82
C VAL A 189 -25.38 -30.42 16.55
N GLY A 190 -24.27 -29.71 16.72
CA GLY A 190 -23.56 -29.08 15.62
C GLY A 190 -22.91 -27.79 16.07
N ALA A 191 -21.67 -27.58 15.66
CA ALA A 191 -21.03 -26.28 15.88
C ALA A 191 -21.66 -25.33 14.88
N LEU A 192 -22.55 -24.48 15.37
CA LEU A 192 -23.26 -23.56 14.50
C LEU A 192 -22.88 -22.13 14.80
N PRO A 193 -22.56 -21.34 13.77
CA PRO A 193 -22.29 -19.91 13.95
C PRO A 193 -23.32 -19.22 14.91
N ASP A 194 -22.79 -18.49 15.89
CA ASP A 194 -23.58 -17.92 17.00
C ASP A 194 -24.90 -17.23 16.62
N VAL A 195 -24.89 -16.51 15.50
CA VAL A 195 -26.09 -15.82 15.03
C VAL A 195 -27.19 -16.82 14.69
N VAL A 196 -26.84 -17.82 13.88
CA VAL A 196 -27.75 -18.93 13.48
C VAL A 196 -28.25 -19.71 14.70
N GLU A 197 -27.36 -19.98 15.65
CA GLU A 197 -27.71 -20.68 16.85
C GLU A 197 -28.78 -19.95 17.67
N ASP A 198 -28.65 -18.63 17.82
CA ASP A 198 -29.67 -17.84 18.52
C ASP A 198 -31.04 -17.94 17.86
N GLN A 199 -31.04 -17.88 16.53
CA GLN A 199 -32.24 -17.97 15.73
C GLN A 199 -32.96 -19.28 16.02
N CYS A 200 -32.23 -20.38 15.87
CA CYS A 200 -32.74 -21.70 16.17
C CYS A 200 -33.34 -21.75 17.60
N LEU A 201 -32.58 -21.23 18.55
CA LEU A 201 -32.92 -21.27 19.96
C LEU A 201 -34.21 -20.53 20.22
N SER A 202 -34.42 -19.46 19.45
CA SER A 202 -35.61 -18.64 19.54
C SER A 202 -36.86 -19.33 18.97
N LEU A 203 -36.75 -19.85 17.75
CA LEU A 203 -37.83 -20.59 17.09
C LEU A 203 -38.33 -21.78 17.90
N LEU A 204 -37.41 -22.46 18.59
CA LEU A 204 -37.81 -23.56 19.47
C LEU A 204 -38.43 -23.06 20.80
N THR A 205 -37.95 -21.93 21.31
CA THR A 205 -38.62 -21.30 22.44
C THR A 205 -40.03 -20.87 22.04
N GLN A 206 -40.15 -20.31 20.83
CA GLN A 206 -41.43 -19.82 20.34
C GLN A 206 -42.39 -20.99 20.17
N LEU A 207 -41.85 -22.14 19.80
CA LEU A 207 -42.64 -23.34 19.59
C LEU A 207 -43.02 -24.07 20.90
N GLY A 208 -42.41 -23.67 22.01
CA GLY A 208 -42.79 -24.19 23.34
C GLY A 208 -42.00 -25.41 23.77
N VAL A 209 -41.08 -25.83 22.94
CA VAL A 209 -40.15 -26.91 23.27
C VAL A 209 -38.97 -26.32 24.03
N GLY A 210 -38.53 -27.04 25.07
CA GLY A 210 -37.40 -26.58 25.87
C GLY A 210 -37.38 -27.06 27.31
N PRO A 211 -36.41 -26.56 28.10
CA PRO A 211 -35.26 -25.86 27.52
C PRO A 211 -34.42 -26.77 26.60
N VAL A 212 -33.57 -26.13 25.79
CA VAL A 212 -32.73 -26.81 24.79
C VAL A 212 -31.29 -26.34 24.93
N ARG A 213 -30.33 -27.13 24.46
CA ARG A 213 -28.93 -26.76 24.58
C ARG A 213 -28.08 -27.29 23.45
N MET A 214 -26.99 -26.60 23.16
CA MET A 214 -26.15 -26.97 22.03
C MET A 214 -24.98 -27.82 22.44
N LEU A 215 -24.63 -28.77 21.60
CA LEU A 215 -23.35 -29.47 21.69
C LEU A 215 -22.58 -29.23 20.39
N PRO A 216 -21.49 -28.43 20.44
CA PRO A 216 -20.80 -27.90 21.62
C PRO A 216 -21.40 -26.59 22.14
N ALA A 217 -21.36 -26.44 23.47
CA ALA A 217 -21.81 -25.20 24.11
C ALA A 217 -20.71 -24.17 23.96
N ARG A 218 -21.06 -22.89 24.08
CA ARG A 218 -20.08 -21.82 23.93
C ARG A 218 -18.94 -21.84 24.96
N ARG A 219 -19.18 -22.47 26.11
CA ARG A 219 -18.18 -22.61 27.18
C ARG A 219 -18.25 -23.98 27.85
N SER A 220 -17.22 -24.33 28.61
CA SER A 220 -17.09 -25.68 29.16
C SER A 220 -18.13 -26.04 30.20
N ASP A 221 -18.54 -25.06 31.01
CA ASP A 221 -19.36 -25.33 32.18
C ASP A 221 -20.85 -25.19 31.88
N ILE A 222 -21.19 -25.00 30.60
CA ILE A 222 -22.59 -25.00 30.21
C ILE A 222 -22.84 -26.01 29.12
N GLU A 223 -22.06 -27.11 29.13
CA GLU A 223 -22.34 -28.25 28.27
C GLU A 223 -23.68 -28.89 28.69
N PRO A 224 -24.40 -29.53 27.75
CA PRO A 224 -25.64 -30.21 28.14
C PRO A 224 -25.38 -31.52 28.87
N ALA A 225 -26.32 -31.92 29.71
CA ALA A 225 -26.27 -33.23 30.34
C ALA A 225 -26.98 -34.26 29.46
N VAL A 226 -26.73 -35.56 29.69
CA VAL A 226 -27.32 -36.66 28.90
C VAL A 226 -27.93 -37.77 29.77
N GLY A 227 -29.02 -38.34 29.29
CA GLY A 227 -29.73 -39.39 30.01
C GLY A 227 -30.66 -40.15 29.09
N PRO A 228 -31.43 -41.11 29.64
CA PRO A 228 -32.30 -41.99 28.86
C PRO A 228 -33.52 -41.29 28.23
N ASN A 229 -33.80 -40.06 28.65
CA ASN A 229 -34.91 -39.29 28.15
C ASN A 229 -34.51 -38.13 27.23
N THR A 230 -33.21 -37.91 27.11
CA THR A 230 -32.70 -36.86 26.24
C THR A 230 -32.99 -37.16 24.78
N ARG A 231 -33.57 -36.17 24.10
CA ARG A 231 -33.74 -36.23 22.66
C ARG A 231 -32.77 -35.24 22.02
N PHE A 232 -32.05 -35.67 20.99
CA PHE A 232 -31.12 -34.80 20.26
C PHE A 232 -31.42 -34.77 18.78
N ILE A 233 -31.20 -33.63 18.14
CA ILE A 233 -31.42 -33.47 16.70
C ILE A 233 -30.17 -32.93 16.02
N LEU A 234 -29.89 -33.44 14.83
CA LEU A 234 -28.65 -33.11 14.10
C LEU A 234 -28.80 -31.90 13.19
N ALA A 235 -27.92 -30.92 13.38
CA ALA A 235 -27.98 -29.67 12.63
C ALA A 235 -27.00 -29.73 11.47
N GLN A 236 -26.00 -30.62 11.63
CA GLN A 236 -24.97 -30.85 10.63
C GLN A 236 -24.98 -32.35 10.28
N PRO A 237 -24.82 -32.70 8.98
CA PRO A 237 -25.00 -34.08 8.50
C PRO A 237 -23.84 -35.03 8.74
N PHE A 238 -22.76 -34.55 9.32
CA PHE A 238 -21.56 -35.36 9.45
C PHE A 238 -21.32 -35.77 10.89
N LEU A 239 -22.39 -36.06 11.62
CA LEU A 239 -22.24 -36.36 13.03
C LEU A 239 -22.54 -37.85 13.31
N GLY A 240 -21.75 -38.73 12.68
CA GLY A 240 -21.89 -40.17 12.83
C GLY A 240 -21.50 -40.70 14.20
N GLU A 241 -20.25 -40.42 14.61
CA GLU A 241 -19.75 -40.89 15.91
C GLU A 241 -20.46 -40.24 17.08
N THR A 242 -20.85 -38.98 16.90
CA THR A 242 -21.50 -38.27 17.99
C THR A 242 -22.87 -38.87 18.19
N THR A 243 -23.56 -39.19 17.10
CA THR A 243 -24.80 -39.96 17.23
C THR A 243 -24.55 -41.26 18.02
N GLY A 244 -23.49 -42.01 17.67
CA GLY A 244 -23.11 -43.25 18.37
C GLY A 244 -22.97 -43.11 19.88
N ALA A 245 -22.09 -42.20 20.32
CA ALA A 245 -21.81 -41.97 21.73
C ALA A 245 -23.02 -41.44 22.49
N LEU A 246 -23.81 -40.60 21.83
CA LEU A 246 -25.06 -40.11 22.41
C LEU A 246 -26.10 -41.20 22.53
N GLU A 247 -26.27 -42.01 21.47
CA GLU A 247 -27.17 -43.15 21.55
C GLU A 247 -26.68 -44.16 22.59
N ARG A 248 -25.36 -44.28 22.72
CA ARG A 248 -24.75 -45.12 23.76
C ARG A 248 -25.15 -44.69 25.19
N ARG A 249 -25.46 -43.42 25.40
CA ARG A 249 -25.88 -42.91 26.73
C ARG A 249 -27.40 -43.00 26.98
N GLY A 250 -28.16 -43.41 25.95
CA GLY A 250 -29.61 -43.59 26.08
C GLY A 250 -30.46 -42.48 25.49
N ALA A 251 -29.82 -41.53 24.83
CA ALA A 251 -30.53 -40.43 24.19
C ALA A 251 -31.05 -40.91 22.84
N LYS A 252 -32.21 -40.41 22.44
CA LYS A 252 -32.82 -40.82 21.18
C LYS A 252 -32.80 -39.68 20.18
N ARG A 253 -32.40 -39.99 18.94
CA ARG A 253 -32.31 -38.99 17.88
C ARG A 253 -33.66 -38.57 17.32
N ILE A 254 -33.72 -37.43 16.64
CA ILE A 254 -34.90 -37.05 15.87
C ILE A 254 -34.55 -37.02 14.37
N ALA A 255 -35.28 -37.81 13.58
CA ALA A 255 -35.06 -37.91 12.14
C ALA A 255 -35.53 -36.65 11.42
N ALA A 256 -34.57 -35.95 10.81
CA ALA A 256 -34.87 -34.73 10.06
C ALA A 256 -34.00 -34.58 8.82
N PRO A 257 -34.54 -33.92 7.76
CA PRO A 257 -33.64 -33.42 6.72
C PRO A 257 -33.01 -32.19 7.31
N PHE A 258 -31.90 -31.72 6.75
CA PHE A 258 -31.15 -30.65 7.42
C PHE A 258 -31.69 -29.25 7.14
N PRO A 259 -31.52 -28.33 8.08
CA PRO A 259 -32.27 -27.09 7.97
C PRO A 259 -31.57 -26.08 7.06
N PHE A 260 -31.39 -26.48 5.81
CA PHE A 260 -30.98 -25.60 4.73
C PHE A 260 -32.18 -25.31 3.86
N GLY A 261 -32.45 -24.02 3.66
CA GLY A 261 -33.56 -23.58 2.83
C GLY A 261 -34.80 -23.42 3.65
N GLU A 262 -35.79 -22.75 3.05
CA GLU A 262 -37.08 -22.60 3.68
C GLU A 262 -37.75 -23.97 3.90
N GLU A 263 -37.77 -24.80 2.86
CA GLU A 263 -38.35 -26.14 2.98
C GLU A 263 -37.61 -27.00 4.01
N GLY A 264 -36.29 -27.05 3.90
CA GLY A 264 -35.46 -27.88 4.79
C GLY A 264 -35.61 -27.51 6.26
N THR A 265 -35.61 -26.21 6.53
CA THR A 265 -35.74 -25.67 7.88
C THR A 265 -37.14 -25.93 8.46
N THR A 266 -38.17 -25.76 7.66
CA THR A 266 -39.54 -26.13 8.05
C THR A 266 -39.63 -27.61 8.44
N LEU A 267 -39.15 -28.50 7.56
CA LEU A 267 -39.16 -29.93 7.87
C LEU A 267 -38.42 -30.22 9.18
N TRP A 268 -37.26 -29.58 9.35
CA TRP A 268 -36.41 -29.78 10.52
C TRP A 268 -37.17 -29.41 11.79
N LEU A 269 -37.80 -28.24 11.76
CA LEU A 269 -38.57 -27.75 12.89
C LEU A 269 -39.76 -28.67 13.15
N LYS A 270 -40.45 -29.05 12.07
CA LYS A 270 -41.62 -29.95 12.15
C LYS A 270 -41.29 -31.26 12.83
N ALA A 271 -40.13 -31.84 12.53
CA ALA A 271 -39.67 -33.07 13.20
C ALA A 271 -39.70 -32.91 14.72
N VAL A 272 -39.04 -31.86 15.21
CA VAL A 272 -39.01 -31.50 16.62
C VAL A 272 -40.41 -31.19 17.17
N ALA A 273 -41.13 -30.33 16.45
CA ALA A 273 -42.52 -30.02 16.81
C ALA A 273 -43.34 -31.28 17.04
N ASP A 274 -43.27 -32.23 16.11
CA ASP A 274 -43.99 -33.50 16.23
C ASP A 274 -43.50 -34.23 17.47
N ALA A 275 -42.18 -34.31 17.60
CA ALA A 275 -41.57 -35.01 18.72
C ALA A 275 -42.09 -34.55 20.10
N TYR A 276 -42.26 -33.25 20.28
CA TYR A 276 -42.68 -32.70 21.56
C TYR A 276 -44.18 -32.44 21.58
N GLY A 277 -44.83 -32.68 20.44
CA GLY A 277 -46.28 -32.60 20.30
C GLY A 277 -46.81 -31.19 20.31
N VAL A 278 -46.36 -30.40 19.35
CA VAL A 278 -46.74 -28.99 19.26
C VAL A 278 -47.99 -28.85 18.41
N SER A 279 -49.03 -28.21 18.92
CA SER A 279 -50.27 -28.00 18.17
C SER A 279 -50.00 -27.35 16.79
N ALA A 280 -50.51 -27.99 15.74
CA ALA A 280 -50.30 -27.57 14.34
C ALA A 280 -50.48 -26.06 14.08
N GLU A 281 -51.46 -25.46 14.76
CA GLU A 281 -51.74 -24.03 14.68
C GLU A 281 -50.57 -23.21 15.22
N LYS A 282 -50.05 -23.62 16.37
CA LYS A 282 -48.90 -22.95 16.98
C LYS A 282 -47.68 -23.02 16.07
N PHE A 283 -47.52 -24.15 15.38
CA PHE A 283 -46.44 -24.29 14.40
C PHE A 283 -46.63 -23.28 13.28
N GLU A 284 -47.86 -23.20 12.76
CA GLU A 284 -48.14 -22.32 11.63
C GLU A 284 -47.97 -20.85 11.99
N ALA A 285 -48.45 -20.48 13.19
CA ALA A 285 -48.25 -19.11 13.68
C ALA A 285 -46.77 -18.74 13.73
N VAL A 286 -45.96 -19.56 14.40
CA VAL A 286 -44.52 -19.29 14.51
C VAL A 286 -43.83 -19.28 13.14
N THR A 287 -44.25 -20.20 12.28
CA THR A 287 -43.54 -20.52 11.04
C THR A 287 -43.87 -19.63 9.84
N ALA A 288 -45.15 -19.49 9.51
CA ALA A 288 -45.59 -18.73 8.32
C ALA A 288 -44.84 -17.42 8.13
N ALA A 289 -44.83 -16.60 9.20
CA ALA A 289 -44.23 -15.27 9.20
C ALA A 289 -42.81 -15.18 8.61
N PRO A 290 -41.82 -15.85 9.25
CA PRO A 290 -40.46 -15.89 8.69
C PRO A 290 -40.27 -17.00 7.65
N ARG A 291 -41.31 -17.78 7.39
CA ARG A 291 -41.22 -18.78 6.34
C ARG A 291 -41.33 -18.08 5.00
N ALA A 292 -42.47 -17.42 4.78
CA ALA A 292 -42.74 -16.76 3.51
C ALA A 292 -41.70 -15.66 3.22
N ARG A 293 -41.09 -15.14 4.29
CA ARG A 293 -40.04 -14.13 4.19
C ARG A 293 -38.77 -14.71 3.56
N ALA A 294 -38.36 -15.87 4.07
CA ALA A 294 -37.19 -16.56 3.55
C ALA A 294 -37.40 -16.92 2.09
N LYS A 295 -38.56 -17.51 1.78
CA LYS A 295 -38.94 -17.94 0.42
C LYS A 295 -38.86 -16.81 -0.60
N LYS A 296 -39.28 -15.62 -0.18
CA LYS A 296 -39.22 -14.41 -1.00
C LYS A 296 -37.78 -14.00 -1.27
N ALA A 297 -36.92 -14.14 -0.27
CA ALA A 297 -35.50 -13.82 -0.41
C ALA A 297 -34.70 -14.87 -1.19
N ILE A 298 -35.37 -15.92 -1.64
CA ILE A 298 -34.74 -16.92 -2.50
C ILE A 298 -35.07 -16.63 -3.95
N ALA A 299 -36.30 -16.19 -4.21
CA ALA A 299 -36.74 -15.82 -5.55
C ALA A 299 -35.81 -14.75 -6.13
N ALA A 300 -35.04 -14.09 -5.28
CA ALA A 300 -34.03 -13.12 -5.70
C ALA A 300 -32.96 -13.75 -6.60
N HIS A 301 -32.64 -15.01 -6.33
CA HIS A 301 -31.56 -15.69 -7.03
C HIS A 301 -32.11 -16.74 -8.01
N LEU A 302 -33.40 -16.72 -8.26
CA LEU A 302 -33.98 -17.80 -9.03
C LEU A 302 -33.60 -17.80 -10.53
N GLU A 303 -33.68 -16.65 -11.19
CA GLU A 303 -33.49 -16.57 -12.66
C GLU A 303 -32.12 -17.10 -13.05
N THR A 304 -31.12 -16.75 -12.25
CA THR A 304 -29.76 -17.17 -12.52
C THR A 304 -29.54 -18.67 -12.22
N LEU A 305 -30.41 -19.27 -11.41
CA LEU A 305 -30.23 -20.65 -10.96
C LEU A 305 -31.09 -21.72 -11.64
N THR A 306 -32.33 -21.38 -11.97
CA THR A 306 -33.31 -22.34 -12.48
C THR A 306 -32.86 -22.97 -13.78
N GLY A 307 -32.82 -24.29 -13.79
CA GLY A 307 -32.45 -25.02 -15.00
C GLY A 307 -30.98 -25.40 -15.09
N LYS A 308 -30.12 -24.62 -14.44
CA LYS A 308 -28.68 -24.89 -14.46
C LYS A 308 -28.34 -26.22 -13.82
N SER A 309 -27.42 -26.95 -14.46
CA SER A 309 -27.01 -28.26 -14.00
C SER A 309 -25.92 -28.13 -12.96
N LEU A 310 -26.00 -28.98 -11.93
CA LEU A 310 -25.09 -28.95 -10.79
C LEU A 310 -24.32 -30.27 -10.59
N PHE A 311 -23.03 -30.11 -10.28
CA PHE A 311 -22.12 -31.22 -9.93
C PHE A 311 -21.40 -30.78 -8.66
N MET A 312 -21.32 -31.66 -7.66
CA MET A 312 -20.54 -31.39 -6.44
C MET A 312 -19.50 -32.48 -6.20
N PHE A 313 -18.28 -32.09 -5.88
CA PHE A 313 -17.23 -33.04 -5.49
C PHE A 313 -17.28 -33.32 -3.98
N PRO A 314 -16.72 -34.47 -3.54
CA PRO A 314 -16.83 -34.79 -2.12
C PRO A 314 -15.91 -33.89 -1.33
N ASP A 315 -16.44 -33.28 -0.27
CA ASP A 315 -15.65 -32.45 0.65
C ASP A 315 -16.02 -32.68 2.12
N SER A 316 -17.32 -32.51 2.42
CA SER A 316 -17.78 -32.24 3.78
C SER A 316 -19.01 -33.02 4.24
N GLN A 317 -19.64 -33.77 3.33
CA GLN A 317 -20.91 -34.45 3.61
C GLN A 317 -22.12 -33.51 3.60
N LEU A 318 -21.88 -32.23 3.31
CA LEU A 318 -22.96 -31.26 3.20
C LEU A 318 -23.54 -31.26 1.78
N GLU A 319 -23.01 -32.11 0.91
CA GLU A 319 -23.41 -32.14 -0.48
C GLU A 319 -24.88 -32.53 -0.69
N ILE A 320 -25.26 -33.68 -0.15
CA ILE A 320 -26.62 -34.21 -0.35
C ILE A 320 -27.74 -33.22 0.03
N PRO A 321 -27.67 -32.62 1.23
CA PRO A 321 -28.75 -31.71 1.60
C PRO A 321 -28.72 -30.38 0.82
N LEU A 322 -27.54 -29.83 0.58
CA LEU A 322 -27.43 -28.67 -0.28
C LEU A 322 -27.88 -28.99 -1.70
N ALA A 323 -27.57 -30.20 -2.16
CA ALA A 323 -28.00 -30.64 -3.48
C ALA A 323 -29.52 -30.77 -3.53
N ARG A 324 -30.08 -31.20 -2.40
CA ARG A 324 -31.51 -31.26 -2.18
C ARG A 324 -32.12 -29.85 -2.15
N PHE A 325 -31.38 -28.89 -1.60
CA PHE A 325 -31.89 -27.53 -1.51
C PHE A 325 -31.79 -26.82 -2.84
N LEU A 326 -30.78 -27.16 -3.63
CA LEU A 326 -30.56 -26.46 -4.90
C LEU A 326 -31.54 -26.94 -5.98
N ALA A 327 -31.93 -28.20 -5.89
CA ALA A 327 -32.89 -28.75 -6.82
C ALA A 327 -34.30 -28.27 -6.51
N ARG A 328 -34.78 -28.49 -5.29
CA ARG A 328 -36.19 -28.27 -4.99
C ARG A 328 -36.56 -26.81 -4.79
N GLU A 329 -35.59 -26.00 -4.37
CA GLU A 329 -35.89 -24.59 -4.12
C GLU A 329 -35.30 -23.63 -5.16
N CYS A 330 -34.11 -23.94 -5.68
CA CYS A 330 -33.45 -23.07 -6.65
C CYS A 330 -33.61 -23.51 -8.10
N GLY A 331 -34.14 -24.73 -8.29
CA GLY A 331 -34.56 -25.18 -9.61
C GLY A 331 -33.43 -25.75 -10.44
N MET A 332 -32.36 -26.16 -9.76
CA MET A 332 -31.22 -26.73 -10.46
C MET A 332 -31.46 -28.20 -10.75
N LYS A 333 -30.70 -28.74 -11.69
CA LYS A 333 -30.73 -30.16 -11.98
C LYS A 333 -29.49 -30.83 -11.42
N THR A 334 -29.67 -31.91 -10.69
CA THR A 334 -28.53 -32.66 -10.19
C THR A 334 -27.92 -33.49 -11.31
N THR A 335 -26.62 -33.75 -11.19
CA THR A 335 -25.96 -34.70 -12.07
C THR A 335 -25.36 -35.76 -11.18
N GLU A 336 -24.12 -35.51 -10.77
CA GLU A 336 -23.44 -36.36 -9.81
C GLU A 336 -23.20 -35.55 -8.54
N ILE A 337 -23.63 -36.10 -7.42
CA ILE A 337 -23.42 -35.49 -6.12
C ILE A 337 -22.59 -36.47 -5.32
N ALA A 338 -21.35 -36.09 -5.01
CA ALA A 338 -20.40 -36.99 -4.35
C ALA A 338 -20.11 -36.59 -2.92
N THR A 339 -20.00 -37.56 -2.03
CA THR A 339 -19.79 -37.26 -0.62
C THR A 339 -18.68 -38.15 -0.03
N PRO A 340 -17.88 -37.62 0.91
CA PRO A 340 -16.81 -38.46 1.43
C PRO A 340 -17.28 -39.65 2.27
N PHE A 341 -18.47 -39.54 2.87
CA PHE A 341 -19.04 -40.62 3.69
C PHE A 341 -20.56 -40.51 3.66
N LEU A 342 -21.23 -41.59 3.27
CA LEU A 342 -22.68 -41.57 3.20
C LEU A 342 -23.32 -42.39 4.31
N HIS A 343 -23.76 -41.72 5.36
CA HIS A 343 -24.39 -42.40 6.51
C HIS A 343 -25.86 -42.74 6.26
N LYS A 344 -26.13 -43.97 5.82
CA LYS A 344 -27.47 -44.33 5.34
C LYS A 344 -28.63 -43.76 6.18
N ALA A 345 -28.65 -44.04 7.47
CA ALA A 345 -29.81 -43.71 8.32
C ALA A 345 -30.01 -42.20 8.56
N ILE A 346 -28.92 -41.43 8.53
CA ILE A 346 -29.00 -39.99 8.78
C ILE A 346 -29.41 -39.22 7.55
N MET A 347 -29.00 -39.73 6.38
CA MET A 347 -29.30 -39.04 5.16
C MET A 347 -30.65 -39.49 4.59
N ALA A 348 -31.21 -40.55 5.17
CA ALA A 348 -32.52 -41.07 4.78
C ALA A 348 -33.57 -39.99 4.48
N PRO A 349 -33.72 -38.99 5.37
CA PRO A 349 -34.73 -37.96 5.12
C PRO A 349 -34.44 -37.11 3.88
N ASP A 350 -33.16 -36.78 3.67
CA ASP A 350 -32.79 -35.93 2.54
C ASP A 350 -32.80 -36.69 1.22
N LEU A 351 -32.26 -37.91 1.24
CA LEU A 351 -32.18 -38.74 0.04
C LEU A 351 -33.55 -38.95 -0.55
N ALA A 352 -34.57 -39.01 0.31
CA ALA A 352 -35.95 -39.22 -0.12
C ALA A 352 -36.59 -37.97 -0.73
N LEU A 353 -35.84 -36.86 -0.77
CA LEU A 353 -36.30 -35.60 -1.40
C LEU A 353 -35.43 -35.19 -2.61
N LEU A 354 -34.40 -35.97 -2.91
CA LEU A 354 -33.54 -35.75 -4.07
C LEU A 354 -34.15 -36.18 -5.40
N PRO A 355 -34.00 -35.34 -6.45
CA PRO A 355 -34.27 -35.74 -7.84
C PRO A 355 -33.74 -37.13 -8.16
N SER A 356 -34.65 -38.05 -8.47
CA SER A 356 -34.34 -39.47 -8.59
C SER A 356 -33.48 -39.78 -9.82
N ASN A 357 -32.93 -38.75 -10.43
CA ASN A 357 -32.04 -38.89 -11.57
C ASN A 357 -30.59 -38.89 -11.12
N THR A 358 -30.38 -38.47 -9.88
CA THR A 358 -29.05 -38.16 -9.35
C THR A 358 -28.10 -39.36 -9.22
N ALA A 359 -26.86 -39.17 -9.68
CA ALA A 359 -25.77 -40.14 -9.48
C ALA A 359 -25.07 -39.87 -8.14
N LEU A 360 -25.12 -40.83 -7.22
CA LEU A 360 -24.53 -40.64 -5.90
C LEU A 360 -23.21 -41.38 -5.76
N THR A 361 -22.19 -40.68 -5.25
CA THR A 361 -20.86 -41.26 -5.05
C THR A 361 -20.45 -41.10 -3.60
N GLU A 362 -20.07 -42.20 -2.98
CA GLU A 362 -19.40 -42.13 -1.69
C GLU A 362 -17.92 -42.46 -1.85
N GLY A 363 -17.08 -41.53 -1.44
CA GLY A 363 -15.63 -41.61 -1.69
C GLY A 363 -15.30 -40.85 -2.97
N GLN A 364 -14.21 -41.26 -3.62
CA GLN A 364 -13.71 -40.58 -4.82
C GLN A 364 -12.45 -41.25 -5.34
N ASP A 365 -12.35 -41.34 -6.66
CA ASP A 365 -11.09 -41.61 -7.32
C ASP A 365 -10.91 -40.45 -8.28
N LEU A 366 -10.02 -39.54 -7.89
CA LEU A 366 -9.91 -38.22 -8.50
C LEU A 366 -9.91 -38.25 -10.03
N GLU A 367 -8.93 -38.96 -10.61
CA GLU A 367 -8.77 -38.96 -12.05
C GLU A 367 -10.05 -39.39 -12.76
N ALA A 368 -10.64 -40.48 -12.29
CA ALA A 368 -11.86 -41.02 -12.90
C ALA A 368 -13.06 -40.08 -12.75
N GLN A 369 -13.15 -39.40 -11.61
CA GLN A 369 -14.25 -38.48 -11.37
C GLN A 369 -14.12 -37.19 -12.20
N LEU A 370 -12.88 -36.78 -12.47
CA LEU A 370 -12.60 -35.68 -13.38
C LEU A 370 -13.02 -36.02 -14.80
N ASP A 371 -12.74 -37.25 -15.22
CA ASP A 371 -13.17 -37.79 -16.53
C ASP A 371 -14.70 -37.80 -16.66
N ARG A 372 -15.38 -38.20 -15.59
CA ARG A 372 -16.84 -38.13 -15.53
C ARG A 372 -17.32 -36.69 -15.55
N HIS A 373 -16.54 -35.79 -14.98
CA HIS A 373 -16.93 -34.38 -14.91
C HIS A 373 -16.94 -33.77 -16.30
N GLU A 374 -15.78 -33.83 -16.98
CA GLU A 374 -15.63 -33.35 -18.36
C GLU A 374 -16.76 -33.81 -19.26
N ALA A 375 -17.06 -35.10 -19.18
CA ALA A 375 -18.06 -35.75 -20.03
C ALA A 375 -19.48 -35.20 -19.79
N ILE A 376 -19.78 -34.87 -18.53
CA ILE A 376 -21.06 -34.28 -18.16
C ILE A 376 -21.09 -32.83 -18.65
N ASN A 377 -19.95 -32.15 -18.49
CA ASN A 377 -19.80 -30.70 -18.69
C ASN A 377 -20.90 -29.86 -18.01
N PRO A 378 -20.95 -29.88 -16.67
CA PRO A 378 -22.05 -29.24 -15.97
C PRO A 378 -21.93 -27.71 -15.96
N ASP A 379 -23.06 -27.03 -15.73
CA ASP A 379 -23.06 -25.59 -15.61
C ASP A 379 -22.29 -25.15 -14.36
N LEU A 380 -22.61 -25.73 -13.20
CA LEU A 380 -21.96 -25.32 -11.95
C LEU A 380 -21.38 -26.49 -11.17
N THR A 381 -20.20 -26.26 -10.62
CA THR A 381 -19.40 -27.29 -9.97
C THR A 381 -18.99 -26.85 -8.57
N VAL A 382 -19.35 -27.65 -7.56
CA VAL A 382 -18.95 -27.38 -6.19
C VAL A 382 -17.73 -28.24 -5.86
N CYS A 383 -16.62 -27.60 -5.51
CA CYS A 383 -15.34 -28.30 -5.30
C CYS A 383 -14.39 -27.64 -4.29
N GLY A 384 -13.28 -28.32 -4.01
CA GLY A 384 -12.26 -27.79 -3.13
C GLY A 384 -11.39 -26.79 -3.86
N LEU A 385 -10.58 -26.06 -3.11
CA LEU A 385 -9.72 -24.99 -3.63
C LEU A 385 -8.51 -25.43 -4.49
N GLY A 386 -8.12 -26.70 -4.39
CA GLY A 386 -6.98 -27.18 -5.18
C GLY A 386 -7.46 -27.63 -6.54
N LEU A 387 -8.78 -27.65 -6.66
CA LEU A 387 -9.47 -28.09 -7.85
C LEU A 387 -10.19 -26.93 -8.53
N ALA A 388 -10.46 -25.88 -7.77
CA ALA A 388 -11.28 -24.74 -8.21
C ALA A 388 -10.73 -24.00 -9.43
N ASN A 389 -9.54 -23.43 -9.31
CA ASN A 389 -8.95 -22.65 -10.40
C ASN A 389 -8.59 -23.47 -11.65
N PRO A 390 -8.00 -24.68 -11.48
CA PRO A 390 -7.72 -25.52 -12.66
C PRO A 390 -8.96 -25.77 -13.52
N LEU A 391 -10.11 -25.92 -12.86
CA LEU A 391 -11.42 -26.08 -13.53
C LEU A 391 -11.95 -24.81 -14.21
N GLU A 392 -11.63 -23.65 -13.65
CA GLU A 392 -12.07 -22.38 -14.24
C GLU A 392 -11.41 -22.10 -15.59
N ALA A 393 -10.13 -22.46 -15.69
CA ALA A 393 -9.35 -22.34 -16.92
C ALA A 393 -9.75 -23.38 -17.95
N LYS A 394 -10.43 -24.45 -17.50
CA LYS A 394 -11.00 -25.44 -18.41
C LYS A 394 -12.31 -24.92 -18.98
N GLY A 395 -12.89 -23.91 -18.33
CA GLY A 395 -14.09 -23.26 -18.81
C GLY A 395 -15.32 -23.49 -17.96
N HIS A 396 -15.18 -24.30 -16.92
CA HIS A 396 -16.30 -24.65 -16.04
C HIS A 396 -16.42 -23.64 -14.91
N ALA A 397 -17.63 -23.10 -14.72
CA ALA A 397 -17.95 -22.26 -13.55
C ALA A 397 -17.96 -23.09 -12.27
N THR A 398 -17.29 -22.58 -11.25
CA THR A 398 -17.07 -23.35 -10.01
C THR A 398 -17.48 -22.59 -8.73
N LYS A 399 -17.91 -23.34 -7.72
CA LYS A 399 -18.24 -22.77 -6.43
C LYS A 399 -17.50 -23.52 -5.35
N TRP A 400 -16.55 -22.86 -4.73
CA TRP A 400 -15.72 -23.51 -3.74
C TRP A 400 -16.46 -23.82 -2.43
N ALA A 401 -16.41 -25.09 -2.05
CA ALA A 401 -17.21 -25.62 -0.93
C ALA A 401 -16.81 -25.05 0.41
N ILE A 402 -15.50 -25.02 0.69
CA ILE A 402 -14.99 -24.56 1.98
C ILE A 402 -15.82 -23.42 2.61
N GLU A 403 -16.39 -22.55 1.78
CA GLU A 403 -17.23 -21.46 2.27
C GLU A 403 -18.35 -21.95 3.19
N LEU A 404 -19.03 -23.02 2.76
CA LEU A 404 -20.24 -23.56 3.39
C LEU A 404 -20.17 -23.90 4.89
N VAL A 405 -18.97 -24.12 5.41
CA VAL A 405 -18.76 -24.32 6.85
C VAL A 405 -18.47 -22.99 7.56
N PHE A 406 -17.95 -22.03 6.83
CA PHE A 406 -17.56 -20.75 7.43
C PHE A 406 -18.59 -19.63 7.34
N THR A 407 -19.66 -19.87 6.59
CA THR A 407 -20.71 -18.88 6.43
C THR A 407 -21.94 -19.32 7.24
N PRO A 408 -22.70 -18.35 7.79
CA PRO A 408 -24.03 -18.71 8.29
C PRO A 408 -24.87 -19.26 7.14
N VAL A 409 -25.33 -20.51 7.25
CA VAL A 409 -26.07 -21.15 6.14
C VAL A 409 -27.36 -21.90 6.49
N HIS A 410 -27.54 -22.24 7.77
CA HIS A 410 -28.72 -22.98 8.18
C HIS A 410 -29.87 -22.03 8.53
N PHE A 411 -31.05 -22.62 8.64
CA PHE A 411 -32.27 -21.93 9.10
C PHE A 411 -32.80 -20.86 8.13
N TYR A 412 -33.92 -20.24 8.50
CA TYR A 412 -34.69 -19.34 7.61
C TYR A 412 -33.96 -18.09 7.14
N GLU A 413 -33.43 -17.33 8.11
CA GLU A 413 -32.84 -16.02 7.85
C GLU A 413 -31.71 -16.01 6.79
N GLN A 414 -30.87 -17.03 6.82
CA GLN A 414 -29.74 -17.13 5.90
C GLN A 414 -30.07 -17.94 4.64
N ALA A 415 -31.32 -18.35 4.50
CA ALA A 415 -31.74 -19.10 3.31
C ALA A 415 -31.48 -18.31 2.02
N GLY A 416 -31.77 -17.01 2.04
CA GLY A 416 -31.50 -16.13 0.91
C GLY A 416 -30.03 -16.14 0.58
N ASP A 417 -29.23 -15.91 1.62
CA ASP A 417 -27.77 -15.87 1.52
C ASP A 417 -27.20 -17.19 0.99
N LEU A 418 -27.88 -18.29 1.25
CA LEU A 418 -27.40 -19.61 0.85
C LEU A 418 -27.42 -19.77 -0.66
N ALA A 419 -28.57 -19.49 -1.25
CA ALA A 419 -28.72 -19.48 -2.70
C ALA A 419 -27.75 -18.47 -3.33
N GLY A 420 -27.59 -17.33 -2.66
CA GLY A 420 -26.66 -16.29 -3.07
C GLY A 420 -25.26 -16.83 -3.33
N LEU A 421 -24.79 -17.69 -2.42
CA LEU A 421 -23.48 -18.33 -2.53
C LEU A 421 -23.24 -19.07 -3.86
N PHE A 422 -24.31 -19.58 -4.47
CA PHE A 422 -24.20 -20.35 -5.72
C PHE A 422 -24.52 -19.54 -6.97
N SER A 423 -25.37 -18.52 -6.80
CA SER A 423 -25.70 -17.62 -7.91
C SER A 423 -24.54 -16.69 -8.22
N ARG A 424 -23.71 -16.41 -7.22
CA ARG A 424 -22.62 -15.45 -7.37
C ARG A 424 -21.62 -15.80 -8.47
N PRO A 425 -21.08 -17.06 -8.47
CA PRO A 425 -20.06 -17.36 -9.47
C PRO A 425 -20.66 -17.42 -10.86
N LEU A 426 -21.93 -17.83 -10.95
CA LEU A 426 -22.66 -17.78 -12.22
C LEU A 426 -22.93 -16.35 -12.69
N ARG A 427 -23.20 -15.43 -11.76
CA ARG A 427 -23.44 -14.04 -12.11
C ARG A 427 -22.16 -13.34 -12.48
N ARG A 428 -21.09 -13.71 -11.81
CA ARG A 428 -19.77 -13.15 -12.11
C ARG A 428 -19.33 -13.56 -13.52
N ARG A 429 -19.57 -14.81 -13.88
CA ARG A 429 -19.20 -15.31 -15.19
C ARG A 429 -19.89 -14.48 -16.27
N ALA A 430 -21.22 -14.42 -16.21
CA ALA A 430 -22.02 -13.63 -17.14
C ALA A 430 -21.54 -12.19 -17.30
N LEU A 431 -21.43 -11.49 -16.18
CA LEU A 431 -21.11 -10.07 -16.14
C LEU A 431 -19.64 -9.76 -16.45
N LEU A 432 -18.81 -10.81 -16.56
CA LEU A 432 -17.40 -10.69 -16.97
C LEU A 432 -17.15 -10.93 -18.46
N ASN A 433 -17.86 -11.89 -19.06
CA ASN A 433 -17.80 -12.09 -20.50
C ASN A 433 -19.18 -12.03 -21.17
N GLY A 434 -19.69 -10.80 -21.30
CA GLY A 434 -21.06 -10.56 -21.76
C GLY A 434 -21.29 -10.92 -23.21
N MET B 1 9.55 -32.72 21.34
CA MET B 1 8.37 -31.96 20.86
C MET B 1 8.54 -30.46 21.06
N LYS B 2 7.99 -29.70 20.12
CA LYS B 2 8.09 -28.25 20.07
C LYS B 2 6.73 -27.65 19.76
N LEU B 3 6.19 -26.88 20.70
CA LEU B 3 4.92 -26.20 20.49
C LEU B 3 5.11 -25.30 19.30
N THR B 4 4.37 -25.58 18.23
CA THR B 4 4.44 -24.76 17.04
C THR B 4 3.08 -24.19 16.67
N LEU B 5 3.05 -22.88 16.49
CA LEU B 5 1.89 -22.19 15.93
C LEU B 5 2.23 -21.76 14.50
N TRP B 6 3.21 -20.87 14.37
CA TRP B 6 3.62 -20.39 13.08
C TRP B 6 4.87 -21.11 12.64
N THR B 7 4.95 -21.39 11.35
CA THR B 7 6.10 -22.06 10.79
C THR B 7 6.55 -21.31 9.55
N TYR B 8 7.76 -20.75 9.60
CA TYR B 8 8.29 -20.04 8.44
C TYR B 8 8.39 -20.94 7.22
N GLU B 9 8.57 -22.24 7.43
CA GLU B 9 8.83 -23.18 6.35
C GLU B 9 7.95 -24.43 6.42
N GLY B 10 7.46 -24.85 5.26
CA GLY B 10 6.77 -26.11 5.13
C GLY B 10 7.74 -27.27 5.28
N PRO B 11 7.20 -28.50 5.25
CA PRO B 11 8.03 -29.72 5.20
C PRO B 11 8.84 -29.80 3.92
N PRO B 12 9.96 -30.56 3.94
CA PRO B 12 10.77 -30.71 2.74
C PRO B 12 9.96 -31.09 1.51
N HIS B 13 9.09 -32.09 1.63
CA HIS B 13 8.31 -32.54 0.47
C HIS B 13 7.52 -31.44 -0.26
N VAL B 14 7.17 -30.36 0.45
CA VAL B 14 6.50 -29.24 -0.18
C VAL B 14 7.51 -28.53 -1.08
N GLY B 15 8.77 -28.56 -0.67
CA GLY B 15 9.87 -28.02 -1.48
C GLY B 15 9.95 -28.81 -2.76
N ALA B 16 10.06 -30.13 -2.63
CA ALA B 16 9.95 -31.03 -3.78
C ALA B 16 8.79 -30.59 -4.68
N MET B 17 7.61 -30.39 -4.08
CA MET B 17 6.45 -29.94 -4.83
C MET B 17 6.73 -28.62 -5.56
N ARG B 18 7.46 -27.71 -4.90
CA ARG B 18 7.83 -26.47 -5.53
C ARG B 18 8.68 -26.72 -6.76
N VAL B 19 9.58 -27.70 -6.70
CA VAL B 19 10.46 -28.01 -7.85
C VAL B 19 9.72 -28.75 -8.98
N ALA B 20 8.83 -29.66 -8.62
CA ALA B 20 8.03 -30.36 -9.62
C ALA B 20 7.02 -29.45 -10.32
N THR B 21 6.31 -28.62 -9.56
CA THR B 21 5.35 -27.68 -10.15
C THR B 21 6.02 -26.64 -11.04
N ALA B 22 7.26 -26.28 -10.70
CA ALA B 22 8.02 -25.31 -11.50
C ALA B 22 8.21 -25.84 -12.91
N MET B 23 8.45 -27.14 -13.02
CA MET B 23 8.86 -27.76 -14.26
C MET B 23 7.68 -28.20 -15.10
N LYS B 24 7.93 -28.51 -16.38
CA LYS B 24 6.89 -29.17 -17.18
C LYS B 24 7.27 -30.60 -17.56
N ASP B 25 6.23 -31.39 -17.90
CA ASP B 25 6.42 -32.80 -18.29
C ASP B 25 7.25 -33.59 -17.28
N LEU B 26 7.00 -33.31 -16.01
CA LEU B 26 7.59 -34.06 -14.91
C LEU B 26 6.50 -34.36 -13.90
N GLN B 27 6.40 -35.62 -13.47
CA GLN B 27 5.44 -35.99 -12.44
C GLN B 27 6.13 -36.33 -11.12
N LEU B 28 5.64 -35.75 -10.05
CA LEU B 28 6.13 -36.09 -8.73
C LEU B 28 5.08 -36.95 -8.02
N VAL B 29 5.53 -38.05 -7.45
CA VAL B 29 4.66 -38.92 -6.67
C VAL B 29 5.12 -38.98 -5.22
N LEU B 30 4.27 -38.50 -4.32
CA LEU B 30 4.57 -38.56 -2.90
C LEU B 30 3.86 -39.75 -2.29
N HIS B 31 4.61 -40.46 -1.45
CA HIS B 31 4.05 -41.52 -0.65
C HIS B 31 3.61 -40.84 0.62
N GLY B 32 2.29 -40.80 0.85
CA GLY B 32 1.73 -39.98 1.92
C GLY B 32 0.27 -40.27 2.23
N PRO B 33 -0.23 -39.72 3.34
CA PRO B 33 -1.64 -39.91 3.69
C PRO B 33 -2.59 -39.07 2.87
N GLN B 34 -3.85 -39.48 2.90
CA GLN B 34 -4.95 -38.80 2.27
C GLN B 34 -5.22 -37.56 3.08
N GLY B 35 -4.83 -36.41 2.58
CA GLY B 35 -5.02 -35.16 3.32
C GLY B 35 -3.84 -34.24 3.22
N ASP B 36 -2.70 -34.78 2.82
CA ASP B 36 -1.51 -33.96 2.59
C ASP B 36 -1.63 -33.23 1.26
N THR B 37 -2.66 -33.58 0.50
CA THR B 37 -2.96 -32.90 -0.76
C THR B 37 -3.37 -31.44 -0.55
N TYR B 38 -3.54 -31.03 0.71
CA TYR B 38 -3.83 -29.62 1.05
C TYR B 38 -2.78 -28.65 0.47
N ALA B 39 -1.57 -29.18 0.24
CA ALA B 39 -0.46 -28.37 -0.26
C ALA B 39 -0.67 -27.97 -1.71
N ASP B 40 -1.63 -28.58 -2.39
CA ASP B 40 -1.98 -28.15 -3.75
C ASP B 40 -2.48 -26.71 -3.80
N LEU B 41 -3.21 -26.34 -2.76
CA LEU B 41 -3.85 -25.04 -2.66
C LEU B 41 -2.84 -23.91 -2.63
N LEU B 42 -1.66 -24.16 -2.04
CA LEU B 42 -0.56 -23.22 -2.10
C LEU B 42 -0.34 -22.75 -3.52
N PHE B 43 -0.47 -23.67 -4.48
CA PHE B 43 -0.20 -23.35 -5.86
C PHE B 43 -1.40 -22.77 -6.57
N THR B 44 -2.55 -23.43 -6.43
CA THR B 44 -3.74 -23.01 -7.13
C THR B 44 -4.27 -21.70 -6.55
N MET B 45 -3.95 -21.39 -5.29
CA MET B 45 -4.53 -20.21 -4.63
C MET B 45 -3.58 -19.05 -4.39
N ILE B 46 -2.35 -19.33 -3.97
CA ILE B 46 -1.39 -18.24 -3.78
C ILE B 46 -0.80 -17.85 -5.14
N GLU B 47 -0.10 -18.79 -5.78
CA GLU B 47 0.45 -18.57 -7.09
C GLU B 47 -0.64 -18.41 -8.15
N ARG B 48 -1.82 -18.93 -7.84
CA ARG B 48 -3.02 -18.94 -8.72
C ARG B 48 -2.81 -19.40 -10.16
N ARG B 49 -2.51 -20.70 -10.28
CA ARG B 49 -2.21 -21.32 -11.55
C ARG B 49 -3.48 -21.80 -12.21
N ASN B 50 -3.37 -22.31 -13.43
CA ASN B 50 -4.54 -22.76 -14.17
C ASN B 50 -4.59 -24.28 -14.30
N ALA B 51 -3.78 -24.97 -13.50
CA ALA B 51 -3.65 -26.41 -13.60
C ALA B 51 -3.32 -27.06 -12.26
N ARG B 52 -3.88 -28.24 -12.02
CA ARG B 52 -3.49 -29.02 -10.87
C ARG B 52 -1.98 -29.24 -10.99
N PRO B 53 -1.22 -28.92 -9.93
CA PRO B 53 0.22 -29.21 -9.87
C PRO B 53 0.56 -30.66 -10.23
N PRO B 54 1.71 -30.89 -10.91
CA PRO B 54 2.04 -32.23 -11.37
C PRO B 54 2.47 -33.15 -10.24
N VAL B 55 1.70 -33.11 -9.15
CA VAL B 55 1.99 -33.91 -7.96
C VAL B 55 0.78 -34.79 -7.62
N SER B 56 1.02 -36.04 -7.24
CA SER B 56 -0.03 -36.99 -6.86
C SER B 56 0.39 -37.85 -5.68
N PHE B 57 -0.59 -38.25 -4.85
CA PHE B 57 -0.31 -38.97 -3.61
C PHE B 57 -0.81 -40.41 -3.61
N SER B 58 -0.02 -41.29 -3.00
CA SER B 58 -0.40 -42.71 -2.86
C SER B 58 -1.70 -42.82 -2.09
N THR B 59 -1.91 -41.91 -1.14
CA THR B 59 -3.19 -41.74 -0.47
C THR B 59 -3.53 -42.98 0.36
N PHE B 60 -2.63 -43.40 1.23
CA PHE B 60 -2.96 -44.52 2.13
C PHE B 60 -3.81 -43.98 3.27
N GLU B 61 -4.46 -44.88 4.01
CA GLU B 61 -5.29 -44.50 5.17
C GLU B 61 -5.67 -45.68 6.06
N ALA B 62 -6.42 -45.40 7.11
CA ALA B 62 -6.87 -46.40 8.10
C ALA B 62 -7.09 -47.79 7.53
N SER B 63 -7.92 -47.90 6.50
CA SER B 63 -8.35 -49.21 5.99
C SER B 63 -7.31 -49.92 5.13
N HIS B 64 -6.29 -49.20 4.67
CA HIS B 64 -5.24 -49.78 3.82
C HIS B 64 -3.81 -49.44 4.29
N MET B 65 -3.33 -50.20 5.27
CA MET B 65 -1.96 -50.07 5.79
C MET B 65 -1.19 -51.39 5.64
N GLY B 66 -0.04 -51.49 6.29
CA GLY B 66 0.76 -52.73 6.30
C GLY B 66 1.34 -53.08 4.95
N THR B 67 1.09 -54.29 4.48
CA THR B 67 1.57 -54.73 3.16
C THR B 67 0.99 -53.89 2.01
N ASP B 68 -0.14 -53.22 2.26
CA ASP B 68 -0.85 -52.41 1.26
C ASP B 68 -0.24 -51.03 1.00
N THR B 69 0.57 -50.52 1.93
CA THR B 69 1.17 -49.19 1.77
C THR B 69 2.09 -49.18 0.56
N ALA B 70 2.87 -50.25 0.45
CA ALA B 70 3.77 -50.50 -0.68
C ALA B 70 3.03 -50.61 -2.03
N ILE B 71 1.88 -51.29 -2.02
CA ILE B 71 1.03 -51.48 -3.20
C ILE B 71 0.54 -50.14 -3.75
N LEU B 72 0.11 -49.26 -2.85
CA LEU B 72 -0.49 -47.99 -3.21
C LEU B 72 0.53 -47.06 -3.86
N LEU B 73 1.76 -47.13 -3.36
CA LEU B 73 2.82 -46.37 -3.96
C LEU B 73 2.99 -46.77 -5.42
N LYS B 74 2.96 -48.08 -5.67
CA LYS B 74 3.21 -48.64 -6.99
C LYS B 74 2.21 -48.11 -8.01
N ASP B 75 0.92 -48.22 -7.68
CA ASP B 75 -0.15 -47.81 -8.60
C ASP B 75 -0.12 -46.31 -8.82
N ALA B 76 0.17 -45.57 -7.74
CA ALA B 76 0.29 -44.13 -7.80
C ALA B 76 1.26 -43.76 -8.91
N LEU B 77 2.40 -44.45 -8.96
CA LEU B 77 3.40 -44.25 -9.99
C LEU B 77 2.90 -44.75 -11.35
N ALA B 78 2.23 -45.89 -11.34
CA ALA B 78 1.75 -46.53 -12.56
C ALA B 78 0.75 -45.64 -13.26
N ALA B 79 -0.26 -45.20 -12.50
CA ALA B 79 -1.30 -44.32 -13.02
C ALA B 79 -0.73 -42.99 -13.49
N ALA B 80 0.06 -42.36 -12.62
CA ALA B 80 0.74 -41.09 -12.93
C ALA B 80 1.40 -41.14 -14.29
N HIS B 81 2.27 -42.14 -14.48
CA HIS B 81 3.00 -42.32 -15.73
C HIS B 81 2.09 -42.62 -16.90
N ALA B 82 1.27 -43.65 -16.77
CA ALA B 82 0.34 -44.03 -17.85
C ALA B 82 -0.48 -42.85 -18.35
N ARG B 83 -0.88 -41.97 -17.44
CA ARG B 83 -1.79 -40.89 -17.78
C ARG B 83 -1.13 -39.70 -18.45
N TYR B 84 -0.22 -39.06 -17.74
CA TYR B 84 0.38 -37.83 -18.25
C TYR B 84 1.56 -38.06 -19.19
N LYS B 85 2.04 -39.28 -19.26
CA LYS B 85 3.15 -39.63 -20.14
C LYS B 85 4.33 -38.64 -19.96
N PRO B 86 4.86 -38.54 -18.74
CA PRO B 86 5.88 -37.54 -18.44
C PRO B 86 7.21 -37.93 -19.05
N GLN B 87 8.11 -36.96 -19.20
CA GLN B 87 9.44 -37.26 -19.69
C GLN B 87 10.25 -37.99 -18.63
N ALA B 88 10.06 -37.59 -17.38
CA ALA B 88 10.76 -38.17 -16.24
C ALA B 88 9.94 -37.97 -14.97
N MET B 89 10.29 -38.72 -13.92
CA MET B 89 9.49 -38.73 -12.70
C MET B 89 10.30 -38.64 -11.41
N ALA B 90 9.63 -38.22 -10.34
CA ALA B 90 10.22 -38.27 -9.00
C ALA B 90 9.32 -39.04 -8.04
N VAL B 91 9.93 -39.67 -7.06
CA VAL B 91 9.21 -40.39 -6.02
C VAL B 91 9.83 -39.94 -4.72
N ALA B 92 9.02 -39.74 -3.69
CA ALA B 92 9.53 -39.19 -2.44
C ALA B 92 8.66 -39.60 -1.26
N LEU B 93 9.09 -39.22 -0.06
CA LEU B 93 8.35 -39.54 1.17
C LEU B 93 7.79 -38.34 1.92
N THR B 94 6.54 -38.47 2.36
CA THR B 94 5.98 -37.52 3.30
C THR B 94 6.52 -37.91 4.67
N CYS B 95 6.46 -36.97 5.63
CA CYS B 95 6.83 -37.24 7.02
C CYS B 95 6.22 -38.51 7.57
N THR B 96 4.94 -38.74 7.25
CA THR B 96 4.23 -39.92 7.71
C THR B 96 4.74 -41.19 7.05
N ALA B 97 5.19 -41.09 5.80
CA ALA B 97 5.77 -42.26 5.08
C ALA B 97 7.18 -42.54 5.56
N GLU B 98 7.84 -41.51 6.09
CA GLU B 98 9.16 -41.63 6.67
C GLU B 98 9.19 -42.51 7.93
N LEU B 99 8.04 -43.00 8.36
CA LEU B 99 7.98 -43.87 9.52
C LEU B 99 7.59 -45.26 9.09
N LEU B 100 7.53 -45.48 7.78
CA LEU B 100 7.22 -46.79 7.25
C LEU B 100 8.47 -47.54 6.79
N GLN B 101 8.29 -48.80 6.44
CA GLN B 101 9.39 -49.64 5.98
C GLN B 101 9.62 -49.49 4.47
N ASP B 102 8.60 -48.96 3.80
CA ASP B 102 8.50 -48.95 2.34
C ASP B 102 9.65 -48.27 1.63
N ASP B 103 10.03 -48.89 0.52
CA ASP B 103 11.21 -48.53 -0.24
C ASP B 103 10.81 -47.84 -1.55
N PRO B 104 10.92 -46.49 -1.61
CA PRO B 104 10.66 -45.77 -2.85
C PRO B 104 11.59 -46.24 -3.97
N ASN B 105 12.88 -46.40 -3.66
CA ASN B 105 13.89 -46.81 -4.63
C ASN B 105 13.62 -48.20 -5.21
N GLY B 106 13.38 -49.18 -4.34
CA GLY B 106 13.09 -50.56 -4.78
C GLY B 106 11.77 -50.73 -5.50
N ILE B 107 10.73 -50.04 -5.03
CA ILE B 107 9.39 -50.11 -5.65
C ILE B 107 9.37 -49.47 -7.05
N SER B 108 10.04 -48.33 -7.18
CA SER B 108 10.24 -47.67 -8.47
C SER B 108 10.95 -48.57 -9.49
N ARG B 109 11.93 -49.31 -9.00
CA ARG B 109 12.84 -50.10 -9.83
C ARG B 109 12.29 -51.48 -10.20
N ALA B 110 11.50 -52.07 -9.32
CA ALA B 110 10.73 -53.27 -9.65
C ALA B 110 9.66 -52.94 -10.70
N LEU B 111 9.03 -51.76 -10.60
CA LEU B 111 8.00 -51.29 -11.55
C LEU B 111 8.55 -51.06 -12.96
N ASN B 112 9.78 -50.59 -13.04
CA ASN B 112 10.55 -50.64 -14.28
C ASN B 112 9.91 -49.86 -15.43
N LEU B 113 9.96 -48.53 -15.33
CA LEU B 113 9.25 -47.64 -16.25
C LEU B 113 10.03 -47.27 -17.52
N PRO B 114 9.32 -46.98 -18.62
CA PRO B 114 9.95 -46.49 -19.86
C PRO B 114 10.66 -45.14 -19.73
N VAL B 115 10.52 -44.47 -18.58
CA VAL B 115 11.26 -43.22 -18.31
C VAL B 115 12.01 -43.29 -16.97
N PRO B 116 12.92 -42.31 -16.71
CA PRO B 116 13.60 -42.27 -15.42
C PRO B 116 12.64 -41.91 -14.29
N VAL B 117 12.86 -42.50 -13.12
CA VAL B 117 12.07 -42.23 -11.92
C VAL B 117 13.07 -41.92 -10.84
N VAL B 118 13.28 -40.64 -10.56
CA VAL B 118 14.33 -40.24 -9.65
C VAL B 118 13.81 -40.22 -8.22
N PRO B 119 14.36 -41.08 -7.33
CA PRO B 119 13.96 -41.03 -5.93
C PRO B 119 14.59 -39.80 -5.25
N LEU B 120 14.02 -39.35 -4.14
CA LEU B 120 14.53 -38.16 -3.46
C LEU B 120 14.65 -38.43 -1.98
N GLU B 121 15.79 -38.06 -1.42
CA GLU B 121 16.06 -38.21 0.01
C GLU B 121 15.68 -36.95 0.80
N LEU B 122 14.52 -36.97 1.46
CA LEU B 122 14.03 -35.77 2.17
C LEU B 122 13.69 -36.03 3.65
N PRO B 123 14.69 -35.92 4.57
CA PRO B 123 14.43 -36.12 6.01
C PRO B 123 13.49 -35.05 6.55
N SER B 124 12.32 -35.49 7.00
CA SER B 124 11.21 -34.60 7.25
C SER B 124 11.28 -34.06 8.67
N TYR B 125 12.06 -34.74 9.49
CA TYR B 125 12.12 -34.41 10.92
C TYR B 125 13.34 -33.59 11.33
N SER B 126 14.22 -33.34 10.35
CA SER B 126 15.34 -32.43 10.56
C SER B 126 15.28 -31.22 9.63
N ARG B 127 15.03 -31.47 8.35
CA ARG B 127 15.17 -30.43 7.36
C ARG B 127 13.81 -29.90 6.95
N LYS B 128 13.80 -28.77 6.23
CA LYS B 128 12.57 -28.05 5.91
C LYS B 128 12.38 -27.82 4.40
N GLU B 129 11.39 -27.01 4.07
CA GLU B 129 11.04 -26.69 2.69
C GLU B 129 12.24 -26.40 1.77
N ASN B 130 13.11 -25.49 2.19
CA ASN B 130 14.18 -25.03 1.34
C ASN B 130 15.13 -26.15 0.95
N TYR B 131 15.53 -26.95 1.94
CA TYR B 131 16.33 -28.13 1.66
C TYR B 131 15.61 -28.99 0.64
N GLY B 132 14.33 -29.25 0.91
CA GLY B 132 13.52 -30.09 0.04
C GLY B 132 13.66 -29.67 -1.40
N ALA B 133 13.42 -28.38 -1.65
CA ALA B 133 13.53 -27.81 -2.98
C ALA B 133 14.93 -27.96 -3.57
N ASP B 134 15.93 -27.42 -2.87
CA ASP B 134 17.31 -27.55 -3.30
C ASP B 134 17.72 -28.99 -3.67
N GLU B 135 17.37 -29.95 -2.81
CA GLU B 135 17.74 -31.36 -3.01
C GLU B 135 17.03 -32.01 -4.20
N THR B 136 15.72 -31.79 -4.30
CA THR B 136 14.90 -32.29 -5.41
C THR B 136 15.46 -31.80 -6.75
N PHE B 137 15.89 -30.55 -6.76
CA PHE B 137 16.55 -30.01 -7.93
C PHE B 137 17.92 -30.66 -8.12
N ARG B 138 18.69 -30.81 -7.05
CA ARG B 138 19.98 -31.43 -7.17
C ARG B 138 19.79 -32.84 -7.74
N ALA B 139 19.03 -33.68 -7.05
CA ALA B 139 18.72 -35.03 -7.50
C ALA B 139 18.37 -35.14 -8.99
N LEU B 140 17.44 -34.32 -9.45
CA LEU B 140 17.04 -34.30 -10.86
C LEU B 140 18.20 -34.00 -11.79
N VAL B 141 18.88 -32.88 -11.51
CA VAL B 141 20.05 -32.44 -12.26
C VAL B 141 21.14 -33.50 -12.31
N ARG B 142 21.46 -34.10 -11.16
CA ARG B 142 22.46 -35.16 -11.09
C ARG B 142 22.15 -36.36 -11.99
N ALA B 143 20.87 -36.61 -12.23
CA ALA B 143 20.43 -37.75 -13.01
C ALA B 143 20.22 -37.46 -14.51
N LEU B 144 20.10 -36.19 -14.88
CA LEU B 144 19.79 -35.85 -16.26
C LEU B 144 20.90 -35.12 -17.02
N ALA B 145 21.54 -34.15 -16.38
CA ALA B 145 22.59 -33.34 -17.01
C ALA B 145 23.83 -34.15 -17.34
N VAL B 146 24.37 -33.94 -18.54
CA VAL B 146 25.52 -34.68 -19.04
C VAL B 146 26.41 -33.67 -19.75
N PRO B 147 27.74 -33.74 -19.56
CA PRO B 147 28.63 -32.75 -20.19
C PRO B 147 28.45 -32.69 -21.72
N MET B 148 28.59 -31.49 -22.29
CA MET B 148 28.42 -31.30 -23.74
C MET B 148 29.43 -30.30 -24.31
N GLU B 149 29.44 -30.19 -25.64
CA GLU B 149 30.10 -29.09 -26.31
C GLU B 149 29.41 -27.80 -25.87
N ARG B 150 30.20 -26.75 -25.69
CA ARG B 150 29.66 -25.42 -25.33
C ARG B 150 28.81 -24.83 -26.48
N THR B 151 27.91 -23.92 -26.15
CA THR B 151 27.20 -23.16 -27.19
C THR B 151 28.22 -22.41 -28.02
N PRO B 152 28.05 -22.38 -29.35
CA PRO B 152 28.90 -21.52 -30.17
C PRO B 152 28.84 -20.10 -29.62
N GLU B 153 27.62 -19.60 -29.46
CA GLU B 153 27.38 -18.31 -28.84
C GLU B 153 27.43 -18.39 -27.32
N VAL B 154 27.80 -17.27 -26.69
CA VAL B 154 28.00 -17.20 -25.25
C VAL B 154 26.67 -17.31 -24.51
N THR B 155 26.44 -18.44 -23.86
CA THR B 155 25.19 -18.63 -23.10
C THR B 155 25.41 -19.09 -21.65
N CYS B 156 24.36 -18.94 -20.85
CA CYS B 156 24.36 -19.39 -19.46
C CYS B 156 22.98 -19.90 -19.02
N ASN B 157 22.95 -20.60 -17.89
CA ASN B 157 21.70 -21.05 -17.27
C ASN B 157 21.29 -20.14 -16.12
N LEU B 158 20.01 -20.22 -15.75
CA LEU B 158 19.50 -19.53 -14.57
C LEU B 158 19.02 -20.57 -13.58
N LEU B 159 19.73 -20.71 -12.48
CA LEU B 159 19.44 -21.79 -11.55
C LEU B 159 18.73 -21.29 -10.30
N GLY B 160 17.75 -22.05 -9.84
CA GLY B 160 17.16 -21.81 -8.52
C GLY B 160 15.76 -21.24 -8.56
N ALA B 161 15.29 -20.87 -9.74
CA ALA B 161 13.97 -20.26 -9.81
C ALA B 161 12.84 -21.33 -9.70
N THR B 162 12.05 -21.29 -8.62
CA THR B 162 10.97 -22.29 -8.45
C THR B 162 9.56 -21.72 -8.49
N ALA B 163 8.60 -22.62 -8.42
CA ALA B 163 7.21 -22.25 -8.14
C ALA B 163 7.14 -21.71 -6.72
N LEU B 164 6.27 -20.71 -6.53
CA LEU B 164 5.95 -20.21 -5.19
C LEU B 164 7.20 -19.62 -4.55
N GLY B 165 8.03 -18.99 -5.38
CA GLY B 165 9.22 -18.32 -4.90
C GLY B 165 8.81 -16.89 -4.89
N PHE B 166 9.22 -16.16 -3.86
CA PHE B 166 8.82 -14.75 -3.72
C PHE B 166 9.45 -13.94 -4.84
N ARG B 167 8.60 -13.55 -5.81
CA ARG B 167 8.98 -12.77 -7.01
C ARG B 167 9.89 -13.49 -8.00
N HIS B 168 9.82 -14.82 -8.03
CA HIS B 168 10.65 -15.59 -8.97
C HIS B 168 10.35 -15.24 -10.43
N ARG B 169 9.06 -15.20 -10.76
CA ARG B 169 8.53 -14.83 -12.09
C ARG B 169 9.23 -13.61 -12.70
N ASP B 170 9.10 -12.46 -12.04
CA ASP B 170 9.60 -11.23 -12.59
C ASP B 170 11.09 -11.07 -12.45
N ASP B 171 11.69 -11.77 -11.47
CA ASP B 171 13.15 -11.79 -11.35
C ASP B 171 13.77 -12.42 -12.61
N VAL B 172 13.33 -13.63 -12.96
CA VAL B 172 13.74 -14.32 -14.20
C VAL B 172 13.66 -13.41 -15.43
N ALA B 173 12.54 -12.71 -15.55
CA ALA B 173 12.34 -11.80 -16.65
C ALA B 173 13.42 -10.72 -16.64
N GLU B 174 13.57 -10.06 -15.48
CA GLU B 174 14.51 -8.95 -15.29
C GLU B 174 15.98 -9.32 -15.45
N VAL B 175 16.40 -10.48 -14.93
CA VAL B 175 17.80 -10.90 -15.10
C VAL B 175 18.11 -11.28 -16.53
N THR B 176 17.22 -12.05 -17.19
CA THR B 176 17.34 -12.26 -18.63
C THR B 176 17.54 -10.92 -19.34
N LYS B 177 16.73 -9.94 -18.94
CA LYS B 177 16.76 -8.62 -19.55
C LYS B 177 18.14 -7.96 -19.50
N LEU B 178 18.81 -8.01 -18.35
CA LEU B 178 20.11 -7.35 -18.27
C LEU B 178 21.26 -8.17 -18.85
N LEU B 179 21.11 -9.49 -18.87
CA LEU B 179 22.06 -10.37 -19.50
C LEU B 179 21.96 -10.28 -21.02
N ALA B 180 20.77 -9.90 -21.50
CA ALA B 180 20.55 -9.73 -22.94
C ALA B 180 21.32 -8.52 -23.44
N THR B 181 21.27 -7.44 -22.67
CA THR B 181 21.94 -6.18 -23.02
C THR B 181 23.45 -6.35 -22.99
N MET B 182 23.91 -7.37 -22.29
CA MET B 182 25.33 -7.69 -22.22
C MET B 182 25.76 -8.71 -23.27
N GLY B 183 24.81 -9.13 -24.11
CA GLY B 183 25.09 -10.10 -25.17
C GLY B 183 25.17 -11.54 -24.72
N ILE B 184 24.47 -11.87 -23.64
CA ILE B 184 24.43 -13.23 -23.14
C ILE B 184 23.01 -13.74 -23.20
N LYS B 185 22.77 -14.73 -24.06
CA LYS B 185 21.45 -15.34 -24.13
C LYS B 185 21.33 -16.44 -23.06
N VAL B 186 20.11 -16.65 -22.56
CA VAL B 186 19.87 -17.67 -21.53
C VAL B 186 19.62 -19.07 -22.15
N ASN B 187 20.41 -20.06 -21.75
CA ASN B 187 20.32 -21.42 -22.28
C ASN B 187 19.07 -22.19 -21.79
N VAL B 188 19.11 -22.62 -20.54
CA VAL B 188 18.00 -23.29 -19.86
C VAL B 188 17.73 -22.55 -18.55
N CYS B 189 16.47 -22.19 -18.32
CA CYS B 189 16.10 -21.67 -17.02
C CYS B 189 15.48 -22.81 -16.22
N ALA B 190 16.03 -23.09 -15.04
CA ALA B 190 15.54 -24.21 -14.25
C ALA B 190 15.55 -23.99 -12.73
N PRO B 191 14.61 -24.65 -12.02
CA PRO B 191 13.53 -25.49 -12.55
C PRO B 191 12.46 -24.73 -13.37
N LEU B 192 12.25 -23.46 -13.06
CA LEU B 192 11.13 -22.72 -13.63
C LEU B 192 11.01 -22.78 -15.15
N GLY B 193 9.88 -23.30 -15.60
CA GLY B 193 9.57 -23.40 -17.03
C GLY B 193 10.17 -24.59 -17.76
N ALA B 194 11.09 -25.32 -17.13
CA ALA B 194 11.89 -26.32 -17.83
C ALA B 194 11.40 -27.76 -17.70
N SER B 195 11.41 -28.49 -18.81
CA SER B 195 11.15 -29.93 -18.82
C SER B 195 12.44 -30.69 -18.49
N PRO B 196 12.33 -32.01 -18.21
CA PRO B 196 13.57 -32.75 -17.89
C PRO B 196 14.49 -32.89 -19.11
N ASP B 197 13.95 -32.78 -20.32
CA ASP B 197 14.76 -32.77 -21.54
C ASP B 197 15.57 -31.46 -21.67
N ASP B 198 15.03 -30.38 -21.13
CA ASP B 198 15.80 -29.15 -20.93
C ASP B 198 16.95 -29.36 -19.93
N LEU B 199 16.68 -30.07 -18.82
CA LEU B 199 17.72 -30.38 -17.82
C LEU B 199 18.84 -31.18 -18.43
N ARG B 200 18.46 -32.08 -19.34
CA ARG B 200 19.40 -32.89 -20.11
C ARG B 200 20.39 -32.05 -20.90
N LYS B 201 20.05 -30.80 -21.20
CA LYS B 201 20.94 -29.94 -21.97
C LYS B 201 21.48 -28.73 -21.19
N LEU B 202 21.69 -28.89 -19.89
CA LEU B 202 22.32 -27.84 -19.08
C LEU B 202 23.80 -27.68 -19.43
N GLY B 203 24.39 -28.81 -19.81
CA GLY B 203 25.83 -28.92 -19.95
C GLY B 203 26.42 -28.02 -20.99
N GLN B 204 25.58 -27.48 -21.88
CA GLN B 204 26.10 -26.71 -23.02
C GLN B 204 26.24 -25.22 -22.77
N ALA B 205 25.90 -24.78 -21.55
CA ALA B 205 26.10 -23.38 -21.13
C ALA B 205 27.55 -23.08 -20.75
N HIS B 206 27.95 -21.82 -20.88
CA HIS B 206 29.29 -21.41 -20.48
C HIS B 206 29.37 -21.26 -18.97
N PHE B 207 28.33 -20.68 -18.38
CA PHE B 207 28.29 -20.51 -16.93
C PHE B 207 26.86 -20.60 -16.38
N ASN B 208 26.73 -20.50 -15.07
CA ASN B 208 25.44 -20.53 -14.41
C ASN B 208 25.25 -19.29 -13.56
N VAL B 209 24.05 -18.73 -13.63
CA VAL B 209 23.66 -17.64 -12.74
C VAL B 209 22.89 -18.28 -11.59
N LEU B 210 23.52 -18.29 -10.41
CA LEU B 210 22.92 -18.88 -9.22
C LEU B 210 22.05 -17.80 -8.63
N MET B 211 20.76 -17.87 -8.93
CA MET B 211 19.82 -16.84 -8.55
C MET B 211 19.39 -16.91 -7.11
N TYR B 212 19.22 -18.13 -6.62
CA TYR B 212 18.82 -18.33 -5.24
C TYR B 212 19.59 -19.50 -4.64
N PRO B 213 20.57 -19.19 -3.76
CA PRO B 213 21.26 -20.22 -3.00
C PRO B 213 20.29 -21.16 -2.32
N GLU B 214 19.22 -20.63 -1.73
CA GLU B 214 18.31 -21.50 -0.98
C GLU B 214 17.77 -22.66 -1.82
N THR B 215 17.53 -22.42 -3.11
CA THR B 215 16.95 -23.46 -3.99
C THR B 215 17.78 -23.82 -5.23
N GLY B 216 19.05 -23.44 -5.27
CA GLY B 216 19.91 -23.77 -6.40
C GLY B 216 21.32 -24.19 -6.02
N GLU B 217 21.76 -23.79 -4.83
CA GLU B 217 23.13 -24.02 -4.31
C GLU B 217 23.76 -25.38 -4.71
N SER B 218 23.00 -26.44 -4.55
CA SER B 218 23.53 -27.79 -4.74
C SER B 218 23.71 -28.19 -6.20
N ALA B 219 22.87 -27.64 -7.06
CA ALA B 219 22.90 -27.98 -8.48
C ALA B 219 23.89 -27.09 -9.22
N ALA B 220 24.15 -25.90 -8.68
CA ALA B 220 25.20 -25.05 -9.18
C ALA B 220 26.51 -25.75 -8.93
N ARG B 221 26.62 -26.33 -7.73
CA ARG B 221 27.84 -26.99 -7.26
C ARG B 221 28.13 -28.28 -8.03
N HIS B 222 27.08 -29.02 -8.39
CA HIS B 222 27.26 -30.22 -9.18
C HIS B 222 27.68 -29.85 -10.59
N LEU B 223 27.12 -28.78 -11.12
CA LEU B 223 27.46 -28.34 -12.46
C LEU B 223 28.85 -27.71 -12.56
N GLU B 224 29.42 -27.33 -11.43
CA GLU B 224 30.80 -26.89 -11.42
C GLU B 224 31.70 -28.13 -11.40
N ARG B 225 31.36 -29.11 -10.55
CA ARG B 225 32.05 -30.39 -10.54
C ARG B 225 31.99 -31.01 -11.94
N ALA B 226 30.78 -31.24 -12.45
CA ALA B 226 30.56 -32.09 -13.62
C ALA B 226 30.77 -31.41 -14.97
N CYS B 227 30.16 -30.23 -15.16
CA CYS B 227 30.21 -29.53 -16.44
C CYS B 227 31.23 -28.42 -16.47
N LYS B 228 32.08 -28.38 -15.44
CA LYS B 228 33.09 -27.33 -15.29
C LYS B 228 32.54 -25.89 -15.41
N GLN B 229 31.26 -25.71 -15.13
CA GLN B 229 30.64 -24.38 -15.24
C GLN B 229 30.75 -23.59 -13.94
N PRO B 230 31.46 -22.44 -13.97
CA PRO B 230 31.43 -21.60 -12.77
C PRO B 230 30.04 -21.02 -12.57
N PHE B 231 29.66 -20.80 -11.33
CA PHE B 231 28.38 -20.18 -11.04
C PHE B 231 28.59 -18.91 -10.26
N THR B 232 27.71 -17.94 -10.45
CA THR B 232 27.86 -16.62 -9.83
C THR B 232 27.63 -16.67 -8.34
N LYS B 233 28.46 -15.97 -7.58
CA LYS B 233 28.28 -15.95 -6.13
C LYS B 233 27.62 -14.63 -5.67
N ILE B 234 27.18 -13.78 -6.60
CA ILE B 234 26.52 -12.55 -6.18
C ILE B 234 25.08 -12.45 -6.69
N VAL B 235 24.14 -12.21 -5.79
CA VAL B 235 22.72 -12.12 -6.15
C VAL B 235 22.27 -10.68 -6.42
N PRO B 236 21.91 -10.38 -7.68
CA PRO B 236 21.64 -9.01 -8.12
C PRO B 236 20.35 -8.39 -7.57
N ILE B 237 20.31 -8.20 -6.26
CA ILE B 237 19.22 -7.47 -5.62
C ILE B 237 19.78 -6.14 -5.13
N GLY B 238 19.39 -5.06 -5.82
CA GLY B 238 19.89 -3.72 -5.53
C GLY B 238 20.94 -3.28 -6.54
N VAL B 239 21.22 -1.98 -6.56
CA VAL B 239 22.15 -1.37 -7.52
C VAL B 239 23.59 -1.88 -7.36
N GLY B 240 24.18 -1.63 -6.19
CA GLY B 240 25.50 -2.17 -5.86
C GLY B 240 25.67 -3.63 -6.20
N ALA B 241 24.73 -4.47 -5.76
CA ALA B 241 24.74 -5.90 -6.07
C ALA B 241 24.75 -6.19 -7.58
N THR B 242 23.80 -5.60 -8.30
CA THR B 242 23.67 -5.78 -9.74
C THR B 242 24.98 -5.45 -10.46
N ARG B 243 25.58 -4.33 -10.04
CA ARG B 243 26.84 -3.83 -10.62
C ARG B 243 27.99 -4.80 -10.37
N ASP B 244 28.02 -5.36 -9.17
CA ASP B 244 29.07 -6.29 -8.82
C ASP B 244 28.83 -7.56 -9.60
N PHE B 245 27.61 -8.08 -9.49
CA PHE B 245 27.17 -9.23 -10.28
C PHE B 245 27.57 -9.14 -11.77
N LEU B 246 27.19 -8.04 -12.42
CA LEU B 246 27.51 -7.85 -13.84
C LEU B 246 29.01 -7.94 -14.06
N ALA B 247 29.78 -7.36 -13.15
CA ALA B 247 31.24 -7.41 -13.23
C ALA B 247 31.80 -8.81 -12.89
N GLU B 248 31.09 -9.55 -12.06
CA GLU B 248 31.43 -10.95 -11.80
C GLU B 248 31.27 -11.74 -13.09
N VAL B 249 30.12 -11.54 -13.74
CA VAL B 249 29.79 -12.18 -14.99
C VAL B 249 30.81 -11.83 -16.05
N SER B 250 31.15 -10.54 -16.10
CA SER B 250 32.19 -10.08 -17.00
C SER B 250 33.48 -10.86 -16.83
N LYS B 251 33.92 -11.04 -15.58
CA LYS B 251 35.19 -11.72 -15.29
C LYS B 251 35.13 -13.19 -15.72
N ILE B 252 34.00 -13.82 -15.41
CA ILE B 252 33.73 -15.22 -15.76
C ILE B 252 33.77 -15.47 -17.27
N THR B 253 33.73 -14.41 -18.08
CA THR B 253 33.41 -14.55 -19.51
C THR B 253 34.24 -13.71 -20.47
N GLY B 254 34.77 -12.59 -19.99
CA GLY B 254 35.56 -11.71 -20.86
C GLY B 254 34.81 -10.59 -21.59
N LEU B 255 33.48 -10.64 -21.57
CA LEU B 255 32.68 -9.63 -22.25
C LEU B 255 32.62 -8.34 -21.45
N PRO B 256 32.59 -7.17 -22.13
CA PRO B 256 32.49 -5.92 -21.36
C PRO B 256 31.09 -5.72 -20.73
N VAL B 257 31.05 -5.14 -19.53
CA VAL B 257 29.80 -4.78 -18.86
C VAL B 257 29.05 -3.66 -19.62
N VAL B 258 27.85 -3.97 -20.10
CA VAL B 258 27.03 -3.03 -20.84
C VAL B 258 25.68 -2.87 -20.12
N THR B 259 25.46 -1.71 -19.53
CA THR B 259 24.26 -1.49 -18.75
C THR B 259 23.31 -0.56 -19.50
N ASP B 260 22.02 -0.88 -19.46
CA ASP B 260 21.00 0.10 -19.83
C ASP B 260 20.39 0.72 -18.56
N GLU B 261 20.82 1.94 -18.29
CA GLU B 261 20.49 2.63 -17.06
C GLU B 261 19.37 3.65 -17.26
N SER B 262 18.69 3.57 -18.40
CA SER B 262 17.74 4.60 -18.81
C SER B 262 16.46 4.68 -17.96
N THR B 263 16.05 3.57 -17.35
CA THR B 263 14.90 3.61 -16.44
C THR B 263 15.30 3.41 -14.98
N LEU B 264 16.58 3.24 -14.74
CA LEU B 264 17.10 3.17 -13.37
C LEU B 264 16.86 4.52 -12.67
N ARG B 265 15.95 4.53 -11.70
CA ARG B 265 15.50 5.77 -11.06
C ARG B 265 15.82 5.86 -9.58
N GLN B 266 15.98 4.70 -8.95
CA GLN B 266 16.15 4.64 -7.51
C GLN B 266 17.31 5.50 -6.99
N PRO B 267 18.51 5.44 -7.62
CA PRO B 267 19.62 6.28 -7.12
C PRO B 267 19.26 7.74 -6.95
N TRP B 268 18.55 8.31 -7.93
CA TRP B 268 18.13 9.72 -7.87
C TRP B 268 16.96 9.98 -6.91
N TRP B 269 15.95 9.12 -6.94
CA TRP B 269 14.88 9.17 -5.95
C TRP B 269 15.48 9.23 -4.54
N SER B 270 16.47 8.37 -4.32
CA SER B 270 17.19 8.30 -3.05
C SER B 270 18.05 9.51 -2.83
N ALA B 271 18.58 10.08 -3.90
CA ALA B 271 19.45 11.26 -3.78
C ALA B 271 18.66 12.49 -3.39
N SER B 272 17.50 12.70 -4.02
CA SER B 272 16.70 13.90 -3.84
C SER B 272 16.44 14.31 -2.38
N VAL B 273 16.18 15.60 -2.16
CA VAL B 273 15.89 16.15 -0.84
C VAL B 273 14.61 15.63 -0.18
N ASP B 274 13.72 15.01 -0.95
CA ASP B 274 12.53 14.39 -0.35
C ASP B 274 12.97 13.22 0.54
N SER B 275 14.09 12.60 0.17
CA SER B 275 14.57 11.40 0.82
C SER B 275 15.41 11.67 2.07
N THR B 276 15.85 12.92 2.29
CA THR B 276 16.79 13.22 3.39
C THR B 276 16.32 12.72 4.74
N TYR B 277 15.06 12.90 5.05
CA TYR B 277 14.50 12.39 6.31
C TYR B 277 14.62 10.86 6.49
N LEU B 278 15.00 10.13 5.44
CA LEU B 278 15.23 8.68 5.58
C LEU B 278 16.54 8.37 6.34
N THR B 279 17.44 9.35 6.41
CA THR B 279 18.79 9.13 6.96
C THR B 279 18.73 8.74 8.43
N GLY B 280 19.41 7.66 8.75
CA GLY B 280 19.49 7.22 10.13
C GLY B 280 18.31 6.41 10.62
N LYS B 281 17.26 6.28 9.82
CA LYS B 281 16.12 5.51 10.25
C LYS B 281 16.52 4.09 10.63
N ARG B 282 16.10 3.68 11.82
CA ARG B 282 16.47 2.39 12.37
C ARG B 282 15.61 1.29 11.78
N VAL B 283 16.24 0.39 11.03
CA VAL B 283 15.51 -0.68 10.38
C VAL B 283 15.91 -2.08 10.87
N PHE B 284 14.89 -2.93 11.01
CA PHE B 284 15.06 -4.34 11.36
C PHE B 284 14.77 -5.23 10.15
N ILE B 285 15.73 -6.07 9.79
CA ILE B 285 15.64 -6.84 8.54
C ILE B 285 15.58 -8.34 8.83
N PHE B 286 14.58 -9.03 8.29
CA PHE B 286 14.36 -10.46 8.56
C PHE B 286 13.66 -11.15 7.39
N GLY B 287 13.90 -12.44 7.23
CA GLY B 287 13.36 -13.18 6.07
C GLY B 287 14.31 -14.31 5.80
N ASP B 288 14.43 -14.76 4.56
CA ASP B 288 15.47 -15.75 4.25
C ASP B 288 16.83 -15.11 3.92
N GLY B 289 17.89 -15.85 4.25
CA GLY B 289 19.27 -15.46 4.00
C GLY B 289 19.44 -14.46 2.86
N THR B 290 19.14 -14.92 1.64
CA THR B 290 19.46 -14.15 0.43
C THR B 290 18.91 -12.72 0.45
N HIS B 291 17.65 -12.59 0.82
CA HIS B 291 16.99 -11.30 0.77
C HIS B 291 17.39 -10.41 1.92
N VAL B 292 17.66 -11.01 3.06
CA VAL B 292 18.14 -10.26 4.21
C VAL B 292 19.49 -9.63 3.91
N ILE B 293 20.46 -10.44 3.46
CA ILE B 293 21.77 -9.96 3.09
C ILE B 293 21.63 -8.84 2.07
N ALA B 294 20.80 -9.07 1.05
CA ALA B 294 20.65 -8.12 -0.03
C ALA B 294 20.04 -6.81 0.48
N ALA B 295 18.95 -6.94 1.24
CA ALA B 295 18.20 -5.79 1.74
C ALA B 295 19.07 -4.84 2.57
N ALA B 296 19.90 -5.43 3.44
CA ALA B 296 20.76 -4.66 4.35
C ALA B 296 21.81 -3.81 3.65
N ARG B 297 22.21 -4.18 2.44
CA ARG B 297 23.13 -3.36 1.69
C ARG B 297 22.38 -2.18 1.10
N ILE B 298 21.18 -2.46 0.55
CA ILE B 298 20.31 -1.39 0.04
C ILE B 298 19.96 -0.40 1.16
N ALA B 299 19.53 -0.94 2.30
CA ALA B 299 19.17 -0.16 3.48
C ALA B 299 20.30 0.75 3.95
N ALA B 300 21.50 0.19 4.11
CA ALA B 300 22.63 0.95 4.64
C ALA B 300 23.26 1.87 3.60
N LYS B 301 23.68 1.28 2.48
CA LYS B 301 24.55 2.00 1.55
C LYS B 301 23.79 2.70 0.41
N GLU B 302 22.53 2.35 0.19
CA GLU B 302 21.81 2.98 -0.93
C GLU B 302 20.68 3.93 -0.49
N VAL B 303 20.00 3.59 0.61
CA VAL B 303 18.90 4.38 1.16
C VAL B 303 19.32 5.27 2.34
N GLY B 304 20.30 4.81 3.11
CA GLY B 304 20.84 5.60 4.23
C GLY B 304 20.15 5.32 5.55
N PHE B 305 19.40 4.23 5.58
CA PHE B 305 18.90 3.69 6.83
C PHE B 305 20.08 3.18 7.66
N GLU B 306 19.77 2.85 8.90
CA GLU B 306 20.73 2.27 9.79
C GLU B 306 20.20 0.91 10.23
N VAL B 307 20.91 -0.12 9.81
CA VAL B 307 20.52 -1.49 10.12
C VAL B 307 20.79 -1.76 11.59
N VAL B 308 19.72 -2.14 12.29
CA VAL B 308 19.72 -2.23 13.73
C VAL B 308 19.42 -3.68 14.14
N GLY B 309 19.10 -4.51 13.14
CA GLY B 309 18.93 -5.96 13.33
C GLY B 309 18.89 -6.72 12.02
N MET B 310 19.56 -7.86 11.98
CA MET B 310 19.59 -8.73 10.80
C MET B 310 19.39 -10.19 11.20
N GLY B 311 18.58 -10.91 10.45
CA GLY B 311 18.44 -12.35 10.68
C GLY B 311 17.69 -13.11 9.61
N CYS B 312 17.67 -14.43 9.75
CA CYS B 312 16.94 -15.32 8.82
C CYS B 312 16.46 -16.58 9.52
N TYR B 313 15.58 -17.33 8.85
CA TYR B 313 14.96 -18.52 9.46
C TYR B 313 15.53 -19.81 8.94
N ASN B 314 16.52 -19.70 8.06
CA ASN B 314 17.11 -20.85 7.37
C ASN B 314 18.60 -21.06 7.68
N ARG B 315 18.85 -21.93 8.66
CA ARG B 315 20.17 -22.41 9.07
C ARG B 315 21.17 -22.60 7.93
N GLU B 316 20.67 -23.02 6.78
CA GLU B 316 21.49 -23.20 5.59
C GLU B 316 22.12 -21.91 5.01
N MET B 317 21.75 -20.74 5.55
CA MET B 317 22.37 -19.45 5.15
C MET B 317 23.06 -18.74 6.32
N ALA B 318 23.28 -19.46 7.40
CA ALA B 318 23.80 -18.86 8.63
C ALA B 318 25.21 -18.28 8.47
N ARG B 319 26.06 -18.99 7.73
CA ARG B 319 27.43 -18.56 7.50
C ARG B 319 27.50 -17.27 6.66
N PRO B 320 26.79 -17.22 5.52
CA PRO B 320 26.75 -15.99 4.78
C PRO B 320 26.12 -14.84 5.58
N LEU B 321 25.00 -15.10 6.25
CA LEU B 321 24.39 -14.07 7.07
C LEU B 321 25.34 -13.51 8.13
N ARG B 322 26.00 -14.37 8.90
CA ARG B 322 26.93 -13.90 9.93
C ARG B 322 28.08 -13.05 9.36
N THR B 323 28.62 -13.47 8.23
CA THR B 323 29.65 -12.68 7.54
C THR B 323 29.17 -11.26 7.36
N ALA B 324 27.95 -11.12 6.85
CA ALA B 324 27.41 -9.80 6.56
C ALA B 324 27.08 -9.00 7.83
N ALA B 325 26.26 -9.57 8.72
CA ALA B 325 25.86 -8.84 9.94
C ALA B 325 27.03 -8.11 10.60
N ALA B 326 28.17 -8.79 10.70
CA ALA B 326 29.37 -8.21 11.32
C ALA B 326 29.87 -6.96 10.60
N GLU B 327 29.63 -6.89 9.29
CA GLU B 327 29.97 -5.71 8.49
C GLU B 327 29.16 -4.51 8.91
N TYR B 328 28.07 -4.75 9.65
CA TYR B 328 27.26 -3.66 10.18
C TYR B 328 27.36 -3.52 11.70
N GLY B 329 28.28 -4.25 12.31
CA GLY B 329 28.50 -4.16 13.76
C GLY B 329 27.42 -4.91 14.53
N LEU B 330 26.80 -5.88 13.87
CA LEU B 330 25.66 -6.58 14.43
C LEU B 330 25.90 -8.08 14.55
N GLU B 331 25.14 -8.73 15.41
CA GLU B 331 25.18 -10.18 15.47
C GLU B 331 23.91 -10.77 14.86
N ALA B 332 24.07 -11.61 13.85
CA ALA B 332 22.94 -12.24 13.16
C ALA B 332 21.96 -12.93 14.10
N LEU B 333 20.67 -12.73 13.87
CA LEU B 333 19.64 -13.45 14.59
C LEU B 333 19.20 -14.67 13.77
N ILE B 334 19.72 -15.83 14.11
CA ILE B 334 19.29 -17.04 13.42
C ILE B 334 18.25 -17.73 14.29
N THR B 335 17.04 -17.84 13.76
CA THR B 335 15.97 -18.54 14.45
C THR B 335 14.84 -18.78 13.48
N ASP B 336 13.98 -19.76 13.82
CA ASP B 336 12.70 -19.94 13.14
C ASP B 336 11.49 -19.75 14.08
N ASP B 337 11.72 -19.36 15.33
CA ASP B 337 10.63 -19.10 16.26
C ASP B 337 10.18 -17.63 16.15
N TYR B 338 8.96 -17.42 15.67
CA TYR B 338 8.43 -16.06 15.49
C TYR B 338 8.45 -15.27 16.81
N LEU B 339 8.28 -15.96 17.93
CA LEU B 339 8.35 -15.33 19.25
C LEU B 339 9.72 -14.74 19.57
N GLU B 340 10.79 -15.39 19.11
N GLU B 340 10.77 -15.43 19.12
CA GLU B 340 12.14 -14.88 19.33
CA GLU B 340 12.16 -14.95 19.27
C GLU B 340 12.49 -13.73 18.38
C GLU B 340 12.39 -13.69 18.43
N VAL B 341 11.83 -13.70 17.20
CA VAL B 341 11.90 -12.55 16.28
C VAL B 341 11.24 -11.30 16.89
N GLU B 342 10.12 -11.54 17.57
CA GLU B 342 9.38 -10.47 18.21
C GLU B 342 10.14 -9.84 19.39
N LYS B 343 10.86 -10.66 20.16
CA LYS B 343 11.65 -10.12 21.25
C LYS B 343 12.78 -9.24 20.72
N ALA B 344 13.45 -9.70 19.66
CA ALA B 344 14.54 -8.97 19.04
C ALA B 344 14.10 -7.58 18.57
N ILE B 345 12.94 -7.52 17.91
CA ILE B 345 12.34 -6.25 17.47
C ILE B 345 12.00 -5.37 18.66
N GLU B 346 11.22 -5.88 19.60
CA GLU B 346 10.94 -5.14 20.82
C GLU B 346 12.24 -4.58 21.41
N ALA B 347 13.27 -5.42 21.57
CA ALA B 347 14.55 -4.96 22.10
C ALA B 347 15.27 -3.91 21.23
N ALA B 348 15.30 -4.14 19.91
CA ALA B 348 15.99 -3.23 18.99
C ALA B 348 15.26 -1.92 18.72
N ALA B 349 13.98 -1.85 19.10
CA ALA B 349 13.17 -0.62 19.00
C ALA B 349 13.36 0.11 17.65
N PRO B 350 13.02 -0.57 16.55
CA PRO B 350 13.30 -0.02 15.22
C PRO B 350 12.21 0.92 14.72
N GLU B 351 12.52 1.70 13.69
CA GLU B 351 11.56 2.61 13.08
C GLU B 351 10.83 2.00 11.89
N LEU B 352 11.49 1.05 11.21
CA LEU B 352 10.89 0.27 10.13
C LEU B 352 11.28 -1.21 10.24
N ILE B 353 10.37 -2.08 9.76
CA ILE B 353 10.59 -3.51 9.65
C ILE B 353 10.53 -4.00 8.19
N LEU B 354 11.59 -4.66 7.76
CA LEU B 354 11.62 -5.33 6.48
C LEU B 354 11.61 -6.80 6.84
N GLY B 355 10.53 -7.48 6.46
CA GLY B 355 10.40 -8.88 6.81
C GLY B 355 9.49 -9.71 5.95
N THR B 356 8.79 -10.59 6.64
CA THR B 356 7.97 -11.66 6.07
C THR B 356 6.52 -11.44 6.48
N GLN B 357 5.60 -12.19 5.89
CA GLN B 357 4.20 -12.02 6.26
C GLN B 357 4.00 -12.04 7.79
N MET B 358 4.86 -12.77 8.51
CA MET B 358 4.80 -12.81 9.97
C MET B 358 5.17 -11.45 10.55
N GLU B 359 6.23 -10.86 10.01
CA GLU B 359 6.68 -9.57 10.46
C GLU B 359 5.66 -8.47 10.11
N ARG B 360 4.94 -8.62 9.00
CA ARG B 360 3.87 -7.68 8.68
C ARG B 360 2.90 -7.56 9.86
N ASN B 361 2.65 -8.69 10.50
CA ASN B 361 1.71 -8.77 11.60
C ASN B 361 2.24 -8.37 12.97
N ILE B 362 3.48 -8.75 13.25
CA ILE B 362 4.17 -8.27 14.44
C ILE B 362 4.21 -6.74 14.38
N ALA B 363 4.56 -6.22 13.21
CA ALA B 363 4.67 -4.80 12.95
C ALA B 363 3.37 -4.10 13.25
N LYS B 364 2.28 -4.64 12.74
CA LYS B 364 0.98 -4.04 12.99
C LYS B 364 0.62 -4.11 14.46
N LYS B 365 0.74 -5.29 15.07
CA LYS B 365 0.53 -5.43 16.52
C LYS B 365 1.28 -4.33 17.27
N LEU B 366 2.54 -4.13 16.92
CA LEU B 366 3.41 -3.12 17.54
C LEU B 366 3.24 -1.68 17.06
N GLY B 367 2.39 -1.44 16.06
CA GLY B 367 2.21 -0.09 15.47
C GLY B 367 3.44 0.44 14.75
N LEU B 368 4.07 -0.43 13.95
CA LEU B 368 5.30 -0.08 13.23
C LEU B 368 5.15 -0.23 11.72
N PRO B 369 5.72 0.72 10.96
CA PRO B 369 5.77 0.64 9.51
C PRO B 369 6.45 -0.65 9.05
N CYS B 370 5.95 -1.24 7.98
CA CYS B 370 6.44 -2.53 7.53
C CYS B 370 6.30 -2.82 6.05
N ALA B 371 7.35 -3.42 5.49
CA ALA B 371 7.33 -3.94 4.12
C ALA B 371 7.87 -5.38 4.06
N VAL B 372 7.35 -6.15 3.10
CA VAL B 372 7.68 -7.57 2.96
C VAL B 372 8.85 -7.70 2.01
N ILE B 373 9.83 -8.55 2.34
CA ILE B 373 11.03 -8.69 1.48
C ILE B 373 11.38 -10.09 1.09
N SER B 374 10.62 -11.05 1.61
CA SER B 374 11.02 -12.45 1.57
C SER B 374 9.83 -13.34 1.86
N ALA B 375 9.78 -14.50 1.21
CA ALA B 375 8.87 -15.58 1.57
C ALA B 375 9.04 -15.92 3.05
N PRO B 376 8.04 -16.54 3.70
CA PRO B 376 6.70 -16.90 3.21
C PRO B 376 5.83 -15.65 3.05
N VAL B 377 4.77 -15.74 2.27
CA VAL B 377 4.07 -14.57 1.79
C VAL B 377 2.59 -14.84 1.45
N HIS B 378 1.70 -13.87 1.73
CA HIS B 378 0.28 -13.97 1.36
C HIS B 378 0.09 -13.92 -0.17
N VAL B 379 -1.16 -13.89 -0.64
CA VAL B 379 -1.42 -13.88 -2.09
C VAL B 379 -1.09 -12.53 -2.78
N GLN B 380 -1.29 -11.42 -2.05
CA GLN B 380 -1.00 -10.07 -2.55
C GLN B 380 0.43 -9.96 -3.07
N ASP B 381 1.37 -10.68 -2.46
CA ASP B 381 2.75 -10.64 -2.91
C ASP B 381 3.03 -11.64 -4.03
N PHE B 382 1.97 -12.12 -4.69
CA PHE B 382 2.08 -12.70 -6.05
C PHE B 382 1.27 -11.86 -7.04
N PRO B 383 1.83 -10.72 -7.44
CA PRO B 383 0.97 -9.72 -8.01
C PRO B 383 0.80 -9.85 -9.52
N ALA B 384 -0.19 -9.12 -10.04
CA ALA B 384 -0.46 -9.06 -11.45
C ALA B 384 0.63 -8.27 -12.13
N ARG B 385 0.96 -7.12 -11.57
CA ARG B 385 1.89 -6.21 -12.22
C ARG B 385 3.36 -6.69 -12.18
N TYR B 386 4.17 -6.12 -13.06
CA TYR B 386 5.60 -6.41 -13.07
C TYR B 386 6.18 -6.03 -11.72
N ALA B 387 6.68 -6.99 -10.97
CA ALA B 387 7.12 -6.70 -9.61
C ALA B 387 8.43 -7.37 -9.20
N PRO B 388 9.53 -7.18 -9.98
CA PRO B 388 10.76 -7.87 -9.65
C PRO B 388 11.39 -7.29 -8.40
N GLN B 389 12.30 -8.04 -7.77
CA GLN B 389 13.17 -7.49 -6.75
C GLN B 389 14.59 -7.37 -7.30
N MET B 390 14.87 -8.11 -8.36
CA MET B 390 16.22 -8.12 -8.93
C MET B 390 16.46 -7.07 -10.00
N GLY B 391 17.73 -6.75 -10.21
CA GLY B 391 18.17 -5.86 -11.27
C GLY B 391 17.77 -4.43 -11.05
N PHE B 392 17.79 -3.64 -12.14
CA PHE B 392 17.44 -2.21 -12.06
C PHE B 392 15.97 -1.90 -11.74
N GLU B 393 15.02 -2.54 -12.43
CA GLU B 393 13.61 -2.36 -12.08
C GLU B 393 13.31 -2.82 -10.67
N GLY B 394 13.97 -3.89 -10.23
CA GLY B 394 13.84 -4.32 -8.87
C GLY B 394 14.14 -3.15 -7.95
N ALA B 395 15.30 -2.54 -8.16
CA ALA B 395 15.74 -1.42 -7.33
C ALA B 395 14.73 -0.30 -7.27
N ASN B 396 14.00 -0.08 -8.36
CA ASN B 396 12.91 0.87 -8.35
C ASN B 396 11.78 0.38 -7.46
N VAL B 397 11.36 -0.87 -7.67
CA VAL B 397 10.24 -1.46 -6.96
C VAL B 397 10.53 -1.48 -5.46
N LEU B 398 11.71 -1.98 -5.10
CA LEU B 398 12.18 -1.96 -3.74
C LEU B 398 12.11 -0.56 -3.13
N PHE B 399 12.70 0.42 -3.79
CA PHE B 399 12.63 1.76 -3.26
C PHE B 399 11.17 2.14 -2.96
N ASP B 400 10.33 2.09 -3.98
CA ASP B 400 8.90 2.38 -3.86
C ASP B 400 8.26 1.70 -2.65
N THR B 401 8.44 0.38 -2.57
CA THR B 401 7.85 -0.48 -1.55
C THR B 401 8.21 -0.02 -0.16
N TRP B 402 9.50 0.23 0.04
CA TRP B 402 10.04 0.44 1.38
C TRP B 402 9.64 1.77 1.99
N VAL B 403 9.57 2.83 1.19
CA VAL B 403 9.30 4.15 1.74
C VAL B 403 7.80 4.36 1.93
N HIS B 404 7.03 3.49 1.28
CA HIS B 404 5.57 3.54 1.33
C HIS B 404 5.04 3.68 2.76
N PRO B 405 5.34 2.72 3.66
N PRO B 405 5.38 2.74 3.67
CA PRO B 405 4.61 2.65 4.94
CA PRO B 405 4.86 2.84 5.02
C PRO B 405 4.97 3.74 5.96
C PRO B 405 5.45 4.04 5.76
N LEU B 406 5.84 4.66 5.55
N LEU B 406 6.67 4.43 5.41
CA LEU B 406 6.33 5.73 6.42
CA LEU B 406 7.31 5.59 6.03
C LEU B 406 5.58 7.06 6.24
C LEU B 406 6.60 6.90 5.70
N VAL B 407 5.50 7.82 7.32
N VAL B 407 5.96 6.97 4.54
CA VAL B 407 5.06 9.22 7.26
CA VAL B 407 5.15 8.14 4.22
C VAL B 407 6.03 10.01 6.37
C VAL B 407 3.73 7.97 4.77
N MET B 408 5.54 11.11 5.80
N MET B 408 3.12 6.81 4.52
CA MET B 408 6.41 11.93 4.96
CA MET B 408 1.76 6.52 4.96
C MET B 408 7.01 13.11 5.73
C MET B 408 1.67 6.43 6.47
N GLY B 409 7.79 13.93 5.04
N GLY B 409 2.83 6.42 7.13
CA GLY B 409 8.45 15.08 5.67
CA GLY B 409 2.91 6.42 8.59
C GLY B 409 7.49 15.96 6.45
C GLY B 409 2.97 7.84 9.10
N LEU B 410 6.52 16.54 5.75
N LEU B 410 3.91 8.62 8.57
CA LEU B 410 5.62 17.54 6.34
CA LEU B 410 4.01 10.04 8.88
C LEU B 410 4.97 17.04 7.63
C LEU B 410 2.77 10.76 8.37
N GLU B 411 4.29 15.91 7.57
N GLU B 411 2.18 10.23 7.29
CA GLU B 411 3.64 15.35 8.74
CA GLU B 411 0.94 10.78 6.75
C GLU B 411 4.66 15.21 9.89
C GLU B 411 -0.21 10.52 7.74
N GLU B 412 5.74 14.46 9.65
N GLU B 412 0.02 9.57 8.64
CA GLU B 412 6.78 14.19 10.66
CA GLU B 412 -0.93 9.34 9.74
C GLU B 412 6.97 15.38 11.59
C GLU B 412 -0.47 10.05 11.01
N HIS B 413 7.10 16.57 11.01
N HIS B 413 0.69 9.63 11.53
CA HIS B 413 7.29 17.80 11.79
CA HIS B 413 1.26 10.22 12.75
C HIS B 413 5.99 18.19 12.47
C HIS B 413 1.29 11.76 12.76
N LEU B 414 4.95 18.34 11.67
N LEU B 414 0.33 12.35 12.06
CA LEU B 414 3.61 18.51 12.21
CA LEU B 414 0.17 13.81 12.11
C LEU B 414 3.20 17.24 12.95
C LEU B 414 -1.17 14.28 11.54
N LEU B 415 -2.08 13.34 11.33
CA LEU B 415 -3.45 13.68 10.98
C LEU B 415 -4.20 14.05 12.27
N THR B 416 -3.94 13.29 13.33
CA THR B 416 -4.41 13.69 14.67
C THR B 416 -3.34 14.59 15.30
N MET B 417 -2.19 14.67 14.64
CA MET B 417 -1.23 15.71 14.97
C MET B 417 -1.94 17.07 14.80
N PHE B 418 -3.04 17.06 14.06
CA PHE B 418 -3.81 18.26 13.83
C PHE B 418 -5.20 18.07 14.37
N ARG B 419 -5.80 16.94 14.06
CA ARG B 419 -7.17 16.73 14.44
C ARG B 419 -7.45 17.53 15.71
N THR C 20 38.94 39.03 13.45
CA THR C 20 38.43 37.63 13.31
C THR C 20 36.88 37.51 13.37
N PHE C 21 36.26 38.27 14.29
CA PHE C 21 34.80 38.29 14.48
C PHE C 21 34.22 39.71 14.48
N GLY C 22 33.32 40.00 13.55
CA GLY C 22 32.63 41.30 13.51
C GLY C 22 32.25 41.72 12.11
N CYS C 23 30.94 41.86 11.88
CA CYS C 23 30.41 42.27 10.59
C CYS C 23 29.60 43.56 10.64
N THR C 24 29.74 44.33 11.72
CA THR C 24 28.88 45.50 11.93
C THR C 24 29.05 46.54 10.83
N ASP C 25 30.30 46.73 10.39
CA ASP C 25 30.60 47.68 9.33
C ASP C 25 30.75 47.07 7.92
N SER C 26 30.23 45.86 7.76
CA SER C 26 30.22 45.18 6.46
C SER C 26 29.30 45.88 5.48
N PRO C 27 29.80 46.14 4.25
CA PRO C 27 28.90 46.61 3.21
C PRO C 27 28.00 45.47 2.75
N VAL C 28 26.70 45.72 2.67
CA VAL C 28 25.76 44.67 2.25
C VAL C 28 25.22 44.93 0.84
N ARG C 29 25.47 43.98 -0.07
CA ARG C 29 24.94 44.05 -1.42
C ARG C 29 23.42 44.06 -1.42
N ARG C 30 22.85 45.17 -1.86
CA ARG C 30 21.40 45.25 -2.09
C ARG C 30 21.16 44.96 -3.57
N GLU C 31 20.19 44.12 -3.85
CA GLU C 31 20.13 43.44 -5.14
C GLU C 31 18.69 43.00 -5.44
N ARG C 32 18.03 43.65 -6.40
CA ARG C 32 16.74 43.18 -6.92
C ARG C 32 16.96 42.40 -8.22
N GLY C 33 15.92 41.71 -8.70
CA GLY C 33 16.02 40.94 -9.94
C GLY C 33 14.99 39.83 -9.88
N GLN C 34 15.28 38.72 -10.57
CA GLN C 34 14.42 37.53 -10.49
C GLN C 34 14.57 36.90 -9.10
N LYS C 35 13.44 36.50 -8.51
CA LYS C 35 13.40 36.09 -7.10
C LYS C 35 12.60 34.81 -6.85
N ALA C 36 13.28 33.78 -6.39
CA ALA C 36 12.62 32.56 -5.93
C ALA C 36 12.30 32.67 -4.45
N VAL C 37 11.13 33.20 -4.13
CA VAL C 37 10.74 33.36 -2.72
C VAL C 37 9.25 33.08 -2.53
N PHE C 38 8.84 32.94 -1.28
CA PHE C 38 7.43 32.72 -0.96
C PHE C 38 6.76 34.04 -0.57
N CYS C 39 5.47 34.19 -0.86
CA CYS C 39 4.74 35.36 -0.39
C CYS C 39 4.37 35.17 1.09
N GLY C 40 4.04 36.29 1.75
CA GLY C 40 3.62 36.28 3.15
C GLY C 40 2.45 35.36 3.47
N LEU C 41 1.53 35.23 2.52
CA LEU C 41 0.48 34.22 2.61
C LEU C 41 0.90 32.96 3.35
N THR C 42 2.05 32.38 2.96
CA THR C 42 2.53 31.12 3.56
C THR C 42 2.56 31.13 5.06
N SER C 43 2.81 32.29 5.67
CA SER C 43 2.85 32.36 7.12
C SER C 43 1.59 31.74 7.76
N ILE C 44 0.46 31.81 7.06
CA ILE C 44 -0.78 31.24 7.58
C ILE C 44 -0.56 29.77 7.94
N VAL C 45 0.18 29.09 7.09
CA VAL C 45 0.37 27.65 7.20
C VAL C 45 0.85 27.21 8.58
N TRP C 46 1.59 28.06 9.30
CA TRP C 46 1.98 27.74 10.67
C TRP C 46 1.31 28.62 11.73
N LEU C 47 0.99 29.85 11.36
CA LEU C 47 0.34 30.79 12.26
C LEU C 47 -1.02 30.26 12.79
N HIS C 48 -1.79 29.65 11.88
CA HIS C 48 -3.11 29.11 12.21
C HIS C 48 -3.00 27.98 13.22
N ARG C 49 -1.84 27.32 13.25
CA ARG C 49 -1.54 26.29 14.24
C ARG C 49 -1.38 26.86 15.64
N LYS C 50 -0.58 27.91 15.77
CA LYS C 50 -0.34 28.50 17.08
C LYS C 50 -1.57 29.26 17.55
N MET C 51 -2.17 30.05 16.67
CA MET C 51 -3.33 30.86 17.03
C MET C 51 -4.59 30.06 16.88
N GLN C 52 -5.24 29.77 18.00
CA GLN C 52 -6.21 28.68 18.09
C GLN C 52 -7.66 29.03 17.84
N ASP C 53 -8.07 30.24 18.21
CA ASP C 53 -9.45 30.64 17.97
C ASP C 53 -9.48 31.67 16.84
N ALA C 54 -8.42 31.63 16.04
CA ALA C 54 -8.26 32.51 14.89
C ALA C 54 -8.63 31.81 13.58
N PHE C 55 -8.90 32.61 12.56
CA PHE C 55 -9.17 32.10 11.22
C PHE C 55 -8.63 33.07 10.16
N PHE C 56 -7.92 32.51 9.18
CA PHE C 56 -7.29 33.32 8.15
C PHE C 56 -7.96 33.13 6.80
N LEU C 57 -8.67 34.15 6.38
CA LEU C 57 -9.33 34.13 5.11
C LEU C 57 -8.54 35.04 4.21
N VAL C 58 -7.94 34.45 3.19
CA VAL C 58 -7.24 35.24 2.20
C VAL C 58 -8.27 35.71 1.19
N VAL C 59 -8.20 36.99 0.83
CA VAL C 59 -8.97 37.45 -0.30
C VAL C 59 -8.01 37.52 -1.47
N GLY C 60 -8.17 36.58 -2.39
CA GLY C 60 -7.20 36.44 -3.47
C GLY C 60 -7.74 35.63 -4.62
N SER C 61 -6.84 35.23 -5.51
CA SER C 61 -7.24 34.43 -6.66
C SER C 61 -7.12 32.94 -6.35
N ARG C 62 -7.48 32.12 -7.33
CA ARG C 62 -7.27 30.68 -7.26
C ARG C 62 -5.79 30.34 -6.96
N THR C 63 -4.88 31.15 -7.50
CA THR C 63 -3.44 30.96 -7.31
C THR C 63 -3.12 30.93 -5.83
N CYS C 64 -3.68 31.86 -5.08
CA CYS C 64 -3.41 31.98 -3.65
C CYS C 64 -3.99 30.80 -2.89
N ALA C 65 -5.16 30.33 -3.29
CA ALA C 65 -5.77 29.13 -2.72
C ALA C 65 -4.84 27.96 -2.95
N HIS C 66 -4.36 27.85 -4.19
CA HIS C 66 -3.41 26.82 -4.63
C HIS C 66 -2.11 26.79 -3.84
N LEU C 67 -1.56 27.95 -3.52
CA LEU C 67 -0.31 28.02 -2.77
C LEU C 67 -0.55 27.42 -1.40
N LEU C 68 -1.49 28.02 -0.66
CA LEU C 68 -1.86 27.52 0.66
C LEU C 68 -2.16 26.03 0.62
N GLN C 69 -2.84 25.57 -0.42
CA GLN C 69 -3.19 24.17 -0.48
C GLN C 69 -1.95 23.28 -0.64
N ALA C 70 -0.99 23.72 -1.46
CA ALA C 70 0.23 22.96 -1.69
C ALA C 70 1.16 23.07 -0.47
N ALA C 71 1.35 24.31 0.00
CA ALA C 71 2.14 24.59 1.22
C ALA C 71 1.68 23.80 2.45
N ALA C 72 0.40 23.89 2.81
CA ALA C 72 -0.15 23.18 3.96
C ALA C 72 0.16 21.69 3.89
N GLY C 73 0.15 21.15 2.67
CA GLY C 73 0.42 19.73 2.43
C GLY C 73 -0.76 18.93 2.94
N VAL C 74 -0.51 17.95 3.79
CA VAL C 74 -1.59 17.17 4.40
C VAL C 74 -2.43 17.97 5.41
N MET C 75 -1.88 19.09 5.88
CA MET C 75 -2.63 19.94 6.79
C MET C 75 -3.99 20.34 6.21
N ILE C 76 -4.05 20.57 4.89
CA ILE C 76 -5.30 20.88 4.17
C ILE C 76 -6.50 19.95 4.49
N PHE C 77 -6.21 18.67 4.75
CA PHE C 77 -7.23 17.66 5.02
C PHE C 77 -7.68 17.67 6.48
N ALA C 78 -6.92 18.39 7.31
CA ALA C 78 -7.17 18.42 8.74
C ALA C 78 -8.14 19.52 9.12
N GLU C 79 -9.04 19.86 8.19
CA GLU C 79 -10.03 20.94 8.37
C GLU C 79 -9.47 22.15 9.10
N PRO C 80 -8.41 22.77 8.55
CA PRO C 80 -7.69 23.80 9.31
C PRO C 80 -8.47 25.12 9.35
N ARG C 81 -7.94 26.10 10.09
CA ARG C 81 -8.63 27.36 10.27
C ARG C 81 -8.16 28.43 9.29
N PHE C 82 -8.23 28.11 8.00
CA PHE C 82 -7.95 29.07 6.95
C PHE C 82 -8.61 28.65 5.65
N GLY C 83 -8.81 29.61 4.75
CA GLY C 83 -9.35 29.36 3.42
C GLY C 83 -9.05 30.56 2.56
N THR C 84 -9.44 30.48 1.30
CA THR C 84 -9.35 31.62 0.39
C THR C 84 -10.75 31.97 -0.13
N ALA C 85 -11.11 33.25 -0.09
CA ALA C 85 -12.30 33.73 -0.77
C ALA C 85 -11.86 34.05 -2.18
N VAL C 86 -11.95 33.10 -3.10
CA VAL C 86 -11.39 33.34 -4.43
C VAL C 86 -12.28 34.22 -5.29
N LEU C 87 -11.65 35.21 -5.91
CA LEU C 87 -12.33 36.20 -6.73
C LEU C 87 -12.87 35.59 -8.01
N GLU C 88 -13.97 36.17 -8.48
CA GLU C 88 -14.61 35.76 -9.72
C GLU C 88 -14.68 36.96 -10.65
N GLU C 89 -14.98 36.71 -11.92
CA GLU C 89 -15.04 37.76 -12.93
C GLU C 89 -15.87 38.94 -12.43
N GLN C 90 -17.10 38.65 -12.01
CA GLN C 90 -18.02 39.61 -11.41
C GLN C 90 -17.41 40.52 -10.31
N ASP C 91 -16.49 39.98 -9.51
CA ASP C 91 -15.90 40.73 -8.38
C ASP C 91 -14.81 41.70 -8.84
N LEU C 92 -14.16 41.36 -9.93
CA LEU C 92 -13.01 42.13 -10.45
C LEU C 92 -13.28 43.60 -10.72
N ALA C 93 -14.42 43.89 -11.32
CA ALA C 93 -14.78 45.25 -11.64
C ALA C 93 -15.87 45.82 -10.72
N GLY C 94 -15.73 47.09 -10.36
CA GLY C 94 -16.71 47.77 -9.52
C GLY C 94 -16.45 47.45 -8.07
N LEU C 95 -16.01 48.46 -7.33
CA LEU C 95 -15.46 48.22 -5.99
C LEU C 95 -16.45 48.35 -4.85
N ALA C 96 -17.62 48.93 -5.14
CA ALA C 96 -18.66 49.10 -4.13
C ALA C 96 -19.49 47.82 -3.94
N ASP C 97 -19.39 46.89 -4.90
CA ASP C 97 -20.12 45.64 -4.85
C ASP C 97 -19.18 44.57 -4.34
N ALA C 98 -17.89 44.80 -4.54
CA ALA C 98 -16.85 43.87 -4.10
C ALA C 98 -16.86 43.76 -2.57
N HIS C 99 -17.06 44.92 -1.92
CA HIS C 99 -17.14 45.00 -0.47
C HIS C 99 -18.41 44.35 0.07
N LYS C 100 -19.57 44.73 -0.46
CA LYS C 100 -20.85 44.16 -0.04
C LYS C 100 -20.94 42.62 -0.18
N GLU C 101 -20.39 42.07 -1.26
CA GLU C 101 -20.35 40.62 -1.46
C GLU C 101 -19.44 39.92 -0.44
N LEU C 102 -18.33 40.57 -0.10
CA LEU C 102 -17.42 40.02 0.87
C LEU C 102 -18.11 39.78 2.20
N ASP C 103 -18.76 40.82 2.73
CA ASP C 103 -19.46 40.71 4.02
C ASP C 103 -20.41 39.51 4.07
N ARG C 104 -21.00 39.20 2.92
CA ARG C 104 -21.85 38.02 2.77
C ARG C 104 -21.03 36.75 2.95
N GLU C 105 -19.85 36.71 2.34
CA GLU C 105 -18.97 35.56 2.52
C GLU C 105 -18.65 35.33 3.98
N VAL C 106 -18.30 36.41 4.66
CA VAL C 106 -17.85 36.37 6.05
C VAL C 106 -18.97 35.94 6.99
N ALA C 107 -20.10 36.64 6.92
CA ALA C 107 -21.27 36.29 7.71
C ALA C 107 -21.61 34.79 7.60
N LYS C 108 -21.60 34.27 6.36
CA LYS C 108 -21.86 32.87 6.10
C LYS C 108 -20.85 31.96 6.78
N LEU C 109 -19.57 32.31 6.64
CA LEU C 109 -18.44 31.60 7.27
C LEU C 109 -18.53 31.65 8.80
N LEU C 110 -18.71 32.86 9.32
CA LEU C 110 -18.71 33.16 10.75
C LEU C 110 -19.88 32.48 11.49
N GLU C 111 -21.01 32.37 10.80
CA GLU C 111 -22.22 31.76 11.34
C GLU C 111 -22.13 30.22 11.40
N ARG C 112 -21.21 29.64 10.63
CA ARG C 112 -21.00 28.19 10.63
C ARG C 112 -19.75 27.73 11.38
N ARG C 113 -19.04 28.66 12.02
CA ARG C 113 -17.89 28.32 12.88
C ARG C 113 -17.87 29.20 14.16
N PRO C 114 -18.85 29.03 15.06
CA PRO C 114 -18.93 29.95 16.22
C PRO C 114 -17.75 29.84 17.22
N ASP C 115 -16.87 28.85 17.00
CA ASP C 115 -15.71 28.57 17.88
C ASP C 115 -14.62 29.63 17.68
N ILE C 116 -14.78 30.45 16.65
CA ILE C 116 -13.79 31.44 16.26
C ILE C 116 -14.08 32.84 16.81
N ARG C 117 -13.04 33.44 17.41
CA ARG C 117 -13.15 34.78 18.00
C ARG C 117 -12.34 35.79 17.20
N GLN C 118 -11.36 35.31 16.43
CA GLN C 118 -10.45 36.18 15.65
C GLN C 118 -10.43 35.86 14.18
N LEU C 119 -10.83 36.81 13.35
CA LEU C 119 -10.79 36.61 11.91
C LEU C 119 -9.79 37.55 11.31
N PHE C 120 -8.91 37.00 10.47
CA PHE C 120 -7.92 37.82 9.77
C PHE C 120 -8.23 37.84 8.29
N LEU C 121 -8.57 39.02 7.79
CA LEU C 121 -8.65 39.24 6.35
C LEU C 121 -7.22 39.45 5.87
N VAL C 122 -6.70 38.48 5.13
CA VAL C 122 -5.32 38.54 4.68
C VAL C 122 -5.40 39.01 3.26
N GLY C 123 -4.57 39.99 2.93
CA GLY C 123 -4.55 40.61 1.59
C GLY C 123 -3.51 39.96 0.70
N SER C 124 -3.93 39.71 -0.54
CA SER C 124 -3.11 39.09 -1.57
C SER C 124 -2.76 40.11 -2.64
N CYS C 125 -2.01 39.71 -3.66
CA CYS C 125 -1.75 40.62 -4.78
C CYS C 125 -3.05 41.05 -5.46
N PRO C 126 -3.86 40.08 -5.94
CA PRO C 126 -5.05 40.50 -6.69
C PRO C 126 -5.96 41.43 -5.87
N SER C 127 -6.12 41.16 -4.58
CA SER C 127 -6.89 42.07 -3.71
C SER C 127 -6.26 43.48 -3.67
N GLU C 128 -4.94 43.53 -3.67
CA GLU C 128 -4.24 44.80 -3.62
C GLU C 128 -4.25 45.54 -4.94
N VAL C 129 -4.16 44.83 -6.06
CA VAL C 129 -4.20 45.50 -7.37
C VAL C 129 -5.59 46.05 -7.65
N LEU C 130 -6.62 45.26 -7.34
CA LEU C 130 -8.01 45.72 -7.38
C LEU C 130 -8.29 46.81 -6.35
N LYS C 131 -7.23 47.26 -5.68
CA LYS C 131 -7.29 48.27 -4.62
C LYS C 131 -8.44 48.06 -3.62
N LEU C 132 -8.64 46.80 -3.20
CA LEU C 132 -9.66 46.44 -2.20
C LEU C 132 -9.26 46.86 -0.80
N ASP C 133 -9.94 47.86 -0.24
CA ASP C 133 -9.59 48.38 1.07
C ASP C 133 -9.99 47.46 2.22
N LEU C 134 -9.17 46.42 2.40
CA LEU C 134 -9.40 45.37 3.40
C LEU C 134 -9.20 45.85 4.83
N ASP C 135 -8.42 46.91 5.01
CA ASP C 135 -8.31 47.57 6.32
C ASP C 135 -9.62 48.16 6.77
N ARG C 136 -10.39 48.65 5.80
CA ARG C 136 -11.71 49.20 6.11
C ARG C 136 -12.80 48.13 6.12
N ALA C 137 -12.61 47.07 5.34
CA ALA C 137 -13.49 45.91 5.42
C ALA C 137 -13.42 45.25 6.81
N ALA C 138 -12.21 45.11 7.34
CA ALA C 138 -11.99 44.60 8.69
C ALA C 138 -12.73 45.50 9.66
N GLU C 139 -12.47 46.79 9.54
CA GLU C 139 -13.13 47.87 10.28
C GLU C 139 -14.64 47.63 10.44
N ARG C 140 -15.38 47.64 9.33
CA ARG C 140 -16.85 47.57 9.42
C ARG C 140 -17.32 46.23 9.96
N LEU C 141 -16.58 45.17 9.66
CA LEU C 141 -16.93 43.81 10.10
C LEU C 141 -16.78 43.57 11.62
N SER C 142 -15.82 44.25 12.24
CA SER C 142 -15.64 44.19 13.70
C SER C 142 -16.89 44.75 14.38
N GLY C 143 -17.28 45.96 13.98
CA GLY C 143 -18.49 46.60 14.48
C GLY C 143 -19.74 45.78 14.23
N LEU C 144 -19.77 45.12 13.07
CA LEU C 144 -20.92 44.30 12.70
C LEU C 144 -21.00 42.98 13.46
N HIS C 145 -19.86 42.47 13.93
CA HIS C 145 -19.82 41.15 14.56
C HIS C 145 -19.31 41.12 16.02
N ALA C 146 -19.11 42.29 16.61
CA ALA C 146 -18.88 42.38 18.05
C ALA C 146 -20.13 41.91 18.84
N PRO C 147 -19.97 41.52 20.13
CA PRO C 147 -18.71 41.39 20.87
C PRO C 147 -17.98 40.08 20.58
N HIS C 148 -18.68 39.13 19.97
CA HIS C 148 -18.17 37.77 19.75
C HIS C 148 -16.89 37.67 18.93
N VAL C 149 -16.80 38.48 17.88
CA VAL C 149 -15.74 38.29 16.89
C VAL C 149 -15.07 39.59 16.50
N ARG C 150 -13.76 39.68 16.74
CA ARG C 150 -13.00 40.81 16.23
C ARG C 150 -12.25 40.39 14.98
N VAL C 151 -12.37 41.22 13.95
CA VAL C 151 -11.73 40.97 12.66
C VAL C 151 -10.69 42.06 12.32
N TYR C 152 -9.50 41.59 11.95
CA TYR C 152 -8.33 42.39 11.65
C TYR C 152 -8.05 42.36 10.15
N SER C 153 -7.06 43.12 9.70
CA SER C 153 -6.60 43.03 8.31
C SER C 153 -5.09 43.15 8.21
N TYR C 154 -4.50 42.36 7.32
CA TYR C 154 -3.08 42.53 7.05
C TYR C 154 -2.72 41.99 5.69
N THR C 155 -1.62 42.47 5.17
CA THR C 155 -1.13 42.13 3.85
C THR C 155 -0.23 40.90 3.92
N GLY C 156 -0.43 39.97 2.99
CA GLY C 156 0.49 38.85 2.88
C GLY C 156 0.88 38.61 1.44
N SER C 157 0.71 39.65 0.63
CA SER C 157 0.85 39.55 -0.82
C SER C 157 2.30 39.44 -1.26
N GLY C 158 2.48 38.91 -2.47
CA GLY C 158 3.78 38.90 -3.12
C GLY C 158 4.43 40.29 -3.22
N LEU C 159 3.63 41.32 -3.51
CA LEU C 159 4.17 42.66 -3.73
C LEU C 159 4.77 43.27 -2.47
N ASP C 160 4.35 42.77 -1.31
CA ASP C 160 4.76 43.32 -0.03
C ASP C 160 5.66 42.40 0.76
N THR C 161 5.39 41.09 0.73
CA THR C 161 6.03 40.22 1.72
C THR C 161 6.83 39.03 1.18
N THR C 162 7.85 38.65 1.93
CA THR C 162 8.64 37.47 1.64
C THR C 162 8.46 36.46 2.80
N PHE C 163 7.74 35.38 2.55
CA PHE C 163 7.70 34.25 3.48
C PHE C 163 7.28 34.64 4.92
N THR C 164 8.25 34.85 5.80
CA THR C 164 7.97 35.06 7.23
C THR C 164 7.42 36.45 7.55
N GLN C 165 7.58 37.40 6.63
CA GLN C 165 7.09 38.76 6.84
C GLN C 165 5.59 38.76 6.98
N GLY C 166 4.98 37.63 6.62
CA GLY C 166 3.54 37.43 6.81
C GLY C 166 3.19 37.41 8.27
N GLU C 167 4.03 36.78 9.09
CA GLU C 167 3.85 36.82 10.53
C GLU C 167 4.03 38.26 11.06
N ASP C 168 5.02 38.97 10.53
CA ASP C 168 5.30 40.35 10.95
C ASP C 168 4.04 41.20 10.85
N THR C 169 3.49 41.30 9.63
CA THR C 169 2.32 42.13 9.35
C THR C 169 1.07 41.66 10.11
N CYS C 170 0.96 40.35 10.31
CA CYS C 170 -0.15 39.79 11.06
C CYS C 170 -0.16 40.37 12.46
N LEU C 171 0.94 40.17 13.17
CA LEU C 171 1.04 40.58 14.56
C LEU C 171 0.94 42.11 14.69
N ALA C 172 1.65 42.82 13.83
CA ALA C 172 1.59 44.27 13.81
C ALA C 172 0.14 44.74 13.66
N ALA C 173 -0.71 43.91 13.04
CA ALA C 173 -2.12 44.23 12.88
C ALA C 173 -2.90 44.10 14.20
N MET C 174 -2.54 43.10 15.00
CA MET C 174 -3.17 42.90 16.29
C MET C 174 -2.76 43.94 17.32
N VAL C 175 -1.54 44.43 17.22
CA VAL C 175 -0.97 45.36 18.20
C VAL C 175 -1.85 46.60 18.53
N PRO C 176 -2.23 47.41 17.52
CA PRO C 176 -2.97 48.64 17.83
C PRO C 176 -4.18 48.41 18.71
N THR C 177 -4.79 47.23 18.61
CA THR C 177 -6.03 46.92 19.33
C THR C 177 -5.84 46.12 20.64
N LEU C 178 -4.61 45.88 21.05
CA LEU C 178 -4.37 45.16 22.31
C LEU C 178 -4.79 46.00 23.50
N ASP C 179 -4.94 45.35 24.66
CA ASP C 179 -5.31 46.05 25.90
C ASP C 179 -4.24 46.97 26.48
N THR C 180 -4.67 47.99 27.23
CA THR C 180 -3.76 48.97 27.86
C THR C 180 -3.39 48.57 29.29
N THR C 181 -2.18 48.91 29.73
CA THR C 181 -1.73 48.58 31.09
C THR C 181 -0.52 49.37 31.56
N GLU C 182 -0.55 49.82 32.82
CA GLU C 182 0.61 50.44 33.47
C GLU C 182 1.63 49.40 33.99
N ALA C 183 1.30 48.12 33.87
CA ALA C 183 2.15 47.02 34.32
C ALA C 183 3.53 47.00 33.63
N ALA C 184 4.51 46.46 34.32
CA ALA C 184 5.87 46.35 33.82
C ALA C 184 6.14 44.96 33.22
N GLU C 185 5.29 44.54 32.28
CA GLU C 185 5.33 43.16 31.75
C GLU C 185 6.43 42.91 30.71
N LEU C 186 6.81 41.64 30.55
CA LEU C 186 7.70 41.23 29.45
C LEU C 186 6.90 40.54 28.35
N ILE C 187 7.16 40.92 27.10
CA ILE C 187 6.51 40.27 25.97
C ILE C 187 7.52 39.65 25.03
N VAL C 188 7.41 38.33 24.82
CA VAL C 188 8.28 37.63 23.92
C VAL C 188 7.53 37.53 22.63
N VAL C 189 8.09 38.17 21.60
CA VAL C 189 7.38 38.35 20.36
C VAL C 189 7.84 37.35 19.31
N GLY C 190 6.86 36.86 18.56
CA GLY C 190 7.06 35.81 17.57
C GLY C 190 6.41 34.54 18.04
N ALA C 191 5.69 33.87 17.14
CA ALA C 191 5.09 32.56 17.41
C ALA C 191 6.17 31.51 17.36
N LEU C 192 6.22 30.69 18.41
CA LEU C 192 7.23 29.64 18.54
C LEU C 192 6.52 28.37 18.98
N PRO C 193 7.06 27.19 18.56
CA PRO C 193 6.39 25.94 18.93
C PRO C 193 6.11 25.86 20.44
N ASP C 194 5.02 25.18 20.80
CA ASP C 194 4.56 25.14 22.20
C ASP C 194 5.53 24.46 23.16
N VAL C 195 6.43 23.66 22.60
CA VAL C 195 7.48 23.02 23.38
C VAL C 195 8.50 24.07 23.79
N VAL C 196 9.05 24.77 22.79
CA VAL C 196 10.03 25.85 22.95
C VAL C 196 9.52 26.97 23.85
N GLU C 197 8.26 27.32 23.65
CA GLU C 197 7.60 28.36 24.42
C GLU C 197 7.68 28.13 25.92
N ASP C 198 7.33 26.93 26.36
CA ASP C 198 7.32 26.58 27.80
C ASP C 198 8.72 26.62 28.43
N GLN C 199 9.73 26.25 27.65
CA GLN C 199 11.12 26.26 28.08
C GLN C 199 11.53 27.69 28.42
N CYS C 200 11.20 28.58 27.49
CA CYS C 200 11.42 30.00 27.64
C CYS C 200 10.73 30.54 28.89
N LEU C 201 9.45 30.23 29.05
CA LEU C 201 8.66 30.68 30.21
C LEU C 201 9.28 30.22 31.53
N SER C 202 9.61 28.94 31.59
CA SER C 202 10.20 28.33 32.79
C SER C 202 11.56 28.92 33.16
N LEU C 203 12.39 29.20 32.15
CA LEU C 203 13.71 29.80 32.38
C LEU C 203 13.59 31.24 32.85
N LEU C 204 12.56 31.92 32.36
CA LEU C 204 12.30 33.29 32.75
C LEU C 204 11.71 33.39 34.16
N THR C 205 10.78 32.48 34.49
CA THR C 205 10.33 32.37 35.88
C THR C 205 11.53 31.99 36.78
N GLN C 206 12.40 31.08 36.30
CA GLN C 206 13.56 30.65 37.09
C GLN C 206 14.52 31.80 37.40
N LEU C 207 14.68 32.72 36.46
CA LEU C 207 15.51 33.90 36.67
C LEU C 207 14.81 34.99 37.50
N GLY C 208 13.52 34.77 37.78
CA GLY C 208 12.75 35.65 38.63
C GLY C 208 12.16 36.83 37.91
N VAL C 209 11.89 36.66 36.62
CA VAL C 209 11.27 37.72 35.82
C VAL C 209 9.82 37.37 35.44
N GLY C 210 8.90 38.31 35.70
CA GLY C 210 7.47 38.08 35.46
C GLY C 210 6.65 39.30 35.83
N PRO C 211 5.42 39.39 35.31
CA PRO C 211 4.81 38.38 34.43
C PRO C 211 5.28 38.52 32.98
N VAL C 212 5.30 37.38 32.28
CA VAL C 212 5.77 37.30 30.90
C VAL C 212 4.77 36.57 30.00
N ARG C 213 4.33 37.24 28.94
CA ARG C 213 3.36 36.66 28.01
C ARG C 213 3.99 36.54 26.62
N MET C 214 3.54 35.55 25.83
CA MET C 214 3.91 35.45 24.41
C MET C 214 2.98 36.25 23.52
N LEU C 215 3.51 36.73 22.41
CA LEU C 215 2.70 37.33 21.33
C LEU C 215 3.11 36.73 20.00
N PRO C 216 2.20 35.99 19.36
CA PRO C 216 0.81 35.84 19.75
C PRO C 216 0.63 34.81 20.84
N ALA C 217 -0.36 35.03 21.70
CA ALA C 217 -0.73 34.03 22.68
C ALA C 217 -1.48 32.91 21.95
N ARG C 218 -1.57 31.76 22.60
CA ARG C 218 -2.27 30.61 22.05
C ARG C 218 -3.76 30.85 21.83
N ARG C 219 -4.36 31.72 22.64
CA ARG C 219 -5.79 32.04 22.53
C ARG C 219 -6.07 33.53 22.64
N SER C 220 -7.09 34.00 21.92
CA SER C 220 -7.48 35.41 21.85
C SER C 220 -7.78 36.07 23.21
N ASP C 221 -8.31 35.30 24.15
CA ASP C 221 -8.65 35.82 25.47
C ASP C 221 -7.41 36.06 26.34
N ILE C 222 -6.34 35.30 26.09
CA ILE C 222 -5.13 35.44 26.91
C ILE C 222 -4.02 36.20 26.21
N GLU C 223 -4.36 37.22 25.42
CA GLU C 223 -3.33 38.02 24.71
C GLU C 223 -2.54 38.95 25.65
N PRO C 224 -1.28 39.29 25.29
CA PRO C 224 -0.57 40.22 26.17
C PRO C 224 -1.11 41.65 26.09
N ALA C 225 -0.84 42.44 27.12
CA ALA C 225 -1.19 43.86 27.09
C ALA C 225 0.06 44.76 27.01
N VAL C 226 -0.09 45.91 26.32
CA VAL C 226 0.96 46.95 26.19
C VAL C 226 0.71 48.22 26.99
N GLY C 227 1.82 48.84 27.40
CA GLY C 227 1.80 50.14 28.08
C GLY C 227 3.18 50.79 28.09
N PRO C 228 3.28 52.01 28.64
CA PRO C 228 4.53 52.78 28.63
C PRO C 228 5.62 52.11 29.44
N ASN C 229 5.28 51.06 30.17
CA ASN C 229 6.25 50.35 31.00
C ASN C 229 6.59 48.94 30.53
N THR C 230 5.96 48.49 29.44
CA THR C 230 6.25 47.17 28.89
C THR C 230 7.62 47.13 28.20
N ARG C 231 8.44 46.16 28.59
CA ARG C 231 9.61 45.83 27.80
C ARG C 231 9.18 44.67 26.93
N PHE C 232 9.77 44.55 25.74
CA PHE C 232 9.52 43.40 24.87
C PHE C 232 10.79 42.93 24.19
N ILE C 233 10.78 41.70 23.71
CA ILE C 233 11.98 41.12 23.14
C ILE C 233 11.62 40.17 21.99
N LEU C 234 12.34 40.27 20.89
CA LEU C 234 12.07 39.45 19.72
C LEU C 234 12.69 38.06 19.81
N ALA C 235 11.94 37.06 19.38
CA ALA C 235 12.46 35.69 19.35
C ALA C 235 12.76 35.27 17.92
N GLN C 236 12.28 36.09 16.98
CA GLN C 236 12.44 35.84 15.56
C GLN C 236 12.91 37.15 14.96
N PRO C 237 13.80 37.11 13.97
CA PRO C 237 14.47 38.33 13.48
C PRO C 237 13.63 39.13 12.50
N PHE C 238 12.60 38.47 11.97
CA PHE C 238 11.81 39.03 10.91
C PHE C 238 10.63 39.82 11.46
N LEU C 239 10.84 40.58 12.53
CA LEU C 239 9.71 41.21 13.21
C LEU C 239 9.80 42.74 13.28
N GLY C 240 10.24 43.31 12.16
CA GLY C 240 10.41 44.76 12.02
C GLY C 240 9.16 45.58 12.20
N GLU C 241 8.12 45.31 11.39
N GLU C 241 8.13 45.29 11.39
CA GLU C 241 6.88 46.09 11.46
CA GLU C 241 6.86 46.03 11.42
C GLU C 241 6.16 45.95 12.81
C GLU C 241 6.15 45.93 12.77
N THR C 242 6.26 44.77 13.42
CA THR C 242 5.64 44.53 14.72
C THR C 242 6.31 45.40 15.81
N THR C 243 7.63 45.50 15.75
CA THR C 243 8.38 46.40 16.64
C THR C 243 7.85 47.83 16.53
N GLY C 244 7.88 48.41 15.33
CA GLY C 244 7.26 49.72 15.09
C GLY C 244 5.93 49.84 15.82
N ALA C 245 5.00 48.94 15.51
CA ALA C 245 3.69 48.87 16.15
C ALA C 245 3.74 48.92 17.67
N LEU C 246 4.64 48.14 18.27
CA LEU C 246 4.80 48.09 19.72
C LEU C 246 5.40 49.38 20.29
N GLU C 247 6.47 49.87 19.66
CA GLU C 247 7.13 51.09 20.10
C GLU C 247 6.19 52.27 19.99
N ARG C 248 5.29 52.24 19.01
CA ARG C 248 4.27 53.29 18.84
C ARG C 248 3.26 53.31 19.99
N ARG C 249 3.06 52.18 20.66
CA ARG C 249 2.20 52.14 21.86
C ARG C 249 3.01 52.36 23.13
N GLY C 250 4.31 52.60 22.98
CA GLY C 250 5.17 53.01 24.08
C GLY C 250 5.89 51.90 24.81
N ALA C 251 5.99 50.72 24.21
CA ALA C 251 6.78 49.63 24.79
C ALA C 251 8.22 49.76 24.33
N LYS C 252 9.18 49.27 25.13
CA LYS C 252 10.59 49.34 24.74
C LYS C 252 11.25 47.97 24.49
N ARG C 253 11.94 47.87 23.35
CA ARG C 253 12.61 46.62 22.94
C ARG C 253 13.83 46.37 23.77
N ILE C 254 14.11 45.10 24.04
CA ILE C 254 15.39 44.68 24.58
C ILE C 254 16.16 44.12 23.39
N ALA C 255 17.30 44.70 23.09
CA ALA C 255 18.14 44.25 21.99
C ALA C 255 18.89 43.03 22.46
N ALA C 256 18.93 42.00 21.62
CA ALA C 256 19.60 40.75 21.95
C ALA C 256 19.79 39.89 20.70
N PRO C 257 20.90 39.13 20.67
CA PRO C 257 21.11 38.16 19.59
C PRO C 257 20.04 37.09 19.69
N PHE C 258 19.81 36.36 18.61
CA PHE C 258 18.69 35.44 18.61
C PHE C 258 19.00 34.08 19.20
N PRO C 259 18.06 33.56 20.02
CA PRO C 259 18.26 32.37 20.79
C PRO C 259 18.40 31.13 19.88
N PHE C 260 19.60 31.00 19.30
CA PHE C 260 19.97 29.84 18.52
C PHE C 260 21.33 29.38 19.03
N GLY C 261 21.40 28.15 19.51
CA GLY C 261 22.61 27.58 20.10
C GLY C 261 22.84 27.97 21.56
N GLU C 262 23.78 27.27 22.20
CA GLU C 262 24.20 27.57 23.55
C GLU C 262 24.44 29.07 23.72
N GLU C 263 25.19 29.63 22.79
CA GLU C 263 25.65 31.00 22.89
C GLU C 263 24.53 32.02 22.63
N GLY C 264 23.69 31.74 21.61
CA GLY C 264 22.60 32.65 21.24
C GLY C 264 21.69 32.83 22.44
N THR C 265 21.11 31.72 22.87
CA THR C 265 20.22 31.64 24.02
C THR C 265 20.78 32.28 25.30
N THR C 266 22.02 31.98 25.64
CA THR C 266 22.61 32.59 26.82
C THR C 266 22.58 34.10 26.66
N LEU C 267 23.11 34.59 25.54
CA LEU C 267 23.21 36.03 25.29
C LEU C 267 21.83 36.65 25.22
N TRP C 268 20.87 35.87 24.71
CA TRP C 268 19.47 36.27 24.65
C TRP C 268 18.98 36.48 26.07
N LEU C 269 19.09 35.43 26.89
CA LEU C 269 18.62 35.46 28.27
C LEU C 269 19.39 36.47 29.13
N LYS C 270 20.65 36.73 28.76
CA LYS C 270 21.50 37.65 29.50
C LYS C 270 20.96 39.07 29.41
N ALA C 271 20.39 39.42 28.26
CA ALA C 271 19.87 40.76 28.04
C ALA C 271 18.61 41.04 28.87
N VAL C 272 17.81 40.00 29.07
CA VAL C 272 16.58 40.08 29.86
C VAL C 272 16.93 40.14 31.34
N ALA C 273 17.96 39.39 31.71
CA ALA C 273 18.49 39.41 33.05
C ALA C 273 18.94 40.82 33.42
N ASP C 274 19.76 41.40 32.53
CA ASP C 274 20.37 42.71 32.77
C ASP C 274 19.34 43.84 32.69
N ALA C 275 18.35 43.68 31.82
CA ALA C 275 17.26 44.65 31.75
C ALA C 275 16.37 44.60 33.01
N TYR C 276 16.27 43.42 33.64
CA TYR C 276 15.40 43.25 34.82
C TYR C 276 16.10 43.27 36.18
N GLY C 277 17.44 43.31 36.15
CA GLY C 277 18.24 43.37 37.37
C GLY C 277 18.47 42.05 38.09
N VAL C 278 18.54 40.95 37.35
CA VAL C 278 18.85 39.63 37.93
C VAL C 278 20.33 39.62 38.28
N SER C 279 20.69 39.05 39.42
CA SER C 279 22.09 39.08 39.90
C SER C 279 23.03 38.15 39.12
N ALA C 280 24.33 38.31 39.39
CA ALA C 280 25.38 37.52 38.76
C ALA C 280 25.16 36.03 39.03
N GLU C 281 25.30 35.62 40.30
CA GLU C 281 25.17 34.22 40.72
C GLU C 281 23.84 33.61 40.32
N LYS C 282 22.79 34.42 40.34
CA LYS C 282 21.43 33.95 40.07
C LYS C 282 21.29 33.52 38.64
N PHE C 283 22.05 34.17 37.75
CA PHE C 283 22.07 33.82 36.34
C PHE C 283 22.85 32.51 36.15
N GLU C 284 24.12 32.53 36.54
CA GLU C 284 24.97 31.36 36.46
C GLU C 284 24.27 30.08 37.00
N ALA C 285 23.60 30.21 38.14
CA ALA C 285 22.93 29.09 38.80
C ALA C 285 21.85 28.45 37.93
N VAL C 286 21.01 29.28 37.32
CA VAL C 286 19.89 28.79 36.51
C VAL C 286 20.37 28.32 35.13
N THR C 287 21.43 28.96 34.64
CA THR C 287 21.88 28.84 33.25
C THR C 287 22.91 27.71 33.02
N ALA C 288 23.82 27.49 33.96
CA ALA C 288 24.95 26.56 33.78
C ALA C 288 24.55 25.16 33.33
N ALA C 289 23.65 24.53 34.09
CA ALA C 289 23.24 23.15 33.82
C ALA C 289 22.65 22.97 32.40
N PRO C 290 21.59 23.74 32.06
CA PRO C 290 21.01 23.76 30.72
C PRO C 290 22.02 24.03 29.60
N ARG C 291 23.00 24.90 29.88
CA ARG C 291 24.06 25.20 28.93
C ARG C 291 24.97 23.99 28.72
N ALA C 292 25.56 23.51 29.83
CA ALA C 292 26.47 22.36 29.82
C ALA C 292 25.90 21.29 28.90
N ARG C 293 24.60 21.06 29.07
CA ARG C 293 23.86 20.09 28.29
C ARG C 293 23.88 20.39 26.79
N ALA C 294 23.45 21.59 26.43
CA ALA C 294 23.37 22.01 25.03
C ALA C 294 24.73 21.91 24.31
N LYS C 295 25.79 22.43 24.93
CA LYS C 295 27.14 22.40 24.37
C LYS C 295 27.59 20.98 23.99
N LYS C 296 27.11 19.99 24.73
CA LYS C 296 27.46 18.59 24.55
C LYS C 296 26.62 17.90 23.46
N ALA C 297 25.35 18.26 23.32
CA ALA C 297 24.53 17.84 22.19
C ALA C 297 25.10 18.38 20.87
N ILE C 298 25.52 19.65 20.88
CA ILE C 298 26.19 20.27 19.72
C ILE C 298 27.51 19.57 19.34
N ALA C 299 28.27 19.11 20.33
CA ALA C 299 29.52 18.37 20.07
C ALA C 299 29.32 17.20 19.09
N ALA C 300 28.34 16.35 19.35
CA ALA C 300 28.06 15.20 18.50
C ALA C 300 28.13 15.54 16.99
N HIS C 301 27.79 16.78 16.62
CA HIS C 301 27.75 17.18 15.22
C HIS C 301 29.01 17.86 14.69
N LEU C 302 29.72 18.59 15.58
CA LEU C 302 30.98 19.26 15.23
C LEU C 302 31.79 18.41 14.25
N GLU C 303 31.70 17.11 14.45
CA GLU C 303 32.38 16.13 13.62
C GLU C 303 32.31 16.45 12.13
N THR C 304 31.11 16.39 11.57
CA THR C 304 30.98 16.47 10.10
C THR C 304 30.84 17.91 9.64
N LEU C 305 30.62 18.80 10.60
CA LEU C 305 30.38 20.21 10.33
C LEU C 305 31.63 21.09 10.29
N THR C 306 32.59 20.87 11.20
CA THR C 306 33.75 21.77 11.32
C THR C 306 34.57 21.81 10.05
N GLY C 307 34.87 23.03 9.61
CA GLY C 307 35.73 23.26 8.46
C GLY C 307 34.92 23.48 7.22
N LYS C 308 33.68 23.00 7.26
CA LYS C 308 32.80 23.03 6.11
C LYS C 308 32.36 24.45 5.74
N SER C 309 32.36 24.71 4.44
CA SER C 309 31.97 26.01 3.89
C SER C 309 30.44 26.08 3.79
N LEU C 310 29.90 27.28 4.01
CA LEU C 310 28.45 27.48 4.07
C LEU C 310 27.97 28.64 3.19
N PHE C 311 26.82 28.46 2.57
CA PHE C 311 26.20 29.45 1.69
C PHE C 311 24.72 29.36 1.91
N MET C 312 24.03 30.50 1.98
CA MET C 312 22.57 30.51 2.18
C MET C 312 21.86 31.42 1.21
N PHE C 313 20.87 30.88 0.53
CA PHE C 313 20.03 31.73 -0.31
C PHE C 313 19.04 32.49 0.58
N PRO C 314 18.52 33.60 0.06
CA PRO C 314 17.62 34.41 0.86
C PRO C 314 16.24 33.77 0.96
N ASP C 315 15.67 33.73 2.18
CA ASP C 315 14.34 33.14 2.41
C ASP C 315 13.51 33.70 3.56
N SER C 316 14.04 33.58 4.78
CA SER C 316 13.27 33.80 6.01
C SER C 316 13.72 34.96 6.88
N GLN C 317 14.95 35.44 6.65
CA GLN C 317 15.65 36.39 7.53
C GLN C 317 16.27 35.71 8.73
N LEU C 318 16.12 34.39 8.83
CA LEU C 318 16.80 33.62 9.87
C LEU C 318 18.24 33.33 9.45
N GLU C 319 18.60 33.69 8.23
CA GLU C 319 19.93 33.36 7.73
C GLU C 319 21.05 33.95 8.55
N ILE C 320 20.99 35.25 8.89
CA ILE C 320 22.13 35.86 9.61
C ILE C 320 22.35 35.26 11.00
N PRO C 321 21.30 35.17 11.85
CA PRO C 321 21.58 34.56 13.15
C PRO C 321 22.04 33.09 13.05
N LEU C 322 21.38 32.27 12.24
CA LEU C 322 21.78 30.86 12.04
C LEU C 322 23.20 30.69 11.50
N ALA C 323 23.57 31.58 10.57
CA ALA C 323 24.93 31.59 10.02
C ALA C 323 25.96 31.87 11.12
N ARG C 324 25.73 32.94 11.88
CA ARG C 324 26.51 33.24 13.07
C ARG C 324 26.68 32.00 13.95
N PHE C 325 25.56 31.33 14.23
CA PHE C 325 25.57 30.13 15.04
C PHE C 325 26.42 29.02 14.42
N LEU C 326 26.17 28.70 13.16
CA LEU C 326 26.91 27.65 12.48
C LEU C 326 28.42 27.89 12.49
N ALA C 327 28.83 29.15 12.42
CA ALA C 327 30.25 29.45 12.38
C ALA C 327 30.93 29.40 13.76
N ARG C 328 30.26 29.91 14.79
CA ARG C 328 30.90 30.05 16.10
C ARG C 328 30.79 28.82 16.97
N GLU C 329 29.78 28.00 16.73
CA GLU C 329 29.54 26.82 17.55
C GLU C 329 29.78 25.49 16.83
N CYS C 330 29.46 25.45 15.54
CA CYS C 330 29.69 24.26 14.72
C CYS C 330 30.87 24.45 13.79
N GLY C 331 31.62 25.53 14.03
CA GLY C 331 32.88 25.83 13.35
C GLY C 331 32.86 25.78 11.84
N MET C 332 31.78 26.25 11.23
CA MET C 332 31.70 26.31 9.77
C MET C 332 32.38 27.57 9.29
N LYS C 333 32.85 27.56 8.05
CA LYS C 333 33.34 28.78 7.39
C LYS C 333 32.24 29.32 6.48
N THR C 334 31.93 30.61 6.62
CA THR C 334 30.83 31.24 5.89
C THR C 334 31.34 31.86 4.59
N THR C 335 30.48 31.90 3.58
CA THR C 335 30.84 32.50 2.30
C THR C 335 29.87 33.64 2.00
N GLU C 336 28.73 33.34 1.40
CA GLU C 336 27.74 34.38 1.20
C GLU C 336 26.47 34.05 1.96
N ILE C 337 26.06 34.94 2.85
CA ILE C 337 24.79 34.78 3.54
C ILE C 337 23.80 35.81 3.01
N ALA C 338 22.73 35.33 2.40
CA ALA C 338 21.77 36.22 1.79
C ALA C 338 20.49 36.25 2.62
N THR C 339 19.87 37.43 2.69
CA THR C 339 18.63 37.57 3.42
C THR C 339 17.64 38.35 2.54
N PRO C 340 16.33 38.02 2.63
CA PRO C 340 15.35 38.76 1.84
C PRO C 340 15.16 40.19 2.29
N PHE C 341 15.51 40.49 3.54
CA PHE C 341 15.40 41.85 4.06
C PHE C 341 16.25 41.95 5.33
N LEU C 342 17.11 42.96 5.40
CA LEU C 342 17.96 43.11 6.57
C LEU C 342 17.62 44.38 7.33
N HIS C 343 16.88 44.21 8.42
CA HIS C 343 16.57 45.29 9.36
C HIS C 343 17.83 45.63 10.14
N LYS C 344 18.35 46.84 9.95
CA LYS C 344 19.68 47.20 10.48
C LYS C 344 19.77 47.03 12.00
N ALA C 345 18.92 47.75 12.74
CA ALA C 345 18.97 47.76 14.21
C ALA C 345 18.66 46.41 14.89
N ILE C 346 17.66 45.69 14.39
CA ILE C 346 17.30 44.39 14.99
C ILE C 346 18.46 43.40 14.88
N MET C 347 19.18 43.48 13.78
CA MET C 347 20.22 42.52 13.48
C MET C 347 21.60 42.87 14.05
N ALA C 348 21.71 44.02 14.72
CA ALA C 348 23.01 44.50 15.21
C ALA C 348 23.73 43.52 16.15
N PRO C 349 23.02 42.97 17.16
CA PRO C 349 23.71 42.07 18.08
C PRO C 349 24.29 40.86 17.37
N ASP C 350 23.54 40.30 16.43
CA ASP C 350 23.99 39.13 15.70
C ASP C 350 25.10 39.51 14.72
N LEU C 351 24.86 40.53 13.90
CA LEU C 351 25.84 40.96 12.91
C LEU C 351 27.23 41.08 13.51
N ALA C 352 27.34 41.68 14.68
CA ALA C 352 28.64 41.92 15.33
C ALA C 352 29.35 40.61 15.73
N LEU C 353 28.60 39.51 15.80
CA LEU C 353 29.16 38.20 16.13
C LEU C 353 29.51 37.32 14.91
N LEU C 354 29.03 37.70 13.73
CA LEU C 354 29.40 37.04 12.47
C LEU C 354 30.89 37.16 12.12
N PRO C 355 31.50 36.04 11.69
CA PRO C 355 32.87 36.04 11.15
C PRO C 355 33.11 37.08 10.05
N SER C 356 33.93 38.07 10.36
CA SER C 356 34.24 39.19 9.46
C SER C 356 34.40 38.89 7.97
N ASN C 357 34.73 37.65 7.62
CA ASN C 357 34.93 37.29 6.20
C ASN C 357 33.63 37.23 5.41
N THR C 358 32.52 37.01 6.12
CA THR C 358 31.20 36.81 5.53
C THR C 358 30.88 37.88 4.50
N ALA C 359 30.27 37.47 3.39
CA ALA C 359 29.71 38.40 2.42
C ALA C 359 28.19 38.45 2.60
N LEU C 360 27.64 39.65 2.72
CA LEU C 360 26.22 39.80 2.95
C LEU C 360 25.49 40.35 1.72
N THR C 361 24.27 39.84 1.50
CA THR C 361 23.39 40.31 0.43
C THR C 361 22.01 40.53 1.02
N GLU C 362 21.40 41.66 0.67
CA GLU C 362 19.98 41.88 0.92
C GLU C 362 19.23 41.72 -0.39
N GLY C 363 18.08 41.06 -0.35
CA GLY C 363 17.30 40.85 -1.55
C GLY C 363 17.92 39.72 -2.35
N GLN C 364 17.82 39.80 -3.68
CA GLN C 364 18.28 38.74 -4.55
C GLN C 364 18.21 39.10 -6.04
N ASP C 365 19.24 38.71 -6.79
CA ASP C 365 19.08 38.45 -8.20
C ASP C 365 19.44 37.00 -8.48
N LEU C 366 18.43 36.19 -8.80
CA LEU C 366 18.61 34.75 -8.88
C LEU C 366 19.71 34.29 -9.84
N GLU C 367 19.69 34.78 -11.06
CA GLU C 367 20.65 34.34 -12.06
C GLU C 367 22.08 34.65 -11.66
N ALA C 368 22.25 35.84 -11.09
CA ALA C 368 23.56 36.33 -10.64
C ALA C 368 24.05 35.57 -9.41
N GLN C 369 23.13 35.34 -8.47
CA GLN C 369 23.47 34.71 -7.21
C GLN C 369 23.83 33.25 -7.42
N LEU C 370 23.16 32.63 -8.38
CA LEU C 370 23.49 31.27 -8.82
C LEU C 370 24.89 31.20 -9.44
N ASP C 371 25.26 32.26 -10.16
CA ASP C 371 26.59 32.35 -10.72
C ASP C 371 27.65 32.50 -9.65
N ARG C 372 27.42 33.39 -8.70
CA ARG C 372 28.34 33.51 -7.58
C ARG C 372 28.42 32.18 -6.81
N HIS C 373 27.27 31.53 -6.62
CA HIS C 373 27.21 30.24 -5.92
C HIS C 373 28.21 29.22 -6.50
N GLU C 374 27.98 28.81 -7.75
CA GLU C 374 28.93 27.99 -8.51
C GLU C 374 30.39 28.38 -8.33
N ALA C 375 30.68 29.66 -8.53
CA ALA C 375 32.05 30.16 -8.44
C ALA C 375 32.68 29.79 -7.10
N ILE C 376 31.88 29.91 -6.03
CA ILE C 376 32.34 29.62 -4.66
C ILE C 376 32.43 28.12 -4.48
N ASN C 377 31.45 27.41 -5.04
CA ASN C 377 31.32 25.98 -4.84
C ASN C 377 31.39 25.60 -3.34
N PRO C 378 30.30 25.85 -2.61
CA PRO C 378 30.31 25.62 -1.17
C PRO C 378 29.89 24.21 -0.78
N ASP C 379 30.36 23.77 0.38
CA ASP C 379 30.07 22.43 0.86
C ASP C 379 28.62 22.23 1.21
N LEU C 380 28.01 23.24 1.81
CA LEU C 380 26.59 23.18 2.13
C LEU C 380 25.85 24.45 1.76
N THR C 381 24.72 24.27 1.09
CA THR C 381 23.88 25.38 0.67
C THR C 381 22.49 25.32 1.32
N VAL C 382 22.10 26.38 2.02
CA VAL C 382 20.72 26.54 2.49
C VAL C 382 20.00 27.22 1.33
N CYS C 383 18.78 26.79 1.03
CA CYS C 383 18.05 27.34 -0.13
C CYS C 383 16.60 26.83 -0.22
N GLY C 384 15.82 27.44 -1.12
CA GLY C 384 14.42 27.05 -1.36
C GLY C 384 14.21 25.70 -2.03
N LEU C 385 13.03 25.11 -1.81
CA LEU C 385 12.72 23.79 -2.36
C LEU C 385 12.65 23.71 -3.91
N GLY C 386 12.31 24.81 -4.56
CA GLY C 386 12.30 24.88 -6.03
C GLY C 386 13.72 25.02 -6.56
N LEU C 387 14.64 25.31 -5.64
CA LEU C 387 16.02 25.50 -5.98
C LEU C 387 16.87 24.30 -5.54
N ALA C 388 16.36 23.58 -4.54
CA ALA C 388 17.14 22.57 -3.85
C ALA C 388 17.49 21.36 -4.71
N ASN C 389 16.51 20.74 -5.35
CA ASN C 389 16.82 19.57 -6.16
C ASN C 389 17.75 19.83 -7.35
N PRO C 390 17.47 20.87 -8.16
CA PRO C 390 18.37 21.20 -9.28
C PRO C 390 19.84 21.34 -8.86
N LEU C 391 20.06 21.83 -7.64
CA LEU C 391 21.40 21.97 -7.04
C LEU C 391 22.03 20.63 -6.64
N GLU C 392 21.21 19.72 -6.07
CA GLU C 392 21.66 18.37 -5.75
C GLU C 392 22.17 17.66 -6.98
N ALA C 393 21.40 17.72 -8.06
CA ALA C 393 21.77 17.12 -9.33
C ALA C 393 23.09 17.70 -9.87
N LYS C 394 23.40 18.95 -9.54
CA LYS C 394 24.65 19.53 -10.00
C LYS C 394 25.82 19.25 -9.05
N GLY C 395 25.57 18.46 -8.01
CA GLY C 395 26.63 18.00 -7.12
C GLY C 395 26.93 18.89 -5.92
N HIS C 396 25.97 19.72 -5.52
CA HIS C 396 26.11 20.48 -4.28
C HIS C 396 25.19 19.91 -3.20
N ALA C 397 25.72 19.68 -2.01
CA ALA C 397 24.92 19.25 -0.87
C ALA C 397 24.11 20.43 -0.38
N THR C 398 22.84 20.20 -0.07
CA THR C 398 21.88 21.26 0.25
C THR C 398 20.97 20.97 1.43
N LYS C 399 20.63 22.02 2.15
CA LYS C 399 19.71 21.93 3.26
C LYS C 399 18.55 22.88 3.03
N TRP C 400 17.39 22.33 2.71
CA TRP C 400 16.23 23.13 2.41
C TRP C 400 15.81 23.97 3.63
N ALA C 401 15.68 25.27 3.42
CA ALA C 401 15.52 26.27 4.49
C ALA C 401 14.21 26.15 5.25
N ILE C 402 13.13 25.94 4.51
CA ILE C 402 11.76 25.93 5.04
C ILE C 402 11.55 25.08 6.32
N GLU C 403 12.42 24.10 6.55
CA GLU C 403 12.34 23.29 7.75
C GLU C 403 12.54 24.13 9.01
N LEU C 404 13.46 25.09 8.93
CA LEU C 404 13.88 25.91 10.08
C LEU C 404 12.76 26.67 10.78
N VAL C 405 11.57 26.67 10.17
CA VAL C 405 10.41 27.33 10.75
C VAL C 405 9.47 26.32 11.40
N PHE C 406 9.35 25.12 10.83
CA PHE C 406 8.43 24.12 11.39
C PHE C 406 9.03 23.27 12.52
N THR C 407 10.33 22.99 12.42
CA THR C 407 11.06 22.33 13.47
C THR C 407 11.25 23.32 14.63
N PRO C 408 11.12 22.83 15.88
CA PRO C 408 11.57 23.63 17.03
C PRO C 408 13.09 23.85 16.94
N VAL C 409 13.58 25.06 17.20
CA VAL C 409 15.00 25.37 17.01
C VAL C 409 15.59 26.32 18.02
N HIS C 410 14.75 27.15 18.61
CA HIS C 410 15.17 28.18 19.55
C HIS C 410 15.51 27.57 20.91
N PHE C 411 16.34 28.28 21.67
CA PHE C 411 16.70 27.91 23.04
C PHE C 411 17.50 26.63 23.16
N TYR C 412 17.78 26.26 24.41
CA TYR C 412 18.80 25.25 24.79
C TYR C 412 18.60 23.81 24.28
N GLU C 413 17.46 23.19 24.59
CA GLU C 413 17.22 21.77 24.29
C GLU C 413 17.38 21.42 22.82
N GLN C 414 16.89 22.33 21.98
CA GLN C 414 16.79 22.11 20.56
C GLN C 414 18.08 22.44 19.80
N ALA C 415 19.07 22.95 20.52
CA ALA C 415 20.33 23.40 19.91
C ALA C 415 21.15 22.23 19.32
N GLY C 416 21.02 21.06 19.93
CA GLY C 416 21.60 19.84 19.37
C GLY C 416 20.88 19.52 18.09
N ASP C 417 19.55 19.44 18.18
CA ASP C 417 18.73 19.22 17.00
C ASP C 417 18.96 20.25 15.89
N LEU C 418 19.14 21.52 16.26
CA LEU C 418 19.40 22.60 15.30
C LEU C 418 20.61 22.27 14.42
N ALA C 419 21.74 21.98 15.08
CA ALA C 419 22.96 21.59 14.39
C ALA C 419 22.70 20.35 13.52
N GLY C 420 21.99 19.38 14.11
CA GLY C 420 21.58 18.14 13.43
C GLY C 420 20.89 18.34 12.09
N LEU C 421 20.08 19.39 12.02
CA LEU C 421 19.41 19.78 10.77
C LEU C 421 20.38 19.97 9.62
N PHE C 422 21.57 20.49 9.93
CA PHE C 422 22.62 20.77 8.94
C PHE C 422 23.65 19.65 8.83
N SER C 423 23.80 18.85 9.86
CA SER C 423 24.66 17.69 9.75
C SER C 423 24.01 16.57 8.92
N ARG C 424 22.68 16.46 8.99
CA ARG C 424 21.99 15.35 8.30
C ARG C 424 22.29 15.24 6.79
N PRO C 425 22.11 16.34 6.03
CA PRO C 425 22.31 16.19 4.59
C PRO C 425 23.75 15.84 4.21
N LEU C 426 24.71 16.37 4.96
CA LEU C 426 26.12 16.08 4.72
C LEU C 426 26.50 14.63 5.07
N ARG C 427 25.96 14.15 6.21
CA ARG C 427 26.15 12.76 6.63
C ARG C 427 25.49 11.82 5.64
N ARG C 428 24.47 12.31 4.94
CA ARG C 428 23.79 11.50 3.95
C ARG C 428 24.59 11.36 2.66
N ARG C 429 25.19 12.45 2.19
CA ARG C 429 25.99 12.38 0.97
C ARG C 429 27.26 11.56 1.16
N ALA C 430 27.88 11.69 2.34
CA ALA C 430 29.00 10.83 2.74
C ALA C 430 28.59 9.38 2.69
N LEU C 431 27.38 9.13 3.18
CA LEU C 431 26.81 7.80 3.38
C LEU C 431 26.35 7.13 2.10
N LEU C 432 25.96 7.91 1.09
CA LEU C 432 25.61 7.31 -0.21
C LEU C 432 26.85 7.19 -1.13
N ASN C 433 28.03 7.29 -0.52
CA ASN C 433 29.32 7.04 -1.18
C ASN C 433 30.17 6.03 -0.43
N MET D 1 -17.47 35.99 -5.39
CA MET D 1 -16.57 35.38 -4.36
C MET D 1 -17.02 33.98 -3.95
N LYS D 2 -16.04 33.10 -3.81
CA LYS D 2 -16.31 31.71 -3.58
C LYS D 2 -15.32 31.16 -2.52
N LEU D 3 -15.85 30.80 -1.35
CA LEU D 3 -15.01 30.32 -0.25
C LEU D 3 -14.38 28.99 -0.66
N THR D 4 -13.07 28.85 -0.45
CA THR D 4 -12.29 27.70 -0.95
C THR D 4 -11.25 27.19 0.05
N LEU D 5 -11.31 25.88 0.33
CA LEU D 5 -10.20 25.22 1.02
C LEU D 5 -9.41 24.45 -0.02
N TRP D 6 -9.95 23.30 -0.44
CA TRP D 6 -9.34 22.44 -1.45
C TRP D 6 -9.59 22.97 -2.87
N THR D 7 -8.61 22.76 -3.76
CA THR D 7 -8.75 23.12 -5.18
C THR D 7 -8.29 22.01 -6.12
N TYR D 8 -9.21 21.33 -6.79
CA TYR D 8 -8.84 20.24 -7.70
C TYR D 8 -7.85 20.65 -8.79
N GLU D 9 -7.96 21.87 -9.30
CA GLU D 9 -7.03 22.33 -10.32
C GLU D 9 -6.36 23.62 -9.87
N GLY D 10 -5.18 23.90 -10.42
CA GLY D 10 -4.52 25.19 -10.22
C GLY D 10 -5.01 26.28 -11.15
N PRO D 11 -4.32 27.43 -11.17
CA PRO D 11 -4.61 28.50 -12.15
C PRO D 11 -4.17 28.09 -13.57
N PRO D 12 -4.67 28.78 -14.63
CA PRO D 12 -4.32 28.38 -15.99
C PRO D 12 -2.82 28.37 -16.25
N HIS D 13 -2.10 29.38 -15.78
CA HIS D 13 -0.66 29.44 -15.99
C HIS D 13 0.09 28.22 -15.49
N VAL D 14 -0.24 27.72 -14.31
CA VAL D 14 0.37 26.48 -13.86
C VAL D 14 0.26 25.42 -14.98
N GLY D 15 -0.89 25.38 -15.66
CA GLY D 15 -1.08 24.48 -16.80
C GLY D 15 -0.14 24.82 -17.95
N ALA D 16 0.08 26.11 -18.18
CA ALA D 16 1.10 26.54 -19.15
C ALA D 16 2.47 26.00 -18.76
N MET D 17 2.77 26.04 -17.46
CA MET D 17 4.05 25.57 -16.96
C MET D 17 4.24 24.09 -17.25
N ARG D 18 3.14 23.34 -17.20
CA ARG D 18 3.16 21.88 -17.38
C ARG D 18 3.65 21.55 -18.78
N VAL D 19 3.11 22.30 -19.75
CA VAL D 19 3.51 22.21 -21.16
C VAL D 19 4.97 22.65 -21.35
N ALA D 20 5.31 23.81 -20.81
CA ALA D 20 6.67 24.34 -20.88
C ALA D 20 7.71 23.40 -20.28
N THR D 21 7.47 22.94 -19.05
CA THR D 21 8.36 22.03 -18.32
C THR D 21 8.44 20.65 -19.00
N ALA D 22 7.36 20.28 -19.67
CA ALA D 22 7.34 19.01 -20.39
C ALA D 22 8.36 19.05 -21.51
N MET D 23 8.54 20.24 -22.09
CA MET D 23 9.38 20.45 -23.26
C MET D 23 10.86 20.72 -22.94
N LYS D 24 11.70 20.59 -23.96
CA LYS D 24 13.09 21.04 -23.89
C LYS D 24 13.32 22.18 -24.88
N ASP D 25 14.33 23.00 -24.61
CA ASP D 25 14.65 24.16 -25.46
C ASP D 25 13.45 25.11 -25.63
N LEU D 26 12.56 25.13 -24.63
CA LEU D 26 11.50 26.13 -24.59
C LEU D 26 11.51 26.94 -23.29
N GLN D 27 11.50 28.26 -23.45
CA GLN D 27 11.40 29.18 -22.34
C GLN D 27 10.01 29.81 -22.24
N LEU D 28 9.38 29.66 -21.07
CA LEU D 28 8.14 30.34 -20.79
C LEU D 28 8.46 31.44 -19.82
N VAL D 29 8.05 32.64 -20.18
CA VAL D 29 8.19 33.80 -19.35
C VAL D 29 6.78 34.15 -18.86
N LEU D 30 6.65 34.32 -17.55
CA LEU D 30 5.36 34.60 -16.96
C LEU D 30 5.37 35.95 -16.30
N HIS D 31 4.34 36.73 -16.62
CA HIS D 31 4.17 38.03 -16.00
C HIS D 31 3.44 37.87 -14.67
N GLY D 32 4.14 38.13 -13.58
CA GLY D 32 3.56 37.97 -12.26
C GLY D 32 4.42 38.49 -11.11
N PRO D 33 3.89 38.43 -9.88
CA PRO D 33 4.59 38.99 -8.74
C PRO D 33 5.58 38.00 -8.14
N GLN D 34 6.44 38.51 -7.25
CA GLN D 34 7.27 37.66 -6.40
C GLN D 34 6.33 36.66 -5.77
N GLY D 35 6.76 35.41 -5.71
CA GLY D 35 5.99 34.44 -4.94
C GLY D 35 5.23 33.47 -5.80
N ASP D 36 4.79 33.90 -6.97
CA ASP D 36 4.08 33.01 -7.84
C ASP D 36 5.04 31.92 -8.36
N THR D 37 6.31 32.05 -8.01
CA THR D 37 7.32 31.04 -8.32
C THR D 37 7.22 29.83 -7.39
N TYR D 38 6.20 29.80 -6.53
CA TYR D 38 5.95 28.66 -5.65
C TYR D 38 5.66 27.45 -6.51
N ALA D 39 5.07 27.71 -7.68
CA ALA D 39 4.69 26.67 -8.61
C ALA D 39 5.91 25.89 -9.11
N ASP D 40 7.11 26.46 -8.98
CA ASP D 40 8.34 25.74 -9.33
C ASP D 40 8.49 24.46 -8.54
N LEU D 41 8.04 24.48 -7.29
CA LEU D 41 8.25 23.39 -6.35
C LEU D 41 7.40 22.19 -6.71
N LEU D 42 6.31 22.42 -7.44
CA LEU D 42 5.49 21.34 -7.92
C LEU D 42 6.33 20.39 -8.77
N PHE D 43 7.20 20.97 -9.59
CA PHE D 43 8.00 20.18 -10.50
C PHE D 43 9.24 19.57 -9.87
N THR D 44 9.99 20.35 -9.09
CA THR D 44 11.19 19.83 -8.45
C THR D 44 10.89 18.93 -7.24
N MET D 45 9.72 19.10 -6.63
CA MET D 45 9.33 18.25 -5.48
C MET D 45 8.50 17.02 -5.88
N ILE D 46 7.33 17.23 -6.47
CA ILE D 46 6.39 16.12 -6.70
C ILE D 46 6.87 15.21 -7.83
N GLU D 47 7.03 15.80 -9.02
CA GLU D 47 7.60 15.10 -10.16
C GLU D 47 9.10 14.88 -9.96
N ARG D 48 9.69 15.67 -9.09
CA ARG D 48 11.05 15.43 -8.58
C ARG D 48 12.18 15.52 -9.65
N ARG D 49 12.21 16.66 -10.36
CA ARG D 49 13.10 16.89 -11.51
C ARG D 49 14.55 17.32 -11.18
N ASN D 50 15.47 17.02 -12.08
CA ASN D 50 16.91 17.32 -11.91
C ASN D 50 17.35 18.73 -12.30
N ALA D 51 16.38 19.57 -12.68
CA ALA D 51 16.68 20.98 -12.99
C ALA D 51 15.48 21.93 -12.82
N ARG D 52 15.81 23.21 -12.66
CA ARG D 52 14.83 24.29 -12.65
C ARG D 52 13.89 24.20 -13.83
N PRO D 53 12.59 24.32 -13.56
CA PRO D 53 11.65 24.55 -14.64
C PRO D 53 12.16 25.66 -15.58
N PRO D 54 11.86 25.57 -16.89
CA PRO D 54 12.18 26.64 -17.82
C PRO D 54 11.09 27.71 -17.79
N VAL D 55 10.84 28.22 -16.59
CA VAL D 55 9.83 29.22 -16.31
C VAL D 55 10.50 30.35 -15.53
N SER D 56 10.25 31.58 -15.98
CA SER D 56 10.82 32.76 -15.34
C SER D 56 9.76 33.87 -15.22
N PHE D 57 9.85 34.62 -14.14
CA PHE D 57 8.86 35.61 -13.79
C PHE D 57 9.43 37.00 -13.87
N SER D 58 8.58 37.94 -14.27
CA SER D 58 8.91 39.34 -14.33
C SER D 58 9.17 39.88 -12.93
N THR D 59 8.46 39.32 -11.95
CA THR D 59 8.71 39.58 -10.53
C THR D 59 8.51 41.06 -10.20
N PHE D 60 7.29 41.54 -10.36
CA PHE D 60 7.03 42.92 -9.92
C PHE D 60 6.66 42.97 -8.44
N GLU D 61 7.01 44.06 -7.77
CA GLU D 61 6.60 44.27 -6.38
C GLU D 61 6.16 45.71 -6.14
N ALA D 62 5.69 45.98 -4.92
CA ALA D 62 5.17 47.30 -4.52
C ALA D 62 6.03 48.47 -4.97
N SER D 63 7.33 48.40 -4.70
CA SER D 63 8.21 49.53 -5.05
C SER D 63 8.51 49.63 -6.57
N HIS D 64 7.98 48.69 -7.37
CA HIS D 64 8.16 48.70 -8.82
C HIS D 64 6.87 48.43 -9.58
N MET D 65 5.84 49.24 -9.32
CA MET D 65 4.60 49.08 -10.06
C MET D 65 4.54 50.14 -11.16
N GLY D 66 3.35 50.45 -11.67
CA GLY D 66 3.18 51.46 -12.71
C GLY D 66 3.72 51.06 -14.08
N THR D 67 4.63 51.87 -14.62
CA THR D 67 5.21 51.63 -15.95
C THR D 67 6.45 50.73 -15.90
N ASP D 68 6.82 50.30 -14.69
CA ASP D 68 7.94 49.39 -14.47
C ASP D 68 7.57 47.94 -14.74
N THR D 69 6.30 47.61 -14.53
CA THR D 69 5.78 46.29 -14.86
C THR D 69 6.09 46.06 -16.32
N ALA D 70 5.69 47.02 -17.16
CA ALA D 70 6.00 47.02 -18.58
C ALA D 70 7.48 46.72 -18.85
N ILE D 71 8.39 47.49 -18.25
CA ILE D 71 9.83 47.27 -18.39
C ILE D 71 10.23 45.87 -17.91
N LEU D 72 9.71 45.47 -16.76
CA LEU D 72 10.11 44.20 -16.14
C LEU D 72 9.85 42.97 -17.00
N LEU D 73 8.70 42.94 -17.67
CA LEU D 73 8.43 41.85 -18.58
C LEU D 73 9.52 41.81 -19.65
N LYS D 74 9.80 42.97 -20.25
CA LYS D 74 10.81 43.11 -21.29
C LYS D 74 12.12 42.44 -20.86
N ASP D 75 12.53 42.75 -19.64
CA ASP D 75 13.80 42.30 -19.10
C ASP D 75 13.84 40.80 -18.86
N ALA D 76 12.74 40.24 -18.34
CA ALA D 76 12.68 38.78 -18.13
C ALA D 76 12.66 38.06 -19.46
N LEU D 77 12.03 38.67 -20.46
CA LEU D 77 11.98 38.15 -21.82
C LEU D 77 13.34 38.14 -22.45
N ALA D 78 14.06 39.26 -22.35
CA ALA D 78 15.44 39.34 -22.83
C ALA D 78 16.29 38.27 -22.14
N ALA D 79 16.46 38.41 -20.82
CA ALA D 79 17.40 37.60 -20.02
C ALA D 79 17.27 36.12 -20.31
N ALA D 80 16.03 35.68 -20.51
CA ALA D 80 15.70 34.29 -20.78
C ALA D 80 16.26 33.85 -22.13
N HIS D 81 16.10 34.67 -23.16
CA HIS D 81 16.69 34.38 -24.46
C HIS D 81 18.22 34.48 -24.43
N ALA D 82 18.72 35.55 -23.81
CA ALA D 82 20.15 35.76 -23.69
C ALA D 82 20.82 34.55 -23.04
N ARG D 83 20.30 34.16 -21.89
CA ARG D 83 20.94 33.15 -21.06
C ARG D 83 20.76 31.72 -21.59
N TYR D 84 19.56 31.40 -22.06
CA TYR D 84 19.23 30.01 -22.42
C TYR D 84 19.06 29.76 -23.92
N LYS D 85 19.44 30.74 -24.74
CA LYS D 85 19.38 30.65 -26.20
C LYS D 85 18.39 29.57 -26.68
N PRO D 86 17.09 29.72 -26.36
CA PRO D 86 16.11 28.64 -26.57
C PRO D 86 15.57 28.66 -28.00
N GLN D 87 15.06 27.53 -28.48
CA GLN D 87 14.55 27.47 -29.86
C GLN D 87 13.30 28.33 -30.10
N ALA D 88 12.49 28.46 -29.06
CA ALA D 88 11.30 29.32 -29.08
C ALA D 88 10.90 29.65 -27.65
N MET D 89 9.96 30.58 -27.50
CA MET D 89 9.54 31.02 -26.18
C MET D 89 8.06 31.26 -26.15
N ALA D 90 7.47 31.15 -24.96
CA ALA D 90 6.06 31.49 -24.76
C ALA D 90 5.93 32.53 -23.67
N VAL D 91 5.01 33.48 -23.85
CA VAL D 91 4.78 34.52 -22.85
C VAL D 91 3.31 34.52 -22.44
N ALA D 92 3.05 34.65 -21.15
CA ALA D 92 1.67 34.66 -20.67
C ALA D 92 1.50 35.46 -19.39
N LEU D 93 0.23 35.64 -19.00
CA LEU D 93 -0.16 36.44 -17.86
C LEU D 93 -0.59 35.60 -16.67
N THR D 94 -0.04 35.93 -15.51
CA THR D 94 -0.51 35.47 -14.22
C THR D 94 -1.85 36.14 -13.88
N CYS D 95 -2.59 35.55 -12.96
CA CYS D 95 -3.86 36.13 -12.50
C CYS D 95 -3.71 37.57 -11.99
N THR D 96 -2.64 37.88 -11.28
CA THR D 96 -2.36 39.26 -10.90
C THR D 96 -2.14 40.12 -12.15
N ALA D 97 -1.23 39.68 -13.03
CA ALA D 97 -0.90 40.41 -14.26
C ALA D 97 -2.09 40.71 -15.17
N GLU D 98 -3.15 39.91 -15.06
CA GLU D 98 -4.35 40.11 -15.85
C GLU D 98 -5.17 41.33 -15.43
N LEU D 99 -4.77 41.98 -14.35
CA LEU D 99 -5.43 43.21 -13.89
C LEU D 99 -4.60 44.45 -14.23
N LEU D 100 -3.55 44.24 -15.04
CA LEU D 100 -2.67 45.31 -15.48
C LEU D 100 -2.94 45.64 -16.94
N GLN D 101 -2.51 46.84 -17.36
CA GLN D 101 -2.60 47.30 -18.75
C GLN D 101 -1.71 46.55 -19.74
N ASP D 102 -0.60 46.01 -19.25
CA ASP D 102 0.48 45.52 -20.11
C ASP D 102 0.07 44.45 -21.12
N ASP D 103 0.40 44.74 -22.38
CA ASP D 103 0.13 43.89 -23.52
C ASP D 103 1.26 42.86 -23.74
N PRO D 104 0.96 41.56 -23.56
CA PRO D 104 1.97 40.51 -23.79
C PRO D 104 2.54 40.59 -25.21
N ASN D 105 1.65 40.67 -26.20
CA ASN D 105 2.05 40.82 -27.60
C ASN D 105 2.93 42.04 -27.82
N GLY D 106 2.30 43.22 -27.85
CA GLY D 106 2.95 44.50 -28.15
C GLY D 106 4.37 44.69 -27.61
N ILE D 107 4.64 44.12 -26.44
CA ILE D 107 5.97 44.21 -25.82
C ILE D 107 6.97 43.26 -26.53
N SER D 108 6.59 41.99 -26.62
CA SER D 108 7.39 40.94 -27.27
C SER D 108 7.68 41.19 -28.75
N ARG D 109 6.83 42.01 -29.39
CA ARG D 109 7.04 42.42 -30.77
C ARG D 109 8.08 43.53 -30.81
N ALA D 110 7.97 44.44 -29.85
CA ALA D 110 8.85 45.60 -29.76
C ALA D 110 10.26 45.21 -29.35
N LEU D 111 10.45 43.96 -28.95
CA LEU D 111 11.78 43.42 -28.72
C LEU D 111 12.33 42.78 -29.97
N ASN D 112 11.43 42.26 -30.79
CA ASN D 112 11.80 41.62 -32.04
C ASN D 112 12.92 40.58 -31.85
N LEU D 113 12.59 39.47 -31.21
CA LEU D 113 13.56 38.42 -30.90
C LEU D 113 13.86 37.49 -32.08
N PRO D 114 15.09 36.96 -32.15
CA PRO D 114 15.46 36.09 -33.27
C PRO D 114 14.85 34.67 -33.20
N VAL D 115 13.86 34.49 -32.33
CA VAL D 115 13.06 33.25 -32.27
C VAL D 115 11.59 33.60 -32.09
N PRO D 116 10.66 32.69 -32.49
CA PRO D 116 9.24 32.89 -32.22
C PRO D 116 8.90 33.08 -30.73
N VAL D 117 8.03 34.04 -30.44
CA VAL D 117 7.53 34.25 -29.09
C VAL D 117 6.02 34.14 -29.13
N VAL D 118 5.47 33.11 -28.52
CA VAL D 118 4.05 32.81 -28.64
C VAL D 118 3.28 33.40 -27.47
N PRO D 119 2.40 34.38 -27.74
CA PRO D 119 1.56 34.94 -26.68
C PRO D 119 0.44 33.95 -26.35
N LEU D 120 0.05 33.88 -25.07
CA LEU D 120 -1.00 32.94 -24.65
C LEU D 120 -2.04 33.60 -23.76
N GLU D 121 -3.30 33.58 -24.21
CA GLU D 121 -4.44 34.07 -23.45
C GLU D 121 -4.80 33.03 -22.40
N LEU D 122 -4.77 33.42 -21.13
CA LEU D 122 -5.12 32.50 -20.06
C LEU D 122 -6.10 33.14 -19.05
N PRO D 123 -7.42 33.03 -19.31
CA PRO D 123 -8.43 33.64 -18.43
C PRO D 123 -8.39 32.99 -17.04
N SER D 124 -7.76 33.71 -16.10
CA SER D 124 -7.46 33.15 -14.80
C SER D 124 -8.69 33.04 -13.88
N TYR D 125 -9.67 33.93 -14.08
CA TYR D 125 -10.84 33.99 -13.23
C TYR D 125 -12.03 33.19 -13.75
N SER D 126 -11.82 32.48 -14.85
CA SER D 126 -12.85 31.60 -15.40
C SER D 126 -12.31 30.19 -15.72
N ARG D 127 -11.03 30.07 -16.00
CA ARG D 127 -10.47 28.79 -16.43
C ARG D 127 -9.40 28.30 -15.48
N LYS D 128 -9.02 27.04 -15.64
CA LYS D 128 -8.14 26.35 -14.69
C LYS D 128 -6.93 25.64 -15.32
N GLU D 129 -6.24 24.85 -14.49
CA GLU D 129 -4.96 24.17 -14.83
C GLU D 129 -4.98 23.45 -16.17
N ASN D 130 -6.08 22.74 -16.44
CA ASN D 130 -6.19 21.93 -17.65
C ASN D 130 -6.31 22.77 -18.91
N TYR D 131 -7.31 23.66 -18.95
CA TYR D 131 -7.41 24.60 -20.05
C TYR D 131 -6.08 25.31 -20.24
N GLY D 132 -5.49 25.79 -19.15
CA GLY D 132 -4.16 26.38 -19.22
C GLY D 132 -3.26 25.58 -20.15
N ALA D 133 -3.14 24.28 -19.84
CA ALA D 133 -2.26 23.37 -20.57
C ALA D 133 -2.75 23.09 -22.00
N ASP D 134 -3.96 22.56 -22.12
CA ASP D 134 -4.58 22.28 -23.42
C ASP D 134 -4.38 23.41 -24.44
N GLU D 135 -4.61 24.65 -24.00
CA GLU D 135 -4.44 25.84 -24.82
C GLU D 135 -2.98 26.18 -25.08
N THR D 136 -2.15 26.17 -24.05
CA THR D 136 -0.73 26.48 -24.20
C THR D 136 -0.09 25.60 -25.26
N PHE D 137 -0.49 24.33 -25.27
CA PHE D 137 -0.03 23.37 -26.26
C PHE D 137 -0.62 23.72 -27.63
N ARG D 138 -1.89 24.07 -27.65
CA ARG D 138 -2.56 24.45 -28.88
C ARG D 138 -1.80 25.59 -29.54
N ALA D 139 -1.73 26.74 -28.87
CA ALA D 139 -0.97 27.91 -29.33
C ALA D 139 0.36 27.48 -29.93
N LEU D 140 1.11 26.67 -29.19
CA LEU D 140 2.42 26.19 -29.64
C LEU D 140 2.35 25.41 -30.95
N VAL D 141 1.46 24.44 -31.00
CA VAL D 141 1.20 23.69 -32.22
C VAL D 141 0.77 24.61 -33.38
N ARG D 142 -0.21 25.47 -33.13
N ARG D 142 -0.20 25.46 -33.10
CA ARG D 142 -0.72 26.38 -34.16
CA ARG D 142 -0.76 26.43 -34.05
C ARG D 142 0.39 27.31 -34.65
C ARG D 142 0.30 27.40 -34.57
N ALA D 143 1.35 27.59 -33.78
CA ALA D 143 2.43 28.50 -34.10
C ALA D 143 3.57 27.84 -34.87
N LEU D 144 3.81 26.55 -34.61
CA LEU D 144 5.02 25.88 -35.11
C LEU D 144 4.81 24.77 -36.14
N ALA D 145 3.67 24.09 -36.09
CA ALA D 145 3.43 23.00 -37.04
C ALA D 145 2.95 23.52 -38.40
N VAL D 146 3.47 22.90 -39.45
CA VAL D 146 3.13 23.22 -40.82
C VAL D 146 2.77 21.93 -41.56
N PRO D 147 2.00 22.05 -42.67
CA PRO D 147 1.76 20.89 -43.55
C PRO D 147 3.08 20.27 -44.09
N MET D 148 3.15 18.94 -44.13
CA MET D 148 4.35 18.23 -44.60
C MET D 148 4.04 16.96 -45.37
N GLU D 149 4.99 16.55 -46.20
CA GLU D 149 4.89 15.27 -46.89
C GLU D 149 5.03 14.18 -45.85
N ARG D 150 4.27 13.11 -46.03
CA ARG D 150 4.22 12.01 -45.06
C ARG D 150 5.53 11.20 -44.94
N THR D 151 5.68 10.43 -43.87
CA THR D 151 6.82 9.53 -43.71
C THR D 151 6.59 8.26 -44.53
N PRO D 152 7.67 7.67 -45.07
CA PRO D 152 7.54 6.40 -45.80
C PRO D 152 7.19 5.25 -44.87
N GLU D 153 7.61 5.37 -43.61
CA GLU D 153 7.22 4.46 -42.55
C GLU D 153 5.92 4.97 -41.94
N VAL D 154 4.99 4.06 -41.61
CA VAL D 154 3.76 4.45 -40.91
C VAL D 154 4.07 4.93 -39.48
N THR D 155 3.77 6.20 -39.21
CA THR D 155 4.13 6.83 -37.94
C THR D 155 3.01 7.70 -37.39
N CYS D 156 3.03 7.95 -36.09
CA CYS D 156 2.02 8.80 -35.45
C CYS D 156 2.58 9.71 -34.36
N ASN D 157 1.79 10.68 -33.94
CA ASN D 157 2.16 11.56 -32.84
C ASN D 157 1.42 11.21 -31.56
N LEU D 158 2.11 11.36 -30.42
CA LEU D 158 1.49 11.16 -29.14
C LEU D 158 1.22 12.52 -28.52
N LEU D 159 -0.05 12.84 -28.32
CA LEU D 159 -0.50 14.18 -27.91
C LEU D 159 -1.18 14.21 -26.55
N GLY D 160 -0.74 15.13 -25.68
CA GLY D 160 -1.39 15.36 -24.39
C GLY D 160 -0.51 15.07 -23.19
N ALA D 161 0.56 14.31 -23.41
CA ALA D 161 1.52 13.93 -22.37
C ALA D 161 2.27 15.16 -21.86
N THR D 162 2.08 15.52 -20.60
CA THR D 162 2.74 16.73 -20.04
C THR D 162 3.59 16.40 -18.83
N ALA D 163 4.35 17.39 -18.37
CA ALA D 163 4.96 17.35 -17.05
C ALA D 163 3.85 17.39 -15.98
N LEU D 164 4.13 16.82 -14.82
CA LEU D 164 3.22 16.84 -13.67
C LEU D 164 1.87 16.18 -13.99
N GLY D 165 1.90 15.29 -14.98
CA GLY D 165 0.70 14.57 -15.39
C GLY D 165 0.66 13.21 -14.74
N PHE D 166 -0.54 12.77 -14.40
CA PHE D 166 -0.71 11.49 -13.71
C PHE D 166 -0.32 10.31 -14.58
N ARG D 167 0.72 9.59 -14.13
CA ARG D 167 1.31 8.46 -14.85
C ARG D 167 1.62 8.70 -16.34
N HIS D 168 1.97 9.93 -16.69
CA HIS D 168 2.22 10.27 -18.08
C HIS D 168 3.44 9.55 -18.60
N ARG D 169 4.48 9.50 -17.77
CA ARG D 169 5.78 8.93 -18.15
C ARG D 169 5.66 7.52 -18.73
N ASP D 170 5.00 6.64 -17.96
CA ASP D 170 4.93 5.22 -18.24
C ASP D 170 3.83 4.89 -19.22
N ASP D 171 2.76 5.69 -19.21
CA ASP D 171 1.72 5.55 -20.20
C ASP D 171 2.38 5.71 -21.56
N VAL D 172 3.05 6.84 -21.75
CA VAL D 172 3.81 7.12 -22.98
C VAL D 172 4.75 5.98 -23.38
N ALA D 173 5.30 5.28 -22.40
CA ALA D 173 6.17 4.15 -22.71
C ALA D 173 5.39 2.92 -23.17
N GLU D 174 4.29 2.63 -22.48
CA GLU D 174 3.46 1.45 -22.73
C GLU D 174 2.66 1.60 -24.02
N VAL D 175 2.14 2.80 -24.29
CA VAL D 175 1.45 3.00 -25.57
C VAL D 175 2.43 2.83 -26.73
N THR D 176 3.66 3.34 -26.55
CA THR D 176 4.70 3.13 -27.56
C THR D 176 4.88 1.65 -27.85
N LYS D 177 5.06 0.86 -26.79
CA LYS D 177 5.19 -0.61 -26.89
C LYS D 177 4.03 -1.27 -27.69
N LEU D 178 2.81 -0.81 -27.43
CA LEU D 178 1.63 -1.29 -28.16
C LEU D 178 1.73 -1.05 -29.66
N LEU D 179 2.19 0.13 -30.04
CA LEU D 179 2.28 0.52 -31.43
C LEU D 179 3.45 -0.18 -32.12
N ALA D 180 4.61 -0.23 -31.47
CA ALA D 180 5.75 -0.99 -32.02
C ALA D 180 5.35 -2.45 -32.33
N THR D 181 4.52 -3.01 -31.45
CA THR D 181 3.98 -4.35 -31.61
C THR D 181 3.05 -4.46 -32.83
N MET D 182 2.56 -3.32 -33.31
CA MET D 182 1.77 -3.26 -34.56
C MET D 182 2.55 -2.71 -35.74
N GLY D 183 3.85 -2.49 -35.55
CA GLY D 183 4.71 -1.94 -36.61
C GLY D 183 4.44 -0.49 -36.90
N ILE D 184 4.09 0.27 -35.87
CA ILE D 184 3.88 1.72 -35.98
C ILE D 184 4.90 2.39 -35.06
N LYS D 185 5.45 3.52 -35.51
CA LYS D 185 6.44 4.25 -34.73
C LYS D 185 6.00 5.65 -34.32
N VAL D 186 6.44 6.09 -33.14
CA VAL D 186 6.22 7.47 -32.70
C VAL D 186 7.08 8.45 -33.52
N ASN D 187 6.42 9.33 -34.30
CA ASN D 187 7.09 10.44 -34.96
C ASN D 187 7.61 11.42 -33.92
N VAL D 188 6.70 12.08 -33.21
CA VAL D 188 7.04 13.01 -32.14
C VAL D 188 6.03 12.83 -30.99
N CYS D 189 6.55 12.74 -29.77
CA CYS D 189 5.70 12.78 -28.59
C CYS D 189 5.70 14.18 -27.98
N ALA D 190 4.53 14.81 -27.96
CA ALA D 190 4.40 16.18 -27.48
C ALA D 190 3.23 16.38 -26.50
N PRO D 191 3.36 17.33 -25.56
CA PRO D 191 4.58 18.07 -25.25
C PRO D 191 5.70 17.17 -24.75
N LEU D 192 5.46 16.42 -23.68
CA LEU D 192 6.52 15.62 -23.04
C LEU D 192 7.63 15.10 -23.95
N GLY D 193 8.85 15.57 -23.70
CA GLY D 193 10.02 15.16 -24.48
C GLY D 193 10.39 16.08 -25.65
N ALA D 194 9.37 16.69 -26.26
CA ALA D 194 9.54 17.45 -27.50
C ALA D 194 10.16 18.84 -27.34
N SER D 195 10.81 19.29 -28.42
CA SER D 195 11.39 20.62 -28.51
C SER D 195 10.61 21.42 -29.57
N PRO D 196 10.75 22.77 -29.58
CA PRO D 196 10.09 23.56 -30.62
C PRO D 196 10.33 23.02 -32.04
N ASP D 197 11.52 22.48 -32.28
CA ASP D 197 11.83 21.84 -33.57
C ASP D 197 11.06 20.54 -33.76
N ASP D 198 10.97 19.73 -32.71
CA ASP D 198 10.21 18.50 -32.80
C ASP D 198 8.78 18.84 -33.27
N LEU D 199 8.22 19.91 -32.71
CA LEU D 199 6.88 20.41 -33.03
C LEU D 199 6.71 20.87 -34.48
N ARG D 200 7.76 21.44 -35.08
CA ARG D 200 7.74 21.88 -36.48
C ARG D 200 7.49 20.67 -37.39
N LYS D 201 7.85 19.50 -36.88
CA LYS D 201 7.84 18.24 -37.63
C LYS D 201 6.50 17.50 -37.61
N LEU D 202 5.64 17.84 -36.65
CA LEU D 202 4.38 17.12 -36.41
C LEU D 202 3.61 16.66 -37.67
N GLY D 203 3.62 17.50 -38.71
CA GLY D 203 2.79 17.29 -39.90
C GLY D 203 3.07 16.07 -40.75
N GLN D 204 4.16 15.36 -40.46
CA GLN D 204 4.58 14.23 -41.29
C GLN D 204 4.05 12.88 -40.78
N ALA D 205 3.66 12.84 -39.51
CA ALA D 205 3.04 11.65 -38.95
C ALA D 205 1.70 11.41 -39.64
N HIS D 206 1.36 10.13 -39.82
CA HIS D 206 0.13 9.71 -40.51
C HIS D 206 -1.13 10.02 -39.71
N PHE D 207 -1.08 9.78 -38.41
CA PHE D 207 -2.22 10.05 -37.55
C PHE D 207 -1.76 10.47 -36.17
N ASN D 208 -2.70 10.61 -35.25
CA ASN D 208 -2.41 11.01 -33.87
C ASN D 208 -3.07 10.13 -32.83
N VAL D 209 -2.38 9.97 -31.71
CA VAL D 209 -2.96 9.36 -30.52
C VAL D 209 -3.29 10.46 -29.49
N LEU D 210 -4.57 10.71 -29.30
CA LEU D 210 -4.99 11.65 -28.29
C LEU D 210 -4.94 10.88 -27.01
N MET D 211 -3.84 11.08 -26.28
CA MET D 211 -3.58 10.33 -25.06
C MET D 211 -4.40 10.87 -23.90
N TYR D 212 -4.56 12.19 -23.86
CA TYR D 212 -5.30 12.83 -22.78
C TYR D 212 -6.07 14.02 -23.33
N PRO D 213 -7.38 13.85 -23.53
CA PRO D 213 -8.22 14.95 -24.01
C PRO D 213 -8.01 16.27 -23.24
N GLU D 214 -8.05 16.25 -21.92
CA GLU D 214 -8.07 17.52 -21.17
C GLU D 214 -6.89 18.45 -21.47
N THR D 215 -5.80 17.87 -21.98
CA THR D 215 -4.54 18.59 -22.31
C THR D 215 -4.05 18.46 -23.76
N GLY D 216 -4.85 17.89 -24.65
CA GLY D 216 -4.42 17.69 -26.04
C GLY D 216 -5.50 17.84 -27.08
N GLU D 217 -6.75 17.74 -26.64
CA GLU D 217 -7.94 17.81 -27.50
C GLU D 217 -7.89 18.96 -28.51
N SER D 218 -7.48 20.14 -28.07
CA SER D 218 -7.37 21.30 -28.96
C SER D 218 -6.35 21.10 -30.07
N ALA D 219 -5.17 20.63 -29.71
CA ALA D 219 -4.10 20.45 -30.68
C ALA D 219 -4.40 19.31 -31.64
N ALA D 220 -5.09 18.28 -31.14
CA ALA D 220 -5.53 17.17 -31.98
C ALA D 220 -6.49 17.68 -33.06
N ARG D 221 -7.46 18.49 -32.63
CA ARG D 221 -8.42 19.14 -33.52
C ARG D 221 -7.71 20.00 -34.55
N HIS D 222 -6.75 20.82 -34.11
CA HIS D 222 -6.03 21.69 -35.04
C HIS D 222 -5.29 20.88 -36.10
N LEU D 223 -4.62 19.81 -35.67
CA LEU D 223 -3.90 18.93 -36.59
C LEU D 223 -4.82 18.13 -37.51
N GLU D 224 -6.11 18.12 -37.20
CA GLU D 224 -7.09 17.57 -38.12
C GLU D 224 -7.50 18.62 -39.18
N ARG D 225 -7.84 19.84 -38.74
CA ARG D 225 -8.10 20.97 -39.65
C ARG D 225 -6.89 21.08 -40.59
N ALA D 226 -5.71 21.28 -39.99
CA ALA D 226 -4.49 21.70 -40.70
C ALA D 226 -3.81 20.64 -41.57
N CYS D 227 -3.59 19.44 -41.04
CA CYS D 227 -2.81 18.44 -41.78
C CYS D 227 -3.49 17.08 -41.92
N LYS D 228 -4.81 17.09 -42.07
CA LYS D 228 -5.57 15.91 -42.48
C LYS D 228 -5.36 14.72 -41.56
N GLN D 229 -4.87 14.99 -40.35
CA GLN D 229 -4.49 13.94 -39.40
C GLN D 229 -5.62 13.57 -38.47
N PRO D 230 -6.20 12.36 -38.67
CA PRO D 230 -7.23 11.93 -37.74
C PRO D 230 -6.56 11.63 -36.43
N PHE D 231 -7.36 11.61 -35.36
CA PHE D 231 -6.84 11.30 -34.04
C PHE D 231 -7.69 10.25 -33.36
N THR D 232 -7.07 9.52 -32.43
CA THR D 232 -7.73 8.43 -31.71
C THR D 232 -8.75 8.97 -30.71
N LYS D 233 -9.97 8.43 -30.74
CA LYS D 233 -11.06 8.89 -29.88
C LYS D 233 -11.31 7.96 -28.70
N ILE D 234 -10.38 7.04 -28.46
CA ILE D 234 -10.49 6.09 -27.35
C ILE D 234 -9.17 6.05 -26.59
N VAL D 235 -9.21 6.34 -25.30
CA VAL D 235 -8.00 6.33 -24.47
C VAL D 235 -7.76 4.90 -23.96
N PRO D 236 -6.62 4.28 -24.30
CA PRO D 236 -6.31 2.88 -23.96
C PRO D 236 -6.02 2.62 -22.48
N ILE D 237 -7.07 2.74 -21.67
CA ILE D 237 -7.00 2.39 -20.26
C ILE D 237 -7.99 1.25 -20.00
N GLY D 238 -7.45 0.12 -19.56
CA GLY D 238 -8.23 -1.09 -19.37
C GLY D 238 -8.13 -1.99 -20.58
N VAL D 239 -8.14 -3.32 -20.35
CA VAL D 239 -8.02 -4.32 -21.40
C VAL D 239 -8.98 -4.05 -22.54
N GLY D 240 -10.25 -3.84 -22.20
CA GLY D 240 -11.30 -3.61 -23.20
C GLY D 240 -11.05 -2.40 -24.09
N ALA D 241 -10.65 -1.28 -23.48
CA ALA D 241 -10.43 -0.03 -24.21
C ALA D 241 -9.20 -0.12 -25.12
N THR D 242 -8.17 -0.84 -24.65
CA THR D 242 -6.98 -1.12 -25.44
C THR D 242 -7.34 -1.89 -26.73
N ARG D 243 -8.18 -2.92 -26.59
CA ARG D 243 -8.70 -3.67 -27.73
C ARG D 243 -9.46 -2.75 -28.69
N ASP D 244 -10.34 -1.91 -28.14
CA ASP D 244 -11.08 -0.91 -28.90
C ASP D 244 -10.11 0.10 -29.54
N PHE D 245 -9.08 0.48 -28.78
CA PHE D 245 -8.05 1.39 -29.27
C PHE D 245 -7.35 0.78 -30.50
N LEU D 246 -6.74 -0.40 -30.32
CA LEU D 246 -6.02 -1.06 -31.40
C LEU D 246 -6.92 -1.35 -32.63
N ALA D 247 -8.19 -1.70 -32.38
CA ALA D 247 -9.20 -1.86 -33.45
C ALA D 247 -9.44 -0.56 -34.22
N GLU D 248 -9.41 0.56 -33.50
CA GLU D 248 -9.57 1.89 -34.06
C GLU D 248 -8.34 2.30 -34.88
N VAL D 249 -7.16 2.02 -34.31
CA VAL D 249 -5.88 2.28 -34.96
C VAL D 249 -5.75 1.44 -36.22
N SER D 250 -6.36 0.26 -36.20
CA SER D 250 -6.43 -0.60 -37.37
C SER D 250 -7.16 0.09 -38.51
N LYS D 251 -8.38 0.59 -38.25
CA LYS D 251 -9.19 1.23 -39.30
C LYS D 251 -8.53 2.53 -39.82
N ILE D 252 -7.87 3.25 -38.94
CA ILE D 252 -7.14 4.47 -39.33
C ILE D 252 -5.93 4.17 -40.25
N THR D 253 -5.34 2.99 -40.09
CA THR D 253 -4.10 2.69 -40.80
C THR D 253 -4.22 1.52 -41.78
N GLY D 254 -5.34 0.81 -41.74
CA GLY D 254 -5.54 -0.40 -42.57
C GLY D 254 -4.62 -1.56 -42.18
N LEU D 255 -4.04 -1.48 -40.98
CA LEU D 255 -3.01 -2.42 -40.54
C LEU D 255 -3.56 -3.51 -39.64
N PRO D 256 -3.07 -4.75 -39.81
CA PRO D 256 -3.58 -5.80 -38.95
C PRO D 256 -3.29 -5.44 -37.48
N VAL D 257 -4.21 -5.83 -36.60
CA VAL D 257 -4.02 -5.67 -35.17
C VAL D 257 -3.22 -6.87 -34.66
N VAL D 258 -1.95 -6.63 -34.38
CA VAL D 258 -1.06 -7.64 -33.79
C VAL D 258 -0.79 -7.17 -32.36
N THR D 259 -1.07 -8.03 -31.39
CA THR D 259 -0.82 -7.72 -29.96
C THR D 259 0.02 -8.80 -29.29
N ASP D 260 0.78 -8.39 -28.28
CA ASP D 260 1.49 -9.32 -27.41
C ASP D 260 0.76 -9.36 -26.07
N GLU D 261 0.11 -10.49 -25.77
CA GLU D 261 -0.68 -10.62 -24.53
C GLU D 261 -0.04 -11.58 -23.51
N SER D 262 1.25 -11.86 -23.69
CA SER D 262 1.94 -12.89 -22.91
C SER D 262 2.24 -12.46 -21.49
N THR D 263 1.88 -11.23 -21.16
CA THR D 263 2.22 -10.68 -19.87
C THR D 263 1.01 -9.96 -19.22
N LEU D 264 -0.13 -10.13 -19.90
CA LEU D 264 -1.41 -9.58 -19.51
C LEU D 264 -2.06 -10.50 -18.48
N ARG D 265 -1.85 -10.20 -17.21
CA ARG D 265 -2.31 -11.12 -16.20
C ARG D 265 -3.66 -10.76 -15.55
N GLN D 266 -4.16 -9.57 -15.84
CA GLN D 266 -5.38 -9.12 -15.21
C GLN D 266 -6.60 -10.03 -15.52
N PRO D 267 -6.82 -10.43 -16.79
CA PRO D 267 -8.03 -11.23 -17.06
C PRO D 267 -8.15 -12.42 -16.13
N TRP D 268 -7.09 -13.23 -16.09
CA TRP D 268 -7.05 -14.41 -15.24
C TRP D 268 -7.15 -14.06 -13.76
N TRP D 269 -6.38 -13.07 -13.33
CA TRP D 269 -6.45 -12.64 -11.94
C TRP D 269 -7.89 -12.47 -11.49
N SER D 270 -8.66 -11.65 -12.20
CA SER D 270 -10.04 -11.33 -11.81
C SER D 270 -10.97 -12.49 -12.08
N ALA D 271 -10.68 -13.25 -13.12
CA ALA D 271 -11.45 -14.46 -13.43
C ALA D 271 -11.30 -15.53 -12.33
N SER D 272 -10.11 -15.60 -11.72
CA SER D 272 -9.80 -16.63 -10.73
C SER D 272 -10.74 -16.62 -9.53
N VAL D 273 -10.86 -17.78 -8.91
CA VAL D 273 -11.73 -17.97 -7.76
C VAL D 273 -11.47 -16.97 -6.61
N ASP D 274 -10.22 -16.52 -6.46
CA ASP D 274 -9.85 -15.58 -5.39
C ASP D 274 -10.68 -14.32 -5.46
N SER D 275 -11.18 -14.03 -6.65
CA SER D 275 -11.85 -12.78 -6.92
C SER D 275 -13.38 -12.84 -6.92
N THR D 276 -13.96 -14.02 -6.70
CA THR D 276 -15.42 -14.12 -6.78
C THR D 276 -16.09 -13.15 -5.80
N TYR D 277 -15.44 -12.92 -4.66
CA TYR D 277 -15.95 -12.03 -3.62
C TYR D 277 -15.92 -10.54 -4.02
N LEU D 278 -15.35 -10.24 -5.19
CA LEU D 278 -15.39 -8.87 -5.72
C LEU D 278 -16.72 -8.50 -6.43
N THR D 279 -17.50 -9.51 -6.83
CA THR D 279 -18.74 -9.28 -7.58
C THR D 279 -19.72 -8.58 -6.66
N GLY D 280 -20.25 -7.45 -7.11
CA GLY D 280 -21.23 -6.73 -6.31
C GLY D 280 -20.71 -5.48 -5.64
N LYS D 281 -19.40 -5.39 -5.37
CA LYS D 281 -18.86 -4.29 -4.55
C LYS D 281 -19.21 -2.91 -5.10
N ARG D 282 -19.90 -2.14 -4.27
CA ARG D 282 -20.37 -0.83 -4.65
C ARG D 282 -19.18 0.11 -4.69
N VAL D 283 -18.89 0.63 -5.89
CA VAL D 283 -17.76 1.53 -6.06
C VAL D 283 -18.20 2.92 -6.51
N PHE D 284 -17.59 3.93 -5.91
CA PHE D 284 -17.77 5.33 -6.24
C PHE D 284 -16.50 5.86 -6.92
N ILE D 285 -16.63 6.34 -8.15
CA ILE D 285 -15.51 6.82 -8.94
C ILE D 285 -15.54 8.33 -9.20
N PHE D 286 -14.44 9.01 -8.86
CA PHE D 286 -14.28 10.46 -9.07
C PHE D 286 -12.85 10.81 -9.46
N GLY D 287 -12.67 11.91 -10.18
CA GLY D 287 -11.38 12.34 -10.75
C GLY D 287 -11.63 13.22 -11.96
N ASP D 288 -10.73 13.23 -12.95
CA ASP D 288 -11.03 13.98 -14.18
C ASP D 288 -11.82 13.11 -15.14
N GLY D 289 -12.32 13.73 -16.21
CA GLY D 289 -13.11 13.03 -17.22
C GLY D 289 -12.52 11.69 -17.60
N THR D 290 -11.32 11.75 -18.20
CA THR D 290 -10.67 10.59 -18.81
C THR D 290 -10.56 9.41 -17.88
N HIS D 291 -9.88 9.61 -16.76
CA HIS D 291 -9.63 8.48 -15.87
C HIS D 291 -10.93 7.94 -15.24
N VAL D 292 -11.96 8.77 -15.16
CA VAL D 292 -13.21 8.33 -14.56
C VAL D 292 -14.00 7.47 -15.53
N ILE D 293 -14.31 7.98 -16.73
CA ILE D 293 -14.90 7.14 -17.79
C ILE D 293 -14.21 5.75 -17.89
N ALA D 294 -12.87 5.77 -17.92
CA ALA D 294 -12.08 4.58 -18.17
C ALA D 294 -12.26 3.59 -17.02
N ALA D 295 -12.15 4.11 -15.80
CA ALA D 295 -12.22 3.29 -14.59
C ALA D 295 -13.55 2.57 -14.50
N ALA D 296 -14.62 3.32 -14.78
CA ALA D 296 -16.00 2.84 -14.70
C ALA D 296 -16.25 1.63 -15.62
N ARG D 297 -15.58 1.61 -16.78
CA ARG D 297 -15.62 0.45 -17.66
C ARG D 297 -14.89 -0.75 -17.04
N ILE D 298 -13.64 -0.53 -16.63
CA ILE D 298 -12.86 -1.59 -15.95
C ILE D 298 -13.60 -2.16 -14.71
N ALA D 299 -14.17 -1.30 -13.88
CA ALA D 299 -14.93 -1.71 -12.70
C ALA D 299 -16.11 -2.62 -13.07
N ALA D 300 -17.05 -2.10 -13.85
CA ALA D 300 -18.22 -2.88 -14.23
C ALA D 300 -17.87 -4.10 -15.10
N LYS D 301 -17.29 -3.82 -16.28
CA LYS D 301 -17.05 -4.84 -17.30
C LYS D 301 -15.85 -5.80 -17.03
N GLU D 302 -14.85 -5.37 -16.25
CA GLU D 302 -13.62 -6.18 -16.18
C GLU D 302 -13.38 -6.84 -14.84
N VAL D 303 -13.85 -6.20 -13.78
CA VAL D 303 -13.66 -6.68 -12.41
C VAL D 303 -14.96 -7.17 -11.77
N GLY D 304 -16.08 -6.58 -12.16
CA GLY D 304 -17.40 -7.02 -11.69
C GLY D 304 -17.96 -6.20 -10.54
N PHE D 305 -17.36 -5.03 -10.32
CA PHE D 305 -17.88 -4.07 -9.36
C PHE D 305 -19.16 -3.49 -9.87
N GLU D 306 -19.91 -2.88 -8.96
CA GLU D 306 -21.07 -2.12 -9.35
C GLU D 306 -20.85 -0.67 -9.02
N VAL D 307 -21.05 0.16 -10.03
CA VAL D 307 -20.70 1.56 -9.94
C VAL D 307 -21.90 2.34 -9.44
N VAL D 308 -21.73 2.98 -8.29
CA VAL D 308 -22.80 3.67 -7.57
C VAL D 308 -22.58 5.17 -7.52
N GLY D 309 -21.68 5.68 -8.34
CA GLY D 309 -21.49 7.13 -8.46
C GLY D 309 -20.30 7.42 -9.34
N MET D 310 -20.48 8.38 -10.24
CA MET D 310 -19.40 8.81 -11.12
C MET D 310 -19.38 10.32 -11.17
N GLY D 311 -18.20 10.91 -11.03
CA GLY D 311 -18.04 12.36 -11.16
C GLY D 311 -16.70 12.79 -11.70
N CYS D 312 -16.60 14.04 -12.11
CA CYS D 312 -15.30 14.65 -12.40
C CYS D 312 -15.33 16.14 -12.14
N TYR D 313 -14.14 16.70 -11.89
CA TYR D 313 -14.01 18.11 -11.52
C TYR D 313 -13.81 19.07 -12.70
N ASN D 314 -13.47 18.53 -13.88
CA ASN D 314 -13.27 19.38 -15.04
C ASN D 314 -14.50 19.51 -15.94
N ARG D 315 -15.09 20.70 -15.96
CA ARG D 315 -16.33 21.00 -16.69
C ARG D 315 -16.24 20.71 -18.21
N GLU D 316 -15.05 20.90 -18.79
CA GLU D 316 -14.80 20.66 -20.21
C GLU D 316 -15.02 19.20 -20.60
N MET D 317 -15.16 18.34 -19.60
CA MET D 317 -15.39 16.92 -19.83
C MET D 317 -16.77 16.48 -19.35
N ALA D 318 -17.65 17.46 -19.14
CA ALA D 318 -18.98 17.21 -18.60
C ALA D 318 -19.90 16.37 -19.49
N ARG D 319 -20.10 16.73 -20.76
CA ARG D 319 -20.99 15.91 -21.59
C ARG D 319 -20.50 14.48 -21.86
N PRO D 320 -19.17 14.29 -22.10
CA PRO D 320 -18.67 12.92 -22.25
C PRO D 320 -18.97 12.07 -21.00
N LEU D 321 -18.77 12.64 -19.83
CA LEU D 321 -18.98 11.93 -18.60
C LEU D 321 -20.47 11.69 -18.32
N ARG D 322 -21.33 12.62 -18.73
CA ARG D 322 -22.77 12.45 -18.53
C ARG D 322 -23.31 11.42 -19.49
N THR D 323 -22.73 11.35 -20.69
CA THR D 323 -23.06 10.32 -21.67
C THR D 323 -22.71 8.97 -21.11
N ALA D 324 -21.47 8.84 -20.63
CA ALA D 324 -21.00 7.56 -20.10
C ALA D 324 -21.80 7.14 -18.86
N ALA D 325 -22.07 8.07 -17.96
CA ALA D 325 -22.76 7.73 -16.73
C ALA D 325 -24.14 7.18 -17.01
N ALA D 326 -24.80 7.75 -18.02
CA ALA D 326 -26.13 7.29 -18.45
C ALA D 326 -26.14 5.77 -18.69
N GLU D 327 -25.07 5.27 -19.31
CA GLU D 327 -24.92 3.86 -19.62
C GLU D 327 -24.98 2.99 -18.38
N TYR D 328 -24.63 3.56 -17.24
CA TYR D 328 -24.76 2.82 -15.99
C TYR D 328 -25.93 3.28 -15.14
N GLY D 329 -26.80 4.11 -15.71
CA GLY D 329 -28.00 4.61 -15.02
C GLY D 329 -27.71 5.51 -13.83
N LEU D 330 -26.69 6.33 -13.95
CA LEU D 330 -26.34 7.28 -12.91
C LEU D 330 -26.35 8.70 -13.46
N GLU D 331 -26.65 9.64 -12.57
CA GLU D 331 -26.42 11.05 -12.81
C GLU D 331 -24.95 11.28 -12.64
N ALA D 332 -24.27 11.84 -13.63
CA ALA D 332 -22.88 12.21 -13.42
C ALA D 332 -22.86 13.36 -12.43
N LEU D 333 -21.79 13.45 -11.64
CA LEU D 333 -21.66 14.52 -10.66
C LEU D 333 -20.55 15.52 -11.04
N ILE D 334 -20.89 16.51 -11.85
CA ILE D 334 -19.93 17.53 -12.24
C ILE D 334 -19.77 18.60 -11.14
N THR D 335 -18.66 18.53 -10.42
CA THR D 335 -18.40 19.49 -9.37
C THR D 335 -16.91 19.67 -9.15
N ASP D 336 -16.53 20.79 -8.54
CA ASP D 336 -15.15 21.04 -8.09
C ASP D 336 -15.15 21.35 -6.60
N ASP D 337 -16.22 20.94 -5.92
CA ASP D 337 -16.36 21.15 -4.49
C ASP D 337 -16.29 19.84 -3.71
N TYR D 338 -15.16 19.62 -3.03
CA TYR D 338 -14.89 18.36 -2.36
C TYR D 338 -15.99 17.99 -1.36
N LEU D 339 -16.67 19.00 -0.81
CA LEU D 339 -17.79 18.79 0.10
C LEU D 339 -19.00 18.19 -0.61
N GLU D 340 -19.15 18.49 -1.89
CA GLU D 340 -20.22 17.85 -2.68
C GLU D 340 -19.91 16.41 -3.00
N VAL D 341 -18.62 16.14 -3.23
CA VAL D 341 -18.10 14.79 -3.40
C VAL D 341 -18.30 14.06 -2.10
N GLU D 342 -17.79 14.65 -1.01
CA GLU D 342 -17.93 14.10 0.34
C GLU D 342 -19.39 13.76 0.65
N LYS D 343 -20.30 14.66 0.31
CA LYS D 343 -21.73 14.49 0.54
C LYS D 343 -22.30 13.36 -0.31
N ALA D 344 -21.81 13.23 -1.54
CA ALA D 344 -22.37 12.26 -2.48
C ALA D 344 -21.93 10.81 -2.21
N ILE D 345 -20.67 10.68 -1.78
CA ILE D 345 -20.13 9.43 -1.27
C ILE D 345 -20.98 8.97 -0.08
N GLU D 346 -21.01 9.80 0.96
CA GLU D 346 -21.84 9.58 2.15
C GLU D 346 -23.19 9.01 1.73
N ALA D 347 -23.88 9.72 0.83
CA ALA D 347 -25.22 9.37 0.36
C ALA D 347 -25.29 7.96 -0.20
N ALA D 348 -24.50 7.69 -1.24
CA ALA D 348 -24.51 6.39 -1.91
C ALA D 348 -23.35 5.54 -1.37
N ALA D 349 -23.45 5.13 -0.10
CA ALA D 349 -22.30 4.61 0.67
C ALA D 349 -21.56 3.44 0.04
N PRO D 350 -20.49 3.76 -0.71
CA PRO D 350 -19.72 2.77 -1.45
C PRO D 350 -18.95 1.84 -0.52
N GLU D 351 -18.37 0.79 -1.08
CA GLU D 351 -17.53 -0.11 -0.32
C GLU D 351 -16.08 0.11 -0.75
N LEU D 352 -15.90 0.81 -1.86
CA LEU D 352 -14.59 1.19 -2.36
C LEU D 352 -14.72 2.54 -3.01
N ILE D 353 -13.69 3.37 -2.85
CA ILE D 353 -13.62 4.66 -3.55
C ILE D 353 -12.40 4.70 -4.44
N LEU D 354 -12.60 5.09 -5.69
CA LEU D 354 -11.49 5.35 -6.60
C LEU D 354 -11.47 6.85 -6.92
N GLY D 355 -10.42 7.56 -6.51
CA GLY D 355 -10.43 8.99 -6.66
C GLY D 355 -9.09 9.67 -6.76
N THR D 356 -9.04 10.90 -6.24
CA THR D 356 -7.83 11.68 -6.25
C THR D 356 -7.29 11.73 -4.83
N GLN D 357 -6.21 12.47 -4.63
CA GLN D 357 -5.66 12.62 -3.29
C GLN D 357 -6.73 12.94 -2.26
N MET D 358 -7.63 13.86 -2.60
CA MET D 358 -8.70 14.27 -1.72
C MET D 358 -9.58 13.10 -1.32
N GLU D 359 -10.07 12.39 -2.32
CA GLU D 359 -10.99 11.29 -2.13
C GLU D 359 -10.43 10.27 -1.16
N ARG D 360 -9.12 10.06 -1.21
CA ARG D 360 -8.50 9.08 -0.33
C ARG D 360 -8.40 9.58 1.11
N ASN D 361 -8.41 10.90 1.26
CA ASN D 361 -8.49 11.51 2.57
C ASN D 361 -9.91 11.57 3.09
N ILE D 362 -10.89 11.71 2.21
CA ILE D 362 -12.28 11.56 2.62
C ILE D 362 -12.55 10.11 3.06
N ALA D 363 -11.99 9.17 2.30
CA ALA D 363 -12.11 7.76 2.58
C ALA D 363 -11.48 7.41 3.93
N LYS D 364 -10.27 7.92 4.21
CA LYS D 364 -9.67 7.74 5.54
C LYS D 364 -10.67 8.13 6.59
N LYS D 365 -11.17 9.38 6.50
CA LYS D 365 -12.09 9.94 7.49
C LYS D 365 -13.29 9.04 7.71
N LEU D 366 -13.81 8.48 6.62
CA LEU D 366 -14.97 7.61 6.67
C LEU D 366 -14.61 6.17 7.03
N GLY D 367 -13.34 5.83 6.89
CA GLY D 367 -12.89 4.47 7.15
C GLY D 367 -13.23 3.55 6.02
N LEU D 368 -13.29 4.08 4.81
CA LEU D 368 -13.58 3.28 3.62
C LEU D 368 -12.30 3.01 2.80
N PRO D 369 -12.14 1.78 2.30
CA PRO D 369 -10.94 1.47 1.53
C PRO D 369 -10.94 2.18 0.18
N CYS D 370 -9.78 2.66 -0.25
CA CYS D 370 -9.69 3.55 -1.40
C CYS D 370 -8.35 3.51 -2.13
N ALA D 371 -8.41 3.61 -3.45
CA ALA D 371 -7.21 3.74 -4.29
C ALA D 371 -7.32 4.93 -5.26
N VAL D 372 -6.16 5.44 -5.68
CA VAL D 372 -6.10 6.66 -6.47
C VAL D 372 -6.10 6.36 -7.97
N ILE D 373 -7.00 7.02 -8.71
CA ILE D 373 -7.07 6.78 -10.15
C ILE D 373 -6.71 7.98 -11.01
N SER D 374 -6.50 9.14 -10.38
CA SER D 374 -6.44 10.41 -11.13
C SER D 374 -5.72 11.53 -10.42
N ALA D 375 -5.09 12.41 -11.19
CA ALA D 375 -4.64 13.74 -10.74
C ALA D 375 -5.80 14.53 -10.08
N PRO D 376 -5.52 15.43 -9.10
CA PRO D 376 -4.27 15.79 -8.45
C PRO D 376 -3.81 14.70 -7.53
N VAL D 377 -2.50 14.59 -7.35
CA VAL D 377 -1.96 13.53 -6.50
C VAL D 377 -0.64 13.91 -5.77
N HIS D 378 -0.40 13.30 -4.61
CA HIS D 378 0.83 13.52 -3.84
C HIS D 378 2.09 12.87 -4.43
N VAL D 379 3.23 13.07 -3.78
CA VAL D 379 4.52 12.65 -4.36
C VAL D 379 4.72 11.12 -4.53
N GLN D 380 4.04 10.33 -3.71
CA GLN D 380 4.14 8.86 -3.78
C GLN D 380 3.46 8.32 -5.05
N ASP D 381 2.67 9.16 -5.71
CA ASP D 381 2.05 8.74 -6.96
C ASP D 381 2.80 9.31 -8.17
N PHE D 382 4.02 9.78 -7.92
CA PHE D 382 5.04 9.83 -8.97
C PHE D 382 6.17 8.80 -8.68
N PRO D 383 5.89 7.50 -8.88
CA PRO D 383 6.77 6.47 -8.35
C PRO D 383 8.02 6.24 -9.20
N ALA D 384 9.03 5.69 -8.56
CA ALA D 384 10.26 5.33 -9.22
C ALA D 384 10.02 4.08 -10.05
N ARG D 385 9.20 3.17 -9.51
CA ARG D 385 8.89 1.94 -10.20
C ARG D 385 8.00 2.21 -11.39
N TYR D 386 8.07 1.34 -12.39
CA TYR D 386 7.23 1.43 -13.58
C TYR D 386 5.77 1.23 -13.20
N ALA D 387 4.88 2.12 -13.65
CA ALA D 387 3.48 2.12 -13.19
C ALA D 387 2.49 2.84 -14.12
N PRO D 388 2.32 2.36 -15.36
CA PRO D 388 1.33 2.95 -16.26
C PRO D 388 -0.11 2.68 -15.82
N GLN D 389 -1.04 3.45 -16.40
CA GLN D 389 -2.48 3.11 -16.35
C GLN D 389 -2.85 2.43 -17.65
N MET D 390 -2.23 2.90 -18.73
CA MET D 390 -2.61 2.51 -20.10
C MET D 390 -2.16 1.11 -20.48
N GLY D 391 -2.90 0.53 -21.43
CA GLY D 391 -2.54 -0.75 -22.03
C GLY D 391 -2.59 -1.94 -21.10
N PHE D 392 -1.80 -2.95 -21.48
CA PHE D 392 -1.80 -4.25 -20.79
C PHE D 392 -1.06 -4.24 -19.46
N GLU D 393 0.10 -3.62 -19.39
CA GLU D 393 0.82 -3.55 -18.12
C GLU D 393 0.16 -2.54 -17.18
N GLY D 394 -0.58 -1.61 -17.77
CA GLY D 394 -1.42 -0.70 -17.00
C GLY D 394 -2.58 -1.44 -16.39
N ALA D 395 -3.20 -2.32 -17.17
CA ALA D 395 -4.35 -3.12 -16.72
C ALA D 395 -3.99 -4.03 -15.56
N ASN D 396 -2.72 -4.42 -15.50
CA ASN D 396 -2.23 -5.22 -14.39
C ASN D 396 -2.05 -4.36 -13.17
N VAL D 397 -1.45 -3.18 -13.39
CA VAL D 397 -1.16 -2.24 -12.32
C VAL D 397 -2.47 -1.81 -11.70
N LEU D 398 -3.42 -1.44 -12.56
CA LEU D 398 -4.78 -1.16 -12.16
C LEU D 398 -5.46 -2.24 -11.31
N PHE D 399 -5.27 -3.50 -11.66
CA PHE D 399 -5.84 -4.57 -10.86
C PHE D 399 -5.21 -4.59 -9.47
N ASP D 400 -3.90 -4.75 -9.41
CA ASP D 400 -3.18 -4.77 -8.13
C ASP D 400 -3.54 -3.60 -7.24
N THR D 401 -3.58 -2.40 -7.83
CA THR D 401 -3.84 -1.15 -7.11
C THR D 401 -5.20 -1.14 -6.44
N TRP D 402 -6.23 -1.52 -7.20
CA TRP D 402 -7.62 -1.39 -6.76
C TRP D 402 -7.99 -2.44 -5.74
N VAL D 403 -7.50 -3.67 -5.94
CA VAL D 403 -7.82 -4.79 -5.05
C VAL D 403 -7.14 -4.65 -3.69
N HIS D 404 -5.99 -3.96 -3.68
CA HIS D 404 -5.14 -3.84 -2.50
C HIS D 404 -5.86 -3.48 -1.20
N PRO D 405 -6.52 -2.30 -1.13
N PRO D 405 -6.51 -2.29 -1.15
CA PRO D 405 -6.98 -1.83 0.18
CA PRO D 405 -7.09 -1.82 0.11
C PRO D 405 -8.16 -2.59 0.79
C PRO D 405 -8.29 -2.67 0.52
N LEU D 406 -8.57 -3.70 0.17
N LEU D 406 -8.94 -3.30 -0.46
CA LEU D 406 -9.78 -4.40 0.61
CA LEU D 406 -10.05 -4.18 -0.15
C LEU D 406 -9.61 -5.31 1.84
C LEU D 406 -9.59 -5.42 0.64
N VAL D 407 -10.13 -6.53 1.79
N VAL D 407 -8.42 -5.94 0.33
CA VAL D 407 -10.12 -7.40 2.97
CA VAL D 407 -7.89 -7.05 1.13
C VAL D 407 -10.21 -8.90 2.62
C VAL D 407 -7.40 -6.55 2.50
N MET D 408 -9.89 -9.24 1.36
N MET D 408 -6.45 -5.63 2.50
CA MET D 408 -9.74 -10.65 0.94
CA MET D 408 -5.95 -5.02 3.74
C MET D 408 -10.88 -11.59 1.41
C MET D 408 -7.04 -4.26 4.50
N GLY D 409 -10.98 -12.77 0.78
N GLY D 409 -8.30 -4.59 4.21
CA GLY D 409 -12.02 -13.75 1.10
CA GLY D 409 -9.44 -3.98 4.87
C GLY D 409 -12.23 -14.17 2.56
C GLY D 409 -10.29 -5.07 5.52
N LEU D 410 -11.20 -14.76 3.17
N LEU D 410 -10.79 -5.99 4.69
CA LEU D 410 -11.33 -15.27 4.50
CA LEU D 410 -11.43 -7.19 5.20
C LEU D 410 -12.02 -14.23 5.36
C LEU D 410 -10.39 -8.02 5.93
N GLU D 411 -11.24 -13.32 5.96
N GLU D 411 -9.13 -7.85 5.55
CA GLU D 411 -11.45 -12.82 7.32
CA GLU D 411 -8.06 -8.58 6.22
C GLU D 411 -12.89 -12.42 7.37
C GLU D 411 -7.82 -7.99 7.60
N GLU D 412 -13.29 -11.63 6.39
N GLU D 412 -8.15 -6.71 7.77
CA GLU D 412 -14.66 -11.19 6.22
CA GLU D 412 -8.05 -6.07 9.08
C GLU D 412 -15.61 -11.88 7.18
C GLU D 412 -9.34 -6.22 9.89
N HIS D 413 -16.29 -12.91 6.69
N HIS D 413 -10.48 -6.36 9.22
CA HIS D 413 -16.17 -14.28 7.17
CA HIS D 413 -11.74 -6.60 9.91
C HIS D 413 -15.80 -14.47 8.62
C HIS D 413 -11.83 -8.00 10.49
N LEU D 414 -11.16 -8.98 9.88
CA LEU D 414 -11.15 -10.34 10.41
C LEU D 414 -10.19 -10.47 11.59
N LEU D 415 -9.10 -9.71 11.54
CA LEU D 415 -8.14 -9.74 12.64
C LEU D 415 -8.76 -9.07 13.86
N THR D 416 -9.72 -8.18 13.62
CA THR D 416 -10.53 -7.63 14.70
C THR D 416 -11.50 -8.71 15.15
N MET D 417 -12.27 -9.21 14.20
CA MET D 417 -13.25 -10.25 14.47
C MET D 417 -12.60 -11.35 15.29
N PHE D 418 -11.37 -11.73 14.92
CA PHE D 418 -10.64 -12.75 15.66
C PHE D 418 -9.94 -12.18 16.89
N ARG D 419 -9.36 -10.98 16.74
CA ARG D 419 -8.68 -10.28 17.84
C ARG D 419 -9.06 -10.88 19.19
FE1 SF4 E . -3.26 -34.05 8.34
FE2 SF4 E . -1.28 -34.66 6.67
FE3 SF4 E . -0.77 -34.36 9.37
FE4 SF4 E . -2.18 -36.51 8.42
S1 SF4 E . 0.02 -36.03 8.00
S2 SF4 E . -2.70 -35.23 10.26
S3 SF4 E . -3.36 -35.62 6.66
S4 SF4 E . -1.42 -32.73 7.92
MG PMR F . 6.42 21.48 1.08
CBB PMR F . 3.75 25.41 -2.64
CAB PMR F . 4.77 24.58 -3.09
C3B PMR F . 5.19 23.46 -2.37
C2B PMR F . 5.30 22.19 -2.83
CMB PMR F . 5.00 21.67 -4.23
C1B PMR F . 5.74 21.42 -1.78
CHB PMR F . 5.98 20.06 -1.85
NB PMR F . 5.92 22.16 -0.67
C4B PMR F . 5.58 23.42 -1.03
CHC PMR F . 5.64 24.48 -0.14
C1C PMR F . 5.79 24.38 1.22
NC PMR F . 6.13 23.24 1.87
C2C PMR F . 5.63 25.44 2.11
CMC PMR F . 5.25 26.87 1.73
C3C PMR F . 5.87 24.96 3.37
CAC PMR F . 5.84 25.70 4.73
CBC PMR F . 4.87 26.89 4.85
C4C PMR F . 6.18 23.62 3.18
CHD PMR F . 6.50 22.74 4.20
C1D PMR F . 7.11 21.53 4.00
C2D PMR F . 7.83 20.78 4.93
CMD PMR F . 8.15 21.15 6.39
ND PMR F . 7.03 20.89 2.82
C4D PMR F . 7.71 19.77 3.04
C3D PMR F . 8.22 19.63 4.32
CAD PMR F . 8.90 18.42 4.40
OAD PMR F . 9.47 17.97 5.40
CBD PMR F . 8.78 17.70 3.07
CGD PMR F . 10.19 17.45 2.51
O1D PMR F . 10.56 16.30 2.28
O2D PMR F . 10.99 18.53 2.29
C2O PMR F . 12.23 18.15 1.68
CHA PMR F . 7.97 18.69 2.23
C1A PMR F . 7.45 18.64 0.96
NA PMR F . 6.96 19.75 0.34
C4A PMR F . 6.55 19.30 -0.86
C3A PMR F . 6.77 17.95 -0.98
CMA PMR F . 6.41 17.11 -2.22
C2A PMR F . 7.33 17.50 0.17
CAA PMR F . 7.74 16.06 0.49
CBA PMR F . 6.51 15.24 0.94
CGA PMR F . 6.33 15.24 2.48
O1A PMR F . 5.71 16.21 2.97
O2A PMR F . 6.78 14.27 3.12
FE1 SF4 G . 0.91 34.95 -3.10
FE2 SF4 G . 0.79 34.71 -5.77
FE3 SF4 G . -1.43 35.30 -4.37
FE4 SF4 G . 0.58 37.15 -4.69
S1 SF4 G . -0.74 36.28 -6.36
S2 SF4 G . -0.57 36.69 -2.75
S3 SF4 G . 2.43 35.84 -4.58
S4 SF4 G . -0.28 33.35 -4.25
MG PMR H . -8.22 -20.84 2.63
CBB PMR H . -4.85 -25.77 3.10
CAB PMR H . -4.29 -24.62 2.54
C3B PMR H . -5.01 -23.45 2.30
C2B PMR H . -4.53 -22.36 1.63
CMB PMR H . -3.12 -22.18 1.04
C1B PMR H . -5.55 -21.43 1.59
CHB PMR H . -5.48 -20.19 1.02
NB PMR H . -6.66 -21.91 2.20
C4B PMR H . -6.33 -23.15 2.64
CHC PMR H . -7.23 -23.93 3.30
C1C PMR H . -8.38 -23.50 3.95
NC PMR H . -8.90 -22.25 3.79
C2C PMR H . -9.16 -24.25 4.80
CMC PMR H . -8.89 -25.70 5.21
C3C PMR H . -10.20 -23.48 5.23
CAC PMR H . -11.35 -23.84 6.18
CBC PMR H . -10.90 -24.37 7.53
C4C PMR H . -10.00 -22.27 4.59
CHD PMR H . -10.82 -21.18 4.73
C1D PMR H . -10.89 -20.15 3.83
C2D PMR H . -11.91 -19.22 3.68
CMD PMR H . -13.22 -19.16 4.46
ND PMR H . -9.88 -19.90 2.97
C4D PMR H . -10.31 -18.83 2.30
C3D PMR H . -11.54 -18.36 2.69
CAD PMR H . -11.86 -17.26 1.92
OAD PMR H . -12.91 -16.60 1.99
CBD PMR H . -10.71 -16.97 0.96
CGD PMR H . -11.19 -17.06 -0.49
O1D PMR H . -11.36 -16.00 -1.12
O2D PMR H . -11.42 -18.27 -1.04
C2O PMR H . -11.63 -18.19 -2.46
CHA PMR H . -9.71 -18.09 1.30
C1A PMR H . -8.42 -18.35 0.90
NA PMR H . -7.72 -19.41 1.39
C4A PMR H . -6.51 -19.32 0.80
C3A PMR H . -6.45 -18.24 -0.05
CMA PMR H . -5.23 -17.83 -0.89
C2A PMR H . -7.65 -17.59 0.00
CAA PMR H . -8.01 -16.32 -0.78
CBA PMR H . -7.22 -15.12 -0.22
CGA PMR H . -7.74 -14.56 1.12
O1A PMR H . -6.91 -14.00 1.87
O2A PMR H . -8.97 -14.66 1.37
#